data_2W47
# 
_entry.id   2W47 
# 
_audit_conform.dict_name       mmcif_pdbx.dic 
_audit_conform.dict_version    5.391 
_audit_conform.dict_location   http://mmcif.pdb.org/dictionaries/ascii/mmcif_pdbx.dic 
# 
loop_
_database_2.database_id 
_database_2.database_code 
_database_2.pdbx_database_accession 
_database_2.pdbx_DOI 
PDB   2W47         pdb_00002w47 10.2210/pdb2w47/pdb 
PDBE  EBI-38164    ?            ?                   
WWPDB D_1290038164 ?            ?                   
# 
loop_
_pdbx_audit_revision_history.ordinal 
_pdbx_audit_revision_history.data_content_type 
_pdbx_audit_revision_history.major_revision 
_pdbx_audit_revision_history.minor_revision 
_pdbx_audit_revision_history.revision_date 
1 'Structure model' 1 0 2009-01-27 
2 'Structure model' 1 1 2012-04-04 
3 'Structure model' 1 2 2017-06-28 
4 'Structure model' 2 0 2020-07-29 
5 'Structure model' 2 1 2024-05-08 
# 
loop_
_pdbx_audit_revision_details.ordinal 
_pdbx_audit_revision_details.revision_ordinal 
_pdbx_audit_revision_details.data_content_type 
_pdbx_audit_revision_details.provider 
_pdbx_audit_revision_details.type 
_pdbx_audit_revision_details.description 
_pdbx_audit_revision_details.details 
1 1 'Structure model' repository 'Initial release' ?                          ? 
2 4 'Structure model' repository Remediation       'Carbohydrate remediation' ? 
# 
loop_
_pdbx_audit_revision_group.ordinal 
_pdbx_audit_revision_group.revision_ordinal 
_pdbx_audit_revision_group.data_content_type 
_pdbx_audit_revision_group.group 
1  2 'Structure model' 'Derived calculations'      
2  2 'Structure model' 'Non-polymer description'   
3  2 'Structure model' Other                       
4  2 'Structure model' 'Refinement description'    
5  2 'Structure model' 'Structure summary'         
6  2 'Structure model' 'Version format compliance' 
7  3 'Structure model' 'Data collection'           
8  4 'Structure model' Advisory                    
9  4 'Structure model' 'Atomic model'              
10 4 'Structure model' 'Data collection'           
11 4 'Structure model' 'Derived calculations'      
12 4 'Structure model' 'Non-polymer description'   
13 4 'Structure model' Other                       
14 4 'Structure model' 'Structure summary'         
15 5 'Structure model' 'Data collection'           
16 5 'Structure model' 'Database references'       
17 5 'Structure model' 'Structure summary'         
# 
loop_
_pdbx_audit_revision_category.ordinal 
_pdbx_audit_revision_category.revision_ordinal 
_pdbx_audit_revision_category.data_content_type 
_pdbx_audit_revision_category.category 
1  3 'Structure model' diffrn_source                 
2  4 'Structure model' atom_site                     
3  4 'Structure model' chem_comp                     
4  4 'Structure model' database_PDB_caveat           
5  4 'Structure model' entity                        
6  4 'Structure model' pdbx_branch_scheme            
7  4 'Structure model' pdbx_chem_comp_identifier     
8  4 'Structure model' pdbx_database_status          
9  4 'Structure model' pdbx_entity_branch            
10 4 'Structure model' pdbx_entity_branch_descriptor 
11 4 'Structure model' pdbx_entity_branch_link       
12 4 'Structure model' pdbx_entity_branch_list       
13 4 'Structure model' pdbx_entity_nonpoly           
14 4 'Structure model' pdbx_nonpoly_scheme           
15 4 'Structure model' pdbx_struct_conn_angle        
16 4 'Structure model' pdbx_validate_chiral          
17 4 'Structure model' struct_conn                   
18 4 'Structure model' struct_conn_type              
19 4 'Structure model' struct_site                   
20 4 'Structure model' struct_site_gen               
21 5 'Structure model' chem_comp                     
22 5 'Structure model' chem_comp_atom                
23 5 'Structure model' chem_comp_bond                
24 5 'Structure model' database_2                    
# 
loop_
_pdbx_audit_revision_item.ordinal 
_pdbx_audit_revision_item.revision_ordinal 
_pdbx_audit_revision_item.data_content_type 
_pdbx_audit_revision_item.item 
1  3 'Structure model' '_diffrn_source.type'                         
2  4 'Structure model' '_atom_site.B_iso_or_equiv'                   
3  4 'Structure model' '_atom_site.Cartn_x'                          
4  4 'Structure model' '_atom_site.Cartn_y'                          
5  4 'Structure model' '_atom_site.Cartn_z'                          
6  4 'Structure model' '_atom_site.auth_asym_id'                     
7  4 'Structure model' '_atom_site.auth_atom_id'                     
8  4 'Structure model' '_atom_site.auth_comp_id'                     
9  4 'Structure model' '_atom_site.auth_seq_id'                      
10 4 'Structure model' '_atom_site.label_asym_id'                    
11 4 'Structure model' '_atom_site.label_atom_id'                    
12 4 'Structure model' '_atom_site.label_comp_id'                    
13 4 'Structure model' '_atom_site.label_entity_id'                  
14 4 'Structure model' '_atom_site.type_symbol'                      
15 4 'Structure model' '_chem_comp.formula'                          
16 4 'Structure model' '_chem_comp.formula_weight'                   
17 4 'Structure model' '_chem_comp.id'                               
18 4 'Structure model' '_chem_comp.mon_nstd_flag'                    
19 4 'Structure model' '_chem_comp.name'                             
20 4 'Structure model' '_chem_comp.pdbx_synonyms'                    
21 4 'Structure model' '_chem_comp.type'                             
22 4 'Structure model' '_entity.formula_weight'                      
23 4 'Structure model' '_entity.pdbx_description'                    
24 4 'Structure model' '_entity.src_method'                          
25 4 'Structure model' '_entity.type'                                
26 4 'Structure model' '_pdbx_database_status.status_code_sf'        
27 4 'Structure model' '_pdbx_struct_conn_angle.ptnr1_auth_comp_id'  
28 4 'Structure model' '_pdbx_struct_conn_angle.ptnr1_auth_seq_id'   
29 4 'Structure model' '_pdbx_struct_conn_angle.ptnr1_label_asym_id' 
30 4 'Structure model' '_pdbx_struct_conn_angle.ptnr1_label_atom_id' 
31 4 'Structure model' '_pdbx_struct_conn_angle.ptnr1_label_comp_id' 
32 4 'Structure model' '_pdbx_struct_conn_angle.ptnr1_label_seq_id'  
33 4 'Structure model' '_pdbx_struct_conn_angle.ptnr2_label_asym_id' 
34 4 'Structure model' '_pdbx_struct_conn_angle.ptnr3_auth_asym_id'  
35 4 'Structure model' '_pdbx_struct_conn_angle.ptnr3_auth_comp_id'  
36 4 'Structure model' '_pdbx_struct_conn_angle.ptnr3_auth_seq_id'   
37 4 'Structure model' '_pdbx_struct_conn_angle.ptnr3_label_asym_id' 
38 4 'Structure model' '_pdbx_struct_conn_angle.ptnr3_label_atom_id' 
39 4 'Structure model' '_pdbx_struct_conn_angle.ptnr3_label_comp_id' 
40 4 'Structure model' '_pdbx_struct_conn_angle.ptnr3_label_seq_id'  
41 4 'Structure model' '_pdbx_struct_conn_angle.value'               
42 4 'Structure model' '_pdbx_validate_chiral.auth_asym_id'          
43 4 'Structure model' '_pdbx_validate_chiral.auth_atom_id'          
44 4 'Structure model' '_pdbx_validate_chiral.auth_comp_id'          
45 4 'Structure model' '_pdbx_validate_chiral.auth_seq_id'           
46 5 'Structure model' '_chem_comp.pdbx_synonyms'                    
47 5 'Structure model' '_database_2.pdbx_DOI'                        
48 5 'Structure model' '_database_2.pdbx_database_accession'         
# 
_database_PDB_caveat.id     1 
_database_PDB_caveat.text   'GTR B 1 HAS WRONG CHIRALITY AT ATOM C1' 
# 
_pdbx_database_status.status_code                     REL 
_pdbx_database_status.entry_id                        2W47 
_pdbx_database_status.deposit_site                    PDBE 
_pdbx_database_status.process_site                    PDBE 
_pdbx_database_status.SG_entry                        . 
_pdbx_database_status.recvd_initial_deposition_date   2008-11-21 
_pdbx_database_status.pdb_format_compatible           Y 
_pdbx_database_status.status_code_sf                  REL 
_pdbx_database_status.status_code_mr                  ? 
_pdbx_database_status.status_code_cs                  ? 
_pdbx_database_status.methods_development_category    ? 
_pdbx_database_status.status_code_nmr_data            ? 
# 
_pdbx_database_related.db_name        PDB 
_pdbx_database_related.db_id          2W46 
_pdbx_database_related.content_type   unspecified 
_pdbx_database_related.details        'CBM35 FROM CELLVIBRIO JAPONICUS ABF62' 
# 
loop_
_audit_author.name 
_audit_author.pdbx_ordinal 
'Montainer, C.'           1  
'Lammerts van Bueren, A.' 2  
'Dumon, C.'               3  
'Flint, J.E.'             4  
'Correia, M.A.'           5  
'Prates, J.A.'            6  
'Firbank, S.J.'           7  
'Lewis, R.J.'             8  
'Grondin, G.G.'           9  
'Ghinet, M.G.'            10 
'Gloster, T.M.'           11 
'Herve, C.'               12 
'Knox, J.P.'              13 
'Talbot, B.G.'            14 
'Turkenburg, J.P.'        15 
'Kerovuo, J.'             16 
'Brzezinski, R.'          17 
'Fontes, C.M.G.A.'        18 
'Davies, G.J.'            19 
'Boraston, A.B.'          20 
'Gilbert, H.J.'           21 
# 
_citation.id                        primary 
_citation.title                     
'Evidence that Family 35 Carbohydrate Binding Modules Display Conserved Specificity But Divergent Function.' 
_citation.journal_abbrev            Proc.Natl.Acad.Sci.USA 
_citation.journal_volume            106 
_citation.page_first                3065 
_citation.page_last                 ? 
_citation.year                      2009 
_citation.journal_id_ASTM           PNASA6 
_citation.country                   US 
_citation.journal_id_ISSN           0027-8424 
_citation.journal_id_CSD            0040 
_citation.book_publisher            ? 
_citation.pdbx_database_id_PubMed   19218457 
_citation.pdbx_database_id_DOI      10.1073/PNAS.0808972106 
# 
loop_
_citation_author.citation_id 
_citation_author.name 
_citation_author.ordinal 
_citation_author.identifier_ORCID 
primary 'Montanier, C.'    1  ? 
primary 'Van Bueren, A.L.' 2  ? 
primary 'Dumon, C.'        3  ? 
primary 'Flint, J.E.'      4  ? 
primary 'Correia, M.A.'    5  ? 
primary 'Prates, J.A.'     6  ? 
primary 'Firbank, S.J.'    7  ? 
primary 'Lewis, R.J.'      8  ? 
primary 'Grondin, G.G.'    9  ? 
primary 'Ghinet, M.G.'     10 ? 
primary 'Gloster, T.M.'    11 ? 
primary 'Herve, C.'        12 ? 
primary 'Knox, J.P.'       13 ? 
primary 'Talbot, B.G.'     14 ? 
primary 'Turkenburg, J.P.' 15 ? 
primary 'Kerovuo, J.'      16 ? 
primary 'Brzezinski, R.'   17 ? 
primary 'Fontes, C.M.G.A.' 18 ? 
primary 'Davies, G.J.'     19 ? 
primary 'Boraston, A.B.'   20 ? 
primary 'Gilbert, H.J.'    21 ? 
# 
loop_
_entity.id 
_entity.type 
_entity.src_method 
_entity.pdbx_description 
_entity.formula_weight 
_entity.pdbx_number_of_molecules 
_entity.pdbx_ec 
_entity.pdbx_mutation 
_entity.pdbx_fragment 
_entity.details 
1 polymer     man 'LIPOLYTIC ENZYME, G-D-S-L'                                                           15713.330 1   ? ? 
'CARBOHYDRATE BINDING DOMAIN, RESIDUES 479-611' ? 
2 branched    man '4-deoxy-beta-L-threo-hex-4-enopyranuronic acid-(1-4)-beta-D-galactopyranuronic acid' 352.248   1   ? ? ? ? 
3 non-polymer syn 'CALCIUM ION'                                                                         40.078    1   ? ? ? ? 
4 water       nat water                                                                                 18.015    238 ? ? ? ? 
# 
_entity_name_com.entity_id   1 
_entity_name_com.name        'CARBOHYDRATE BINDING MODULE' 
# 
_entity_poly.entity_id                      1 
_entity_poly.type                           'polypeptide(L)' 
_entity_poly.nstd_linkage                   no 
_entity_poly.nstd_monomer                   no 
_entity_poly.pdbx_seq_one_letter_code       
;MASPVIYQAEDAIIYNAILETVNAGYTGSCYVNYHNEVGGYIEWNVNAPSSGSYALIFRYANGTTANRPMRITVNGNIVK
PSMDFVSTGAWTTWNEAGIVANLNQGNNVIRATAIASDGGPNVDYLKVFSANAFQPLEHHHHHH
;
_entity_poly.pdbx_seq_one_letter_code_can   
;MASPVIYQAEDAIIYNAILETVNAGYTGSCYVNYHNEVGGYIEWNVNAPSSGSYALIFRYANGTTANRPMRITVNGNIVK
PSMDFVSTGAWTTWNEAGIVANLNQGNNVIRATAIASDGGPNVDYLKVFSANAFQPLEHHHHHH
;
_entity_poly.pdbx_strand_id                 A 
_entity_poly.pdbx_target_identifier         ? 
# 
loop_
_pdbx_entity_nonpoly.entity_id 
_pdbx_entity_nonpoly.name 
_pdbx_entity_nonpoly.comp_id 
3 'CALCIUM ION' CA  
4 water         HOH 
# 
loop_
_entity_poly_seq.entity_id 
_entity_poly_seq.num 
_entity_poly_seq.mon_id 
_entity_poly_seq.hetero 
1 1   MET n 
1 2   ALA n 
1 3   SER n 
1 4   PRO n 
1 5   VAL n 
1 6   ILE n 
1 7   TYR n 
1 8   GLN n 
1 9   ALA n 
1 10  GLU n 
1 11  ASP n 
1 12  ALA n 
1 13  ILE n 
1 14  ILE n 
1 15  TYR n 
1 16  ASN n 
1 17  ALA n 
1 18  ILE n 
1 19  LEU n 
1 20  GLU n 
1 21  THR n 
1 22  VAL n 
1 23  ASN n 
1 24  ALA n 
1 25  GLY n 
1 26  TYR n 
1 27  THR n 
1 28  GLY n 
1 29  SER n 
1 30  CYS n 
1 31  TYR n 
1 32  VAL n 
1 33  ASN n 
1 34  TYR n 
1 35  HIS n 
1 36  ASN n 
1 37  GLU n 
1 38  VAL n 
1 39  GLY n 
1 40  GLY n 
1 41  TYR n 
1 42  ILE n 
1 43  GLU n 
1 44  TRP n 
1 45  ASN n 
1 46  VAL n 
1 47  ASN n 
1 48  ALA n 
1 49  PRO n 
1 50  SER n 
1 51  SER n 
1 52  GLY n 
1 53  SER n 
1 54  TYR n 
1 55  ALA n 
1 56  LEU n 
1 57  ILE n 
1 58  PHE n 
1 59  ARG n 
1 60  TYR n 
1 61  ALA n 
1 62  ASN n 
1 63  GLY n 
1 64  THR n 
1 65  THR n 
1 66  ALA n 
1 67  ASN n 
1 68  ARG n 
1 69  PRO n 
1 70  MET n 
1 71  ARG n 
1 72  ILE n 
1 73  THR n 
1 74  VAL n 
1 75  ASN n 
1 76  GLY n 
1 77  ASN n 
1 78  ILE n 
1 79  VAL n 
1 80  LYS n 
1 81  PRO n 
1 82  SER n 
1 83  MET n 
1 84  ASP n 
1 85  PHE n 
1 86  VAL n 
1 87  SER n 
1 88  THR n 
1 89  GLY n 
1 90  ALA n 
1 91  TRP n 
1 92  THR n 
1 93  THR n 
1 94  TRP n 
1 95  ASN n 
1 96  GLU n 
1 97  ALA n 
1 98  GLY n 
1 99  ILE n 
1 100 VAL n 
1 101 ALA n 
1 102 ASN n 
1 103 LEU n 
1 104 ASN n 
1 105 GLN n 
1 106 GLY n 
1 107 ASN n 
1 108 ASN n 
1 109 VAL n 
1 110 ILE n 
1 111 ARG n 
1 112 ALA n 
1 113 THR n 
1 114 ALA n 
1 115 ILE n 
1 116 ALA n 
1 117 SER n 
1 118 ASP n 
1 119 GLY n 
1 120 GLY n 
1 121 PRO n 
1 122 ASN n 
1 123 VAL n 
1 124 ASP n 
1 125 TYR n 
1 126 LEU n 
1 127 LYS n 
1 128 VAL n 
1 129 PHE n 
1 130 SER n 
1 131 ALA n 
1 132 ASN n 
1 133 ALA n 
1 134 PHE n 
1 135 GLN n 
1 136 PRO n 
1 137 LEU n 
1 138 GLU n 
1 139 HIS n 
1 140 HIS n 
1 141 HIS n 
1 142 HIS n 
1 143 HIS n 
1 144 HIS n 
# 
_entity_src_gen.entity_id                          1 
_entity_src_gen.pdbx_src_id                        1 
_entity_src_gen.pdbx_alt_source_flag               sample 
_entity_src_gen.pdbx_seq_type                      ? 
_entity_src_gen.pdbx_beg_seq_num                   ? 
_entity_src_gen.pdbx_end_seq_num                   ? 
_entity_src_gen.gene_src_common_name               ? 
_entity_src_gen.gene_src_genus                     ? 
_entity_src_gen.pdbx_gene_src_gene                 ? 
_entity_src_gen.gene_src_species                   ? 
_entity_src_gen.gene_src_strain                    ? 
_entity_src_gen.gene_src_tissue                    ? 
_entity_src_gen.gene_src_tissue_fraction           ? 
_entity_src_gen.gene_src_details                   ? 
_entity_src_gen.pdbx_gene_src_fragment             ? 
_entity_src_gen.pdbx_gene_src_scientific_name      'CLOSTRIDIUM THERMOCELLUM' 
_entity_src_gen.pdbx_gene_src_ncbi_taxonomy_id     1515 
_entity_src_gen.pdbx_gene_src_variant              ? 
_entity_src_gen.pdbx_gene_src_cell_line            ? 
_entity_src_gen.pdbx_gene_src_atcc                 ? 
_entity_src_gen.pdbx_gene_src_organ                ? 
_entity_src_gen.pdbx_gene_src_organelle            ? 
_entity_src_gen.pdbx_gene_src_cell                 ? 
_entity_src_gen.pdbx_gene_src_cellular_location    ? 
_entity_src_gen.host_org_common_name               ? 
_entity_src_gen.pdbx_host_org_scientific_name      'ESCHERICHIA COLI' 
_entity_src_gen.pdbx_host_org_ncbi_taxonomy_id     511693 
_entity_src_gen.host_org_genus                     ? 
_entity_src_gen.pdbx_host_org_gene                 ? 
_entity_src_gen.pdbx_host_org_organ                ? 
_entity_src_gen.host_org_species                   ? 
_entity_src_gen.pdbx_host_org_tissue               ? 
_entity_src_gen.pdbx_host_org_tissue_fraction      ? 
_entity_src_gen.pdbx_host_org_strain               BL21 
_entity_src_gen.pdbx_host_org_variant              ? 
_entity_src_gen.pdbx_host_org_cell_line            ? 
_entity_src_gen.pdbx_host_org_atcc                 ? 
_entity_src_gen.pdbx_host_org_culture_collection   ? 
_entity_src_gen.pdbx_host_org_cell                 ? 
_entity_src_gen.pdbx_host_org_organelle            ? 
_entity_src_gen.pdbx_host_org_cellular_location    ? 
_entity_src_gen.pdbx_host_org_vector_type          ? 
_entity_src_gen.pdbx_host_org_vector               ? 
_entity_src_gen.host_org_details                   ? 
_entity_src_gen.expression_system_id               ? 
_entity_src_gen.plasmid_name                       PET22B 
_entity_src_gen.plasmid_details                    ? 
_entity_src_gen.pdbx_description                   ? 
# 
_pdbx_entity_branch.entity_id   2 
_pdbx_entity_branch.type        oligosaccharide 
# 
loop_
_pdbx_entity_branch_descriptor.ordinal 
_pdbx_entity_branch_descriptor.entity_id 
_pdbx_entity_branch_descriptor.descriptor 
_pdbx_entity_branch_descriptor.type 
_pdbx_entity_branch_descriptor.program 
_pdbx_entity_branch_descriptor.program_version 
1 2 'WURCS=2.0/2,2,1/[a2112A-1b_1-5][a21eEA-1b_1-5]/1-2/a4-b1' WURCS  PDB2Glycan 1.1.0 
2 2 '[][a-D-GalpA]{[(4+1)][a-D-4-deoxy-GlcpA]{}}'              LINUCS PDB-CARE   ?     
# 
_pdbx_entity_branch_link.link_id                    1 
_pdbx_entity_branch_link.entity_id                  2 
_pdbx_entity_branch_link.entity_branch_list_num_1   2 
_pdbx_entity_branch_link.comp_id_1                  AQA 
_pdbx_entity_branch_link.atom_id_1                  C1 
_pdbx_entity_branch_link.leaving_atom_id_1          O1 
_pdbx_entity_branch_link.entity_branch_list_num_2   1 
_pdbx_entity_branch_link.comp_id_2                  GTR 
_pdbx_entity_branch_link.atom_id_2                  O4 
_pdbx_entity_branch_link.leaving_atom_id_2          HO4 
_pdbx_entity_branch_link.value_order                sing 
_pdbx_entity_branch_link.details                    ? 
# 
loop_
_chem_comp.id 
_chem_comp.type 
_chem_comp.mon_nstd_flag 
_chem_comp.name 
_chem_comp.pdbx_synonyms 
_chem_comp.formula 
_chem_comp.formula_weight 
ALA 'L-peptide linking'          y ALANINE                                          ? 'C3 H7 N O2'     89.093  
AQA 'L-saccharide, beta linking' . '4-deoxy-beta-L-threo-hex-4-enopyranuronic acid' 
'4-deoxy-beta-L-threo-hex-4-enuronic acid; 4-deoxy-L-threo-hex-4-enuronic acid; 4-deoxy-threo-hex-4-enuronic acid' 'C6 H8 O6' 
176.124 
ARG 'L-peptide linking'          y ARGININE                                         ? 'C6 H15 N4 O2 1' 175.209 
ASN 'L-peptide linking'          y ASPARAGINE                                       ? 'C4 H8 N2 O3'    132.118 
ASP 'L-peptide linking'          y 'ASPARTIC ACID'                                  ? 'C4 H7 N O4'     133.103 
CA  non-polymer                  . 'CALCIUM ION'                                    ? 'Ca 2'           40.078  
CYS 'L-peptide linking'          y CYSTEINE                                         ? 'C3 H7 N O2 S'   121.158 
GLN 'L-peptide linking'          y GLUTAMINE                                        ? 'C5 H10 N2 O3'   146.144 
GLU 'L-peptide linking'          y 'GLUTAMIC ACID'                                  ? 'C5 H9 N O4'     147.129 
GLY 'peptide linking'            y GLYCINE                                          ? 'C2 H5 N O2'     75.067  
GTR 'D-saccharide, beta linking' . 'beta-D-galactopyranuronic acid'                 
'beta-D-galacturonic acid; D-galacturonic acid; galacturonic acid'                                                 'C6 H10 O7' 
194.139 
HIS 'L-peptide linking'          y HISTIDINE                                        ? 'C6 H10 N3 O2 1' 156.162 
HOH non-polymer                  . WATER                                            ? 'H2 O'           18.015  
ILE 'L-peptide linking'          y ISOLEUCINE                                       ? 'C6 H13 N O2'    131.173 
LEU 'L-peptide linking'          y LEUCINE                                          ? 'C6 H13 N O2'    131.173 
LYS 'L-peptide linking'          y LYSINE                                           ? 'C6 H15 N2 O2 1' 147.195 
MET 'L-peptide linking'          y METHIONINE                                       ? 'C5 H11 N O2 S'  149.211 
PHE 'L-peptide linking'          y PHENYLALANINE                                    ? 'C9 H11 N O2'    165.189 
PRO 'L-peptide linking'          y PROLINE                                          ? 'C5 H9 N O2'     115.130 
SER 'L-peptide linking'          y SERINE                                           ? 'C3 H7 N O3'     105.093 
THR 'L-peptide linking'          y THREONINE                                        ? 'C4 H9 N O3'     119.119 
TRP 'L-peptide linking'          y TRYPTOPHAN                                       ? 'C11 H12 N2 O2'  204.225 
TYR 'L-peptide linking'          y TYROSINE                                         ? 'C9 H11 N O3'    181.189 
VAL 'L-peptide linking'          y VALINE                                           ? 'C5 H11 N O2'    117.146 
# 
loop_
_pdbx_chem_comp_identifier.comp_id 
_pdbx_chem_comp_identifier.type 
_pdbx_chem_comp_identifier.program 
_pdbx_chem_comp_identifier.program_version 
_pdbx_chem_comp_identifier.identifier 
AQA 'IUPAC CARBOHYDRATE SYMBOL'           PDB-CARE 1.0 a-D-4-deoxy-GlcpA4en          
GTR 'CONDENSED IUPAC CARBOHYDRATE SYMBOL' GMML     1.0 DGalpAb                       
GTR 'COMMON NAME'                         GMML     1.0 'b-D-galactopyranuronic acid' 
GTR 'IUPAC CARBOHYDRATE SYMBOL'           PDB-CARE 1.0 b-D-GalpA                     
GTR 'SNFG CARBOHYDRATE SYMBOL'            GMML     1.0 GalA                          
# 
loop_
_pdbx_poly_seq_scheme.asym_id 
_pdbx_poly_seq_scheme.entity_id 
_pdbx_poly_seq_scheme.seq_id 
_pdbx_poly_seq_scheme.mon_id 
_pdbx_poly_seq_scheme.ndb_seq_num 
_pdbx_poly_seq_scheme.pdb_seq_num 
_pdbx_poly_seq_scheme.auth_seq_num 
_pdbx_poly_seq_scheme.pdb_mon_id 
_pdbx_poly_seq_scheme.auth_mon_id 
_pdbx_poly_seq_scheme.pdb_strand_id 
_pdbx_poly_seq_scheme.pdb_ins_code 
_pdbx_poly_seq_scheme.hetero 
A 1 1   MET 1   1   ?   ?   ?   A . n 
A 1 2   ALA 2   2   2   ALA ALA A . n 
A 1 3   SER 3   3   3   SER SER A . n 
A 1 4   PRO 4   4   4   PRO PRO A . n 
A 1 5   VAL 5   5   5   VAL VAL A . n 
A 1 6   ILE 6   6   6   ILE ILE A . n 
A 1 7   TYR 7   7   7   TYR TYR A . n 
A 1 8   GLN 8   8   8   GLN GLN A . n 
A 1 9   ALA 9   9   9   ALA ALA A . n 
A 1 10  GLU 10  10  10  GLU GLU A . n 
A 1 11  ASP 11  11  11  ASP ASP A . n 
A 1 12  ALA 12  12  12  ALA ALA A . n 
A 1 13  ILE 13  13  13  ILE ILE A . n 
A 1 14  ILE 14  14  14  ILE ILE A . n 
A 1 15  TYR 15  15  15  TYR TYR A . n 
A 1 16  ASN 16  16  16  ASN ASN A . n 
A 1 17  ALA 17  17  17  ALA ALA A . n 
A 1 18  ILE 18  18  18  ILE ILE A . n 
A 1 19  LEU 19  19  19  LEU LEU A . n 
A 1 20  GLU 20  20  20  GLU GLU A . n 
A 1 21  THR 21  21  21  THR THR A . n 
A 1 22  VAL 22  22  22  VAL VAL A . n 
A 1 23  ASN 23  23  23  ASN ASN A . n 
A 1 24  ALA 24  24  24  ALA ALA A . n 
A 1 25  GLY 25  25  25  GLY GLY A . n 
A 1 26  TYR 26  26  26  TYR TYR A . n 
A 1 27  THR 27  27  27  THR THR A . n 
A 1 28  GLY 28  28  28  GLY GLY A . n 
A 1 29  SER 29  29  29  SER SER A . n 
A 1 30  CYS 30  30  30  CYS CYS A . n 
A 1 31  TYR 31  31  31  TYR TYR A . n 
A 1 32  VAL 32  32  32  VAL VAL A . n 
A 1 33  ASN 33  33  33  ASN ASN A . n 
A 1 34  TYR 34  34  34  TYR TYR A . n 
A 1 35  HIS 35  35  35  HIS HIS A . n 
A 1 36  ASN 36  36  36  ASN ASN A . n 
A 1 37  GLU 37  37  37  GLU GLU A . n 
A 1 38  VAL 38  38  38  VAL VAL A . n 
A 1 39  GLY 39  39  39  GLY GLY A . n 
A 1 40  GLY 40  40  40  GLY GLY A . n 
A 1 41  TYR 41  41  41  TYR TYR A . n 
A 1 42  ILE 42  42  42  ILE ILE A . n 
A 1 43  GLU 43  43  43  GLU GLU A . n 
A 1 44  TRP 44  44  44  TRP TRP A . n 
A 1 45  ASN 45  45  45  ASN ASN A . n 
A 1 46  VAL 46  46  46  VAL VAL A . n 
A 1 47  ASN 47  47  47  ASN ASN A . n 
A 1 48  ALA 48  48  48  ALA ALA A . n 
A 1 49  PRO 49  49  49  PRO PRO A . n 
A 1 50  SER 50  50  50  SER SER A . n 
A 1 51  SER 51  51  51  SER SER A . n 
A 1 52  GLY 52  52  52  GLY GLY A . n 
A 1 53  SER 53  53  53  SER SER A . n 
A 1 54  TYR 54  54  54  TYR TYR A . n 
A 1 55  ALA 55  55  55  ALA ALA A . n 
A 1 56  LEU 56  56  56  LEU LEU A . n 
A 1 57  ILE 57  57  57  ILE ILE A . n 
A 1 58  PHE 58  58  58  PHE PHE A . n 
A 1 59  ARG 59  59  59  ARG ARG A . n 
A 1 60  TYR 60  60  60  TYR TYR A . n 
A 1 61  ALA 61  61  61  ALA ALA A . n 
A 1 62  ASN 62  62  62  ASN ASN A . n 
A 1 63  GLY 63  63  63  GLY GLY A . n 
A 1 64  THR 64  64  64  THR THR A . n 
A 1 65  THR 65  65  65  THR THR A . n 
A 1 66  ALA 66  66  66  ALA ALA A . n 
A 1 67  ASN 67  67  67  ASN ASN A . n 
A 1 68  ARG 68  68  68  ARG ARG A . n 
A 1 69  PRO 69  69  69  PRO PRO A . n 
A 1 70  MET 70  70  70  MET MET A . n 
A 1 71  ARG 71  71  71  ARG ARG A . n 
A 1 72  ILE 72  72  72  ILE ILE A . n 
A 1 73  THR 73  73  73  THR THR A . n 
A 1 74  VAL 74  74  74  VAL VAL A . n 
A 1 75  ASN 75  75  75  ASN ASN A . n 
A 1 76  GLY 76  76  76  GLY GLY A . n 
A 1 77  ASN 77  77  77  ASN ASN A . n 
A 1 78  ILE 78  78  78  ILE ILE A . n 
A 1 79  VAL 79  79  79  VAL VAL A . n 
A 1 80  LYS 80  80  80  LYS LYS A . n 
A 1 81  PRO 81  81  81  PRO PRO A . n 
A 1 82  SER 82  82  82  SER SER A . n 
A 1 83  MET 83  83  83  MET MET A . n 
A 1 84  ASP 84  84  84  ASP ASP A . n 
A 1 85  PHE 85  85  85  PHE PHE A . n 
A 1 86  VAL 86  86  86  VAL VAL A . n 
A 1 87  SER 87  87  87  SER SER A . n 
A 1 88  THR 88  88  88  THR THR A . n 
A 1 89  GLY 89  89  89  GLY GLY A . n 
A 1 90  ALA 90  90  90  ALA ALA A . n 
A 1 91  TRP 91  91  91  TRP TRP A . n 
A 1 92  THR 92  92  92  THR THR A . n 
A 1 93  THR 93  93  93  THR THR A . n 
A 1 94  TRP 94  94  94  TRP TRP A . n 
A 1 95  ASN 95  95  95  ASN ASN A . n 
A 1 96  GLU 96  96  96  GLU GLU A . n 
A 1 97  ALA 97  97  97  ALA ALA A . n 
A 1 98  GLY 98  98  98  GLY GLY A . n 
A 1 99  ILE 99  99  99  ILE ILE A . n 
A 1 100 VAL 100 100 100 VAL VAL A . n 
A 1 101 ALA 101 101 101 ALA ALA A . n 
A 1 102 ASN 102 102 102 ASN ASN A . n 
A 1 103 LEU 103 103 103 LEU LEU A . n 
A 1 104 ASN 104 104 104 ASN ASN A . n 
A 1 105 GLN 105 105 105 GLN GLN A . n 
A 1 106 GLY 106 106 106 GLY GLY A . n 
A 1 107 ASN 107 107 107 ASN ASN A . n 
A 1 108 ASN 108 108 108 ASN ASN A . n 
A 1 109 VAL 109 109 109 VAL VAL A . n 
A 1 110 ILE 110 110 110 ILE ILE A . n 
A 1 111 ARG 111 111 111 ARG ARG A . n 
A 1 112 ALA 112 112 112 ALA ALA A . n 
A 1 113 THR 113 113 113 THR THR A . n 
A 1 114 ALA 114 114 114 ALA ALA A . n 
A 1 115 ILE 115 115 115 ILE ILE A . n 
A 1 116 ALA 116 116 116 ALA ALA A . n 
A 1 117 SER 117 117 117 SER SER A . n 
A 1 118 ASP 118 118 118 ASP ASP A . n 
A 1 119 GLY 119 119 119 GLY GLY A . n 
A 1 120 GLY 120 120 120 GLY GLY A . n 
A 1 121 PRO 121 121 121 PRO PRO A . n 
A 1 122 ASN 122 122 122 ASN ASN A . n 
A 1 123 VAL 123 123 123 VAL VAL A . n 
A 1 124 ASP 124 124 124 ASP ASP A . n 
A 1 125 TYR 125 125 125 TYR TYR A . n 
A 1 126 LEU 126 126 126 LEU LEU A . n 
A 1 127 LYS 127 127 127 LYS LYS A . n 
A 1 128 VAL 128 128 128 VAL VAL A . n 
A 1 129 PHE 129 129 129 PHE PHE A . n 
A 1 130 SER 130 130 130 SER SER A . n 
A 1 131 ALA 131 131 131 ALA ALA A . n 
A 1 132 ASN 132 132 132 ASN ASN A . n 
A 1 133 ALA 133 133 133 ALA ALA A . n 
A 1 134 PHE 134 134 134 PHE PHE A . n 
A 1 135 GLN 135 135 135 GLN GLN A . n 
A 1 136 PRO 136 136 136 PRO PRO A . n 
A 1 137 LEU 137 137 ?   ?   ?   A . n 
A 1 138 GLU 138 138 ?   ?   ?   A . n 
A 1 139 HIS 139 139 ?   ?   ?   A . n 
A 1 140 HIS 140 140 ?   ?   ?   A . n 
A 1 141 HIS 141 141 ?   ?   ?   A . n 
A 1 142 HIS 142 142 ?   ?   ?   A . n 
A 1 143 HIS 143 143 ?   ?   ?   A . n 
A 1 144 HIS 144 144 ?   ?   ?   A . n 
# 
loop_
_pdbx_branch_scheme.asym_id 
_pdbx_branch_scheme.entity_id 
_pdbx_branch_scheme.mon_id 
_pdbx_branch_scheme.num 
_pdbx_branch_scheme.pdb_asym_id 
_pdbx_branch_scheme.pdb_mon_id 
_pdbx_branch_scheme.pdb_seq_num 
_pdbx_branch_scheme.auth_asym_id 
_pdbx_branch_scheme.auth_mon_id 
_pdbx_branch_scheme.auth_seq_num 
_pdbx_branch_scheme.hetero 
B 2 GTR 1 B GTR 1 A UNF 1138 n 
B 2 AQA 2 B AQA 2 A UNF 1138 n 
# 
loop_
_pdbx_nonpoly_scheme.asym_id 
_pdbx_nonpoly_scheme.entity_id 
_pdbx_nonpoly_scheme.mon_id 
_pdbx_nonpoly_scheme.ndb_seq_num 
_pdbx_nonpoly_scheme.pdb_seq_num 
_pdbx_nonpoly_scheme.auth_seq_num 
_pdbx_nonpoly_scheme.pdb_mon_id 
_pdbx_nonpoly_scheme.auth_mon_id 
_pdbx_nonpoly_scheme.pdb_strand_id 
_pdbx_nonpoly_scheme.pdb_ins_code 
C 3 CA  1   1137 1137 CA  CA  A . 
D 4 HOH 1   2001 2001 HOH HOH A . 
D 4 HOH 2   2002 2002 HOH HOH A . 
D 4 HOH 3   2003 2003 HOH HOH A . 
D 4 HOH 4   2004 2004 HOH HOH A . 
D 4 HOH 5   2005 2005 HOH HOH A . 
D 4 HOH 6   2006 2006 HOH HOH A . 
D 4 HOH 7   2007 2007 HOH HOH A . 
D 4 HOH 8   2008 2008 HOH HOH A . 
D 4 HOH 9   2009 2009 HOH HOH A . 
D 4 HOH 10  2010 2010 HOH HOH A . 
D 4 HOH 11  2011 2011 HOH HOH A . 
D 4 HOH 12  2012 2012 HOH HOH A . 
D 4 HOH 13  2013 2013 HOH HOH A . 
D 4 HOH 14  2014 2014 HOH HOH A . 
D 4 HOH 15  2015 2015 HOH HOH A . 
D 4 HOH 16  2016 2016 HOH HOH A . 
D 4 HOH 17  2017 2017 HOH HOH A . 
D 4 HOH 18  2018 2018 HOH HOH A . 
D 4 HOH 19  2019 2019 HOH HOH A . 
D 4 HOH 20  2020 2020 HOH HOH A . 
D 4 HOH 21  2021 2021 HOH HOH A . 
D 4 HOH 22  2022 2022 HOH HOH A . 
D 4 HOH 23  2023 2023 HOH HOH A . 
D 4 HOH 24  2024 2024 HOH HOH A . 
D 4 HOH 25  2025 2025 HOH HOH A . 
D 4 HOH 26  2026 2026 HOH HOH A . 
D 4 HOH 27  2027 2027 HOH HOH A . 
D 4 HOH 28  2028 2028 HOH HOH A . 
D 4 HOH 29  2029 2029 HOH HOH A . 
D 4 HOH 30  2030 2030 HOH HOH A . 
D 4 HOH 31  2031 2031 HOH HOH A . 
D 4 HOH 32  2032 2032 HOH HOH A . 
D 4 HOH 33  2033 2033 HOH HOH A . 
D 4 HOH 34  2034 2034 HOH HOH A . 
D 4 HOH 35  2035 2035 HOH HOH A . 
D 4 HOH 36  2036 2036 HOH HOH A . 
D 4 HOH 37  2037 2037 HOH HOH A . 
D 4 HOH 38  2038 2038 HOH HOH A . 
D 4 HOH 39  2039 2039 HOH HOH A . 
D 4 HOH 40  2040 2040 HOH HOH A . 
D 4 HOH 41  2041 2041 HOH HOH A . 
D 4 HOH 42  2042 2042 HOH HOH A . 
D 4 HOH 43  2043 2043 HOH HOH A . 
D 4 HOH 44  2044 2044 HOH HOH A . 
D 4 HOH 45  2045 2045 HOH HOH A . 
D 4 HOH 46  2046 2046 HOH HOH A . 
D 4 HOH 47  2047 2047 HOH HOH A . 
D 4 HOH 48  2048 2048 HOH HOH A . 
D 4 HOH 49  2049 2049 HOH HOH A . 
D 4 HOH 50  2050 2050 HOH HOH A . 
D 4 HOH 51  2051 2051 HOH HOH A . 
D 4 HOH 52  2052 2052 HOH HOH A . 
D 4 HOH 53  2053 2053 HOH HOH A . 
D 4 HOH 54  2054 2054 HOH HOH A . 
D 4 HOH 55  2055 2055 HOH HOH A . 
D 4 HOH 56  2056 2056 HOH HOH A . 
D 4 HOH 57  2057 2057 HOH HOH A . 
D 4 HOH 58  2058 2058 HOH HOH A . 
D 4 HOH 59  2059 2059 HOH HOH A . 
D 4 HOH 60  2060 2060 HOH HOH A . 
D 4 HOH 61  2061 2061 HOH HOH A . 
D 4 HOH 62  2062 2062 HOH HOH A . 
D 4 HOH 63  2063 2063 HOH HOH A . 
D 4 HOH 64  2064 2064 HOH HOH A . 
D 4 HOH 65  2065 2065 HOH HOH A . 
D 4 HOH 66  2066 2066 HOH HOH A . 
D 4 HOH 67  2067 2067 HOH HOH A . 
D 4 HOH 68  2068 2068 HOH HOH A . 
D 4 HOH 69  2069 2069 HOH HOH A . 
D 4 HOH 70  2070 2070 HOH HOH A . 
D 4 HOH 71  2071 2071 HOH HOH A . 
D 4 HOH 72  2072 2072 HOH HOH A . 
D 4 HOH 73  2073 2073 HOH HOH A . 
D 4 HOH 74  2074 2074 HOH HOH A . 
D 4 HOH 75  2075 2075 HOH HOH A . 
D 4 HOH 76  2076 2076 HOH HOH A . 
D 4 HOH 77  2077 2077 HOH HOH A . 
D 4 HOH 78  2078 2078 HOH HOH A . 
D 4 HOH 79  2079 2079 HOH HOH A . 
D 4 HOH 80  2080 2080 HOH HOH A . 
D 4 HOH 81  2081 2081 HOH HOH A . 
D 4 HOH 82  2082 2082 HOH HOH A . 
D 4 HOH 83  2083 2083 HOH HOH A . 
D 4 HOH 84  2084 2084 HOH HOH A . 
D 4 HOH 85  2085 2085 HOH HOH A . 
D 4 HOH 86  2086 2086 HOH HOH A . 
D 4 HOH 87  2087 2087 HOH HOH A . 
D 4 HOH 88  2088 2088 HOH HOH A . 
D 4 HOH 89  2089 2089 HOH HOH A . 
D 4 HOH 90  2090 2090 HOH HOH A . 
D 4 HOH 91  2091 2091 HOH HOH A . 
D 4 HOH 92  2092 2092 HOH HOH A . 
D 4 HOH 93  2093 2093 HOH HOH A . 
D 4 HOH 94  2094 2094 HOH HOH A . 
D 4 HOH 95  2095 2095 HOH HOH A . 
D 4 HOH 96  2096 2096 HOH HOH A . 
D 4 HOH 97  2097 2097 HOH HOH A . 
D 4 HOH 98  2098 2098 HOH HOH A . 
D 4 HOH 99  2099 2099 HOH HOH A . 
D 4 HOH 100 2100 2100 HOH HOH A . 
D 4 HOH 101 2101 2101 HOH HOH A . 
D 4 HOH 102 2102 2102 HOH HOH A . 
D 4 HOH 103 2103 2103 HOH HOH A . 
D 4 HOH 104 2104 2104 HOH HOH A . 
D 4 HOH 105 2105 2105 HOH HOH A . 
D 4 HOH 106 2106 2106 HOH HOH A . 
D 4 HOH 107 2107 2107 HOH HOH A . 
D 4 HOH 108 2108 2108 HOH HOH A . 
D 4 HOH 109 2109 2109 HOH HOH A . 
D 4 HOH 110 2110 2110 HOH HOH A . 
D 4 HOH 111 2111 2111 HOH HOH A . 
D 4 HOH 112 2112 2112 HOH HOH A . 
D 4 HOH 113 2113 2113 HOH HOH A . 
D 4 HOH 114 2114 2114 HOH HOH A . 
D 4 HOH 115 2115 2115 HOH HOH A . 
D 4 HOH 116 2116 2116 HOH HOH A . 
D 4 HOH 117 2117 2117 HOH HOH A . 
D 4 HOH 118 2118 2118 HOH HOH A . 
D 4 HOH 119 2119 2119 HOH HOH A . 
D 4 HOH 120 2120 2120 HOH HOH A . 
D 4 HOH 121 2121 2121 HOH HOH A . 
D 4 HOH 122 2122 2122 HOH HOH A . 
D 4 HOH 123 2123 2123 HOH HOH A . 
D 4 HOH 124 2124 2124 HOH HOH A . 
D 4 HOH 125 2125 2125 HOH HOH A . 
D 4 HOH 126 2126 2126 HOH HOH A . 
D 4 HOH 127 2127 2127 HOH HOH A . 
D 4 HOH 128 2128 2128 HOH HOH A . 
D 4 HOH 129 2129 2129 HOH HOH A . 
D 4 HOH 130 2130 2130 HOH HOH A . 
D 4 HOH 131 2131 2131 HOH HOH A . 
D 4 HOH 132 2132 2132 HOH HOH A . 
D 4 HOH 133 2133 2133 HOH HOH A . 
D 4 HOH 134 2134 2134 HOH HOH A . 
D 4 HOH 135 2135 2135 HOH HOH A . 
D 4 HOH 136 2136 2136 HOH HOH A . 
D 4 HOH 137 2137 2137 HOH HOH A . 
D 4 HOH 138 2138 2138 HOH HOH A . 
D 4 HOH 139 2139 2139 HOH HOH A . 
D 4 HOH 140 2140 2140 HOH HOH A . 
D 4 HOH 141 2141 2141 HOH HOH A . 
D 4 HOH 142 2142 2142 HOH HOH A . 
D 4 HOH 143 2143 2143 HOH HOH A . 
D 4 HOH 144 2144 2144 HOH HOH A . 
D 4 HOH 145 2145 2145 HOH HOH A . 
D 4 HOH 146 2146 2146 HOH HOH A . 
D 4 HOH 147 2147 2147 HOH HOH A . 
D 4 HOH 148 2148 2148 HOH HOH A . 
D 4 HOH 149 2149 2149 HOH HOH A . 
D 4 HOH 150 2150 2150 HOH HOH A . 
D 4 HOH 151 2151 2151 HOH HOH A . 
D 4 HOH 152 2152 2152 HOH HOH A . 
D 4 HOH 153 2153 2153 HOH HOH A . 
D 4 HOH 154 2154 2154 HOH HOH A . 
D 4 HOH 155 2155 2155 HOH HOH A . 
D 4 HOH 156 2156 2156 HOH HOH A . 
D 4 HOH 157 2157 2157 HOH HOH A . 
D 4 HOH 158 2158 2158 HOH HOH A . 
D 4 HOH 159 2159 2159 HOH HOH A . 
D 4 HOH 160 2160 2160 HOH HOH A . 
D 4 HOH 161 2161 2161 HOH HOH A . 
D 4 HOH 162 2162 2162 HOH HOH A . 
D 4 HOH 163 2163 2163 HOH HOH A . 
D 4 HOH 164 2164 2164 HOH HOH A . 
D 4 HOH 165 2165 2165 HOH HOH A . 
D 4 HOH 166 2166 2166 HOH HOH A . 
D 4 HOH 167 2167 2167 HOH HOH A . 
D 4 HOH 168 2168 2168 HOH HOH A . 
D 4 HOH 169 2169 2169 HOH HOH A . 
D 4 HOH 170 2170 2170 HOH HOH A . 
D 4 HOH 171 2171 2171 HOH HOH A . 
D 4 HOH 172 2172 2172 HOH HOH A . 
D 4 HOH 173 2173 2173 HOH HOH A . 
D 4 HOH 174 2174 2174 HOH HOH A . 
D 4 HOH 175 2175 2175 HOH HOH A . 
D 4 HOH 176 2176 2176 HOH HOH A . 
D 4 HOH 177 2177 2177 HOH HOH A . 
D 4 HOH 178 2178 2178 HOH HOH A . 
D 4 HOH 179 2179 2179 HOH HOH A . 
D 4 HOH 180 2180 2180 HOH HOH A . 
D 4 HOH 181 2181 2181 HOH HOH A . 
D 4 HOH 182 2182 2182 HOH HOH A . 
D 4 HOH 183 2183 2183 HOH HOH A . 
D 4 HOH 184 2184 2184 HOH HOH A . 
D 4 HOH 185 2185 2185 HOH HOH A . 
D 4 HOH 186 2186 2186 HOH HOH A . 
D 4 HOH 187 2187 2187 HOH HOH A . 
D 4 HOH 188 2188 2188 HOH HOH A . 
D 4 HOH 189 2189 2189 HOH HOH A . 
D 4 HOH 190 2190 2190 HOH HOH A . 
D 4 HOH 191 2191 2191 HOH HOH A . 
D 4 HOH 192 2192 2192 HOH HOH A . 
D 4 HOH 193 2193 2193 HOH HOH A . 
D 4 HOH 194 2194 2194 HOH HOH A . 
D 4 HOH 195 2195 2195 HOH HOH A . 
D 4 HOH 196 2196 2196 HOH HOH A . 
D 4 HOH 197 2197 2197 HOH HOH A . 
D 4 HOH 198 2198 2198 HOH HOH A . 
D 4 HOH 199 2199 2199 HOH HOH A . 
D 4 HOH 200 2200 2200 HOH HOH A . 
D 4 HOH 201 2201 2201 HOH HOH A . 
D 4 HOH 202 2202 2202 HOH HOH A . 
D 4 HOH 203 2203 2203 HOH HOH A . 
D 4 HOH 204 2204 2204 HOH HOH A . 
D 4 HOH 205 2205 2205 HOH HOH A . 
D 4 HOH 206 2206 2206 HOH HOH A . 
D 4 HOH 207 2207 2207 HOH HOH A . 
D 4 HOH 208 2208 2208 HOH HOH A . 
D 4 HOH 209 2209 2209 HOH HOH A . 
D 4 HOH 210 2210 2210 HOH HOH A . 
D 4 HOH 211 2211 2211 HOH HOH A . 
D 4 HOH 212 2212 2212 HOH HOH A . 
D 4 HOH 213 2213 2213 HOH HOH A . 
D 4 HOH 214 2214 2214 HOH HOH A . 
D 4 HOH 215 2215 2215 HOH HOH A . 
D 4 HOH 216 2216 2216 HOH HOH A . 
D 4 HOH 217 2217 2217 HOH HOH A . 
D 4 HOH 218 2218 2218 HOH HOH A . 
D 4 HOH 219 2219 2219 HOH HOH A . 
D 4 HOH 220 2220 2220 HOH HOH A . 
D 4 HOH 221 2221 2221 HOH HOH A . 
D 4 HOH 222 2222 2222 HOH HOH A . 
D 4 HOH 223 2223 2223 HOH HOH A . 
D 4 HOH 224 2224 2224 HOH HOH A . 
D 4 HOH 225 2225 2225 HOH HOH A . 
D 4 HOH 226 2226 2226 HOH HOH A . 
D 4 HOH 227 2227 2227 HOH HOH A . 
D 4 HOH 228 2228 2228 HOH HOH A . 
D 4 HOH 229 2229 2229 HOH HOH A . 
D 4 HOH 230 2230 2230 HOH HOH A . 
D 4 HOH 231 2231 2231 HOH HOH A . 
D 4 HOH 232 2232 2232 HOH HOH A . 
D 4 HOH 233 2233 2233 HOH HOH A . 
D 4 HOH 234 2234 2234 HOH HOH A . 
D 4 HOH 235 2235 2235 HOH HOH A . 
D 4 HOH 236 2236 2236 HOH HOH A . 
D 4 HOH 237 2237 2237 HOH HOH A . 
D 4 HOH 238 2238 2238 HOH HOH A . 
# 
loop_
_pdbx_unobs_or_zero_occ_atoms.id 
_pdbx_unobs_or_zero_occ_atoms.PDB_model_num 
_pdbx_unobs_or_zero_occ_atoms.polymer_flag 
_pdbx_unobs_or_zero_occ_atoms.occupancy_flag 
_pdbx_unobs_or_zero_occ_atoms.auth_asym_id 
_pdbx_unobs_or_zero_occ_atoms.auth_comp_id 
_pdbx_unobs_or_zero_occ_atoms.auth_seq_id 
_pdbx_unobs_or_zero_occ_atoms.PDB_ins_code 
_pdbx_unobs_or_zero_occ_atoms.auth_atom_id 
_pdbx_unobs_or_zero_occ_atoms.label_alt_id 
_pdbx_unobs_or_zero_occ_atoms.label_asym_id 
_pdbx_unobs_or_zero_occ_atoms.label_comp_id 
_pdbx_unobs_or_zero_occ_atoms.label_seq_id 
_pdbx_unobs_or_zero_occ_atoms.label_atom_id 
1 1 Y 1 A GLN 135 ? CG  ? A GLN 135 CG  
2 1 Y 1 A GLN 135 ? CD  ? A GLN 135 CD  
3 1 Y 1 A GLN 135 ? OE1 ? A GLN 135 OE1 
4 1 Y 1 A GLN 135 ? NE2 ? A GLN 135 NE2 
# 
loop_
_software.name 
_software.classification 
_software.version 
_software.citation_id 
_software.pdbx_ordinal 
REFMAC refinement       5.2.0019 ? 1 
MOSFLM 'data reduction' .        ? 2 
SCALA  'data scaling'   .        ? 3 
MOLREP phasing          .        ? 4 
# 
_cell.entry_id           2W47 
_cell.length_a           86.033 
_cell.length_b           86.033 
_cell.length_c           75.905 
_cell.angle_alpha        90.00 
_cell.angle_beta         90.00 
_cell.angle_gamma        120.00 
_cell.Z_PDB              12 
_cell.pdbx_unique_axis   ? 
# 
_symmetry.entry_id                         2W47 
_symmetry.space_group_name_H-M             'P 65 2 2' 
_symmetry.pdbx_full_space_group_name_H-M   ? 
_symmetry.cell_setting                     ? 
_symmetry.Int_Tables_number                179 
# 
_exptl.entry_id          2W47 
_exptl.method            'X-RAY DIFFRACTION' 
_exptl.crystals_number   1 
# 
_exptl_crystal.id                    1 
_exptl_crystal.density_meas          ? 
_exptl_crystal.density_Matthews      2.06 
_exptl_crystal.density_percent_sol   54.5 
_exptl_crystal.description           NONE 
# 
_exptl_crystal_grow.crystal_id      1 
_exptl_crystal_grow.method          ? 
_exptl_crystal_grow.temp            ? 
_exptl_crystal_grow.temp_details    ? 
_exptl_crystal_grow.pH              ? 
_exptl_crystal_grow.pdbx_pH_range   ? 
_exptl_crystal_grow.pdbx_details    '1.6M SODIUM CITRATE' 
# 
_diffrn.id                     1 
_diffrn.ambient_temp           293 
_diffrn.ambient_temp_details   ? 
_diffrn.crystal_id             1 
# 
_diffrn_detector.diffrn_id              1 
_diffrn_detector.detector               'IMAGE PLATE' 
_diffrn_detector.type                   'RIGAKU IMAGE PLATE' 
_diffrn_detector.pdbx_collection_date   ? 
_diffrn_detector.details                MIRRORS 
# 
_diffrn_radiation.diffrn_id                        1 
_diffrn_radiation.wavelength_id                    1 
_diffrn_radiation.pdbx_monochromatic_or_laue_m_l   M 
_diffrn_radiation.monochromator                    ? 
_diffrn_radiation.pdbx_diffrn_protocol             'SINGLE WAVELENGTH' 
_diffrn_radiation.pdbx_scattering_type             x-ray 
# 
_diffrn_radiation_wavelength.id           1 
_diffrn_radiation_wavelength.wavelength   1.5418 
_diffrn_radiation_wavelength.wt           1.0 
# 
_diffrn_source.diffrn_id                   1 
_diffrn_source.source                      'ROTATING ANODE' 
_diffrn_source.type                        'RIGAKU MICROMAX-007' 
_diffrn_source.pdbx_synchrotron_site       ? 
_diffrn_source.pdbx_synchrotron_beamline   ? 
_diffrn_source.pdbx_wavelength             1.5418 
_diffrn_source.pdbx_wavelength_list        ? 
# 
_reflns.pdbx_diffrn_id               1 
_reflns.pdbx_ordinal                 1 
_reflns.entry_id                     2W47 
_reflns.observed_criterion_sigma_I   2.0 
_reflns.observed_criterion_sigma_F   ? 
_reflns.d_resolution_low             74.54 
_reflns.d_resolution_high            1.40 
_reflns.number_obs                   31544 
_reflns.number_all                   ? 
_reflns.percent_possible_obs         99.7 
_reflns.pdbx_Rmerge_I_obs            0.08 
_reflns.pdbx_Rsym_value              ? 
_reflns.pdbx_netI_over_sigmaI        24.10 
_reflns.B_iso_Wilson_estimate        ? 
_reflns.pdbx_redundancy              13 
# 
_reflns_shell.pdbx_diffrn_id         1 
_reflns_shell.pdbx_ordinal           1 
_reflns_shell.d_res_high             1.40 
_reflns_shell.d_res_low              1.43 
_reflns_shell.percent_possible_all   98.3 
_reflns_shell.Rmerge_I_obs           0.64 
_reflns_shell.pdbx_Rsym_value        ? 
_reflns_shell.meanI_over_sigI_obs    3.70 
_reflns_shell.pdbx_redundancy        12.5 
# 
_refine.pdbx_refine_id                           'X-RAY DIFFRACTION' 
_refine.entry_id                                 2W47 
_refine.pdbx_diffrn_id                           1 
_refine.pdbx_TLS_residual_ADP_flag               ? 
_refine.ls_number_reflns_obs                     31544 
_refine.ls_number_reflns_all                     ? 
_refine.pdbx_ls_sigma_I                          ? 
_refine.pdbx_ls_sigma_F                          ? 
_refine.pdbx_data_cutoff_high_absF               ? 
_refine.pdbx_data_cutoff_low_absF                ? 
_refine.pdbx_data_cutoff_high_rms_absF           ? 
_refine.ls_d_res_low                             74.54 
_refine.ls_d_res_high                            1.40 
_refine.ls_percent_reflns_obs                    99.7 
_refine.ls_R_factor_obs                          0.188 
_refine.ls_R_factor_all                          ? 
_refine.ls_R_factor_R_work                       0.188 
_refine.ls_R_factor_R_free                       0.201 
_refine.ls_R_factor_R_free_error                 ? 
_refine.ls_R_factor_R_free_error_details         ? 
_refine.ls_percent_reflns_R_free                 5.100 
_refine.ls_number_reflns_R_free                  1680 
_refine.ls_number_parameters                     ? 
_refine.ls_number_restraints                     ? 
_refine.occupancy_min                            ? 
_refine.occupancy_max                            ? 
_refine.correlation_coeff_Fo_to_Fc               0.956 
_refine.correlation_coeff_Fo_to_Fc_free          0.950 
_refine.B_iso_mean                               14.96 
_refine.aniso_B[1][1]                            0.32000 
_refine.aniso_B[2][2]                            0.32000 
_refine.aniso_B[3][3]                            -0.48000 
_refine.aniso_B[1][2]                            0.16000 
_refine.aniso_B[1][3]                            0.00000 
_refine.aniso_B[2][3]                            0.00000 
_refine.solvent_model_details                    MASK 
_refine.solvent_model_param_ksol                 ? 
_refine.solvent_model_param_bsol                 ? 
_refine.pdbx_solvent_vdw_probe_radii             1.20 
_refine.pdbx_solvent_ion_probe_radii             0.80 
_refine.pdbx_solvent_shrinkage_radii             0.80 
_refine.pdbx_ls_cross_valid_method               THROUGHOUT 
_refine.details                                  'HYDROGENS HAVE BEEN ADDED IN THE RIDING POSITIONS.' 
_refine.pdbx_starting_model                      ? 
_refine.pdbx_method_to_determine_struct          'MOLECULAR REPLACEMENT' 
_refine.pdbx_isotropic_thermal_model             ? 
_refine.pdbx_stereochemistry_target_values       'MAXIMUM LIKELIHOOD' 
_refine.pdbx_stereochem_target_val_spec_case     ? 
_refine.pdbx_R_Free_selection_details            RANDOM 
_refine.pdbx_overall_ESU_R                       0.060 
_refine.pdbx_overall_ESU_R_Free                  0.058 
_refine.overall_SU_ML                            0.035 
_refine.pdbx_overall_phase_error                 ? 
_refine.overall_SU_B                             0.838 
_refine.overall_SU_R_Cruickshank_DPI             ? 
_refine.pdbx_overall_SU_R_free_Cruickshank_DPI   ? 
_refine.pdbx_overall_SU_R_Blow_DPI               ? 
_refine.pdbx_overall_SU_R_free_Blow_DPI          ? 
# 
_refine_hist.pdbx_refine_id                   'X-RAY DIFFRACTION' 
_refine_hist.cycle_id                         LAST 
_refine_hist.pdbx_number_atoms_protein        1020 
_refine_hist.pdbx_number_atoms_nucleic_acid   0 
_refine_hist.pdbx_number_atoms_ligand         25 
_refine_hist.number_atoms_solvent             238 
_refine_hist.number_atoms_total               1283 
_refine_hist.d_res_high                       1.40 
_refine_hist.d_res_low                        74.54 
# 
loop_
_refine_ls_restr.type 
_refine_ls_restr.dev_ideal 
_refine_ls_restr.dev_ideal_target 
_refine_ls_restr.weight 
_refine_ls_restr.number 
_refine_ls_restr.pdbx_refine_id 
_refine_ls_restr.pdbx_restraint_function 
r_bond_refined_d             0.007  0.022  ? 1107 'X-RAY DIFFRACTION' ? 
r_bond_other_d               ?      ?      ? ?    'X-RAY DIFFRACTION' ? 
r_angle_refined_deg          1.190  1.937  ? 1528 'X-RAY DIFFRACTION' ? 
r_angle_other_deg            ?      ?      ? ?    'X-RAY DIFFRACTION' ? 
r_dihedral_angle_1_deg       6.311  5.000  ? 144  'X-RAY DIFFRACTION' ? 
r_dihedral_angle_2_deg       38.221 24.706 ? 51   'X-RAY DIFFRACTION' ? 
r_dihedral_angle_3_deg       9.610  15.000 ? 148  'X-RAY DIFFRACTION' ? 
r_dihedral_angle_4_deg       9.598  15.000 ? 5    'X-RAY DIFFRACTION' ? 
r_chiral_restr               0.076  0.200  ? 174  'X-RAY DIFFRACTION' ? 
r_gen_planes_refined         0.005  0.020  ? 875  'X-RAY DIFFRACTION' ? 
r_gen_planes_other           ?      ?      ? ?    'X-RAY DIFFRACTION' ? 
r_nbd_refined                0.182  0.200  ? 483  'X-RAY DIFFRACTION' ? 
r_nbd_other                  ?      ?      ? ?    'X-RAY DIFFRACTION' ? 
r_nbtor_refined              0.312  0.200  ? 787  'X-RAY DIFFRACTION' ? 
r_nbtor_other                ?      ?      ? ?    'X-RAY DIFFRACTION' ? 
r_xyhbond_nbd_refined        0.132  0.200  ? 184  'X-RAY DIFFRACTION' ? 
r_xyhbond_nbd_other          ?      ?      ? ?    'X-RAY DIFFRACTION' ? 
r_metal_ion_refined          ?      ?      ? ?    'X-RAY DIFFRACTION' ? 
r_metal_ion_other            ?      ?      ? ?    'X-RAY DIFFRACTION' ? 
r_symmetry_vdw_refined       0.178  0.200  ? 23   'X-RAY DIFFRACTION' ? 
r_symmetry_vdw_other         ?      ?      ? ?    'X-RAY DIFFRACTION' ? 
r_symmetry_hbond_refined     0.064  0.200  ? 22   'X-RAY DIFFRACTION' ? 
r_symmetry_hbond_other       ?      ?      ? ?    'X-RAY DIFFRACTION' ? 
r_symmetry_metal_ion_refined ?      ?      ? ?    'X-RAY DIFFRACTION' ? 
r_symmetry_metal_ion_other   ?      ?      ? ?    'X-RAY DIFFRACTION' ? 
r_mcbond_it                  0.632  1.500  ? 708  'X-RAY DIFFRACTION' ? 
r_mcbond_other               ?      ?      ? ?    'X-RAY DIFFRACTION' ? 
r_mcangle_it                 1.002  2.000  ? 1115 'X-RAY DIFFRACTION' ? 
r_mcangle_other              ?      ?      ? ?    'X-RAY DIFFRACTION' ? 
r_scbond_it                  1.680  3.000  ? 471  'X-RAY DIFFRACTION' ? 
r_scbond_other               ?      ?      ? ?    'X-RAY DIFFRACTION' ? 
r_scangle_it                 2.395  4.500  ? 410  'X-RAY DIFFRACTION' ? 
r_scangle_other              ?      ?      ? ?    'X-RAY DIFFRACTION' ? 
r_long_range_B_refined       ?      ?      ? ?    'X-RAY DIFFRACTION' ? 
r_long_range_B_other         ?      ?      ? ?    'X-RAY DIFFRACTION' ? 
r_rigid_bond_restr           ?      ?      ? ?    'X-RAY DIFFRACTION' ? 
r_sphericity_free            ?      ?      ? ?    'X-RAY DIFFRACTION' ? 
r_sphericity_bonded          ?      ?      ? ?    'X-RAY DIFFRACTION' ? 
# 
_refine_ls_shell.pdbx_refine_id                   'X-RAY DIFFRACTION' 
_refine_ls_shell.pdbx_total_number_of_bins_used   20 
_refine_ls_shell.d_res_high                       1.40 
_refine_ls_shell.d_res_low                        1.43 
_refine_ls_shell.number_reflns_R_work             2262 
_refine_ls_shell.R_factor_R_work                  0.2500 
_refine_ls_shell.percent_reflns_obs               ? 
_refine_ls_shell.R_factor_R_free                  0.3040 
_refine_ls_shell.R_factor_R_free_error            ? 
_refine_ls_shell.percent_reflns_R_free            ? 
_refine_ls_shell.number_reflns_R_free             110 
_refine_ls_shell.number_reflns_all                ? 
_refine_ls_shell.R_factor_all                     ? 
# 
_struct.entry_id                  2W47 
_struct.title                     'Clostridium thermocellum CBM35 in complex with delta-4,5- anhydrogalacturonic acid' 
_struct.pdbx_model_details        ? 
_struct.pdbx_CASP_flag            ? 
_struct.pdbx_model_type_details   ? 
# 
_struct_keywords.entry_id        2W47 
_struct_keywords.pdbx_keywords   HYDROLASE 
_struct_keywords.text            HYDROLASE 
# 
loop_
_struct_asym.id 
_struct_asym.pdbx_blank_PDB_chainid_flag 
_struct_asym.pdbx_modified 
_struct_asym.entity_id 
_struct_asym.details 
A N N 1 ? 
B N N 2 ? 
C N N 3 ? 
D N N 4 ? 
# 
loop_
_struct_ref.id 
_struct_ref.db_name 
_struct_ref.db_code 
_struct_ref.entity_id 
_struct_ref.pdbx_seq_one_letter_code 
_struct_ref.pdbx_align_begin 
_struct_ref.pdbx_db_accession 
_struct_ref.pdbx_db_isoform 
1 PDB 2W47         1 ? ? 2W47   ? 
2 UNP A3DK57_CLOTH 1 ? ? A3DK57 ? 
# 
loop_
_struct_ref_seq.align_id 
_struct_ref_seq.ref_id 
_struct_ref_seq.pdbx_PDB_id_code 
_struct_ref_seq.pdbx_strand_id 
_struct_ref_seq.seq_align_beg 
_struct_ref_seq.pdbx_seq_align_beg_ins_code 
_struct_ref_seq.seq_align_end 
_struct_ref_seq.pdbx_seq_align_end_ins_code 
_struct_ref_seq.pdbx_db_accession 
_struct_ref_seq.db_align_beg 
_struct_ref_seq.pdbx_db_align_beg_ins_code 
_struct_ref_seq.db_align_end 
_struct_ref_seq.pdbx_db_align_end_ins_code 
_struct_ref_seq.pdbx_auth_seq_align_beg 
_struct_ref_seq.pdbx_auth_seq_align_end 
1 1 2W47 A 1   ? 3   ? 2W47   1   ? 3   ? 1   3   
2 2 2W47 A 4   ? 136 ? A3DK57 479 ? 611 ? 4   136 
3 1 2W47 A 137 ? 144 ? 2W47   137 ? 144 ? 137 144 
# 
_pdbx_struct_assembly.id                   1 
_pdbx_struct_assembly.details              author_and_software_defined_assembly 
_pdbx_struct_assembly.method_details       PISA 
_pdbx_struct_assembly.oligomeric_details   monomeric 
_pdbx_struct_assembly.oligomeric_count     1 
# 
_pdbx_struct_assembly_gen.assembly_id       1 
_pdbx_struct_assembly_gen.oper_expression   1 
_pdbx_struct_assembly_gen.asym_id_list      A,B,C,D 
# 
_pdbx_struct_oper_list.id                   1 
_pdbx_struct_oper_list.type                 'identity operation' 
_pdbx_struct_oper_list.name                 1_555 
_pdbx_struct_oper_list.symmetry_operation   x,y,z 
_pdbx_struct_oper_list.matrix[1][1]         1.0000000000 
_pdbx_struct_oper_list.matrix[1][2]         0.0000000000 
_pdbx_struct_oper_list.matrix[1][3]         0.0000000000 
_pdbx_struct_oper_list.vector[1]            0.0000000000 
_pdbx_struct_oper_list.matrix[2][1]         0.0000000000 
_pdbx_struct_oper_list.matrix[2][2]         1.0000000000 
_pdbx_struct_oper_list.matrix[2][3]         0.0000000000 
_pdbx_struct_oper_list.vector[2]            0.0000000000 
_pdbx_struct_oper_list.matrix[3][1]         0.0000000000 
_pdbx_struct_oper_list.matrix[3][2]         0.0000000000 
_pdbx_struct_oper_list.matrix[3][3]         1.0000000000 
_pdbx_struct_oper_list.vector[3]            0.0000000000 
# 
_struct_biol.id   1 
# 
_struct_conf.conf_type_id            HELX_P 
_struct_conf.id                      HELX_P1 
_struct_conf.pdbx_PDB_helix_id       1 
_struct_conf.beg_label_comp_id       GLU 
_struct_conf.beg_label_asym_id       A 
_struct_conf.beg_label_seq_id        10 
_struct_conf.pdbx_beg_PDB_ins_code   ? 
_struct_conf.end_label_comp_id       ALA 
_struct_conf.end_label_asym_id       A 
_struct_conf.end_label_seq_id        12 
_struct_conf.pdbx_end_PDB_ins_code   ? 
_struct_conf.beg_auth_comp_id        GLU 
_struct_conf.beg_auth_asym_id        A 
_struct_conf.beg_auth_seq_id         10 
_struct_conf.end_auth_comp_id        ALA 
_struct_conf.end_auth_asym_id        A 
_struct_conf.end_auth_seq_id         12 
_struct_conf.pdbx_PDB_helix_class    5 
_struct_conf.details                 ? 
_struct_conf.pdbx_PDB_helix_length   3 
# 
_struct_conf_type.id          HELX_P 
_struct_conf_type.criteria    ? 
_struct_conf_type.reference   ? 
# 
loop_
_struct_conn.id 
_struct_conn.conn_type_id 
_struct_conn.pdbx_leaving_atom_flag 
_struct_conn.pdbx_PDB_id 
_struct_conn.ptnr1_label_asym_id 
_struct_conn.ptnr1_label_comp_id 
_struct_conn.ptnr1_label_seq_id 
_struct_conn.ptnr1_label_atom_id 
_struct_conn.pdbx_ptnr1_label_alt_id 
_struct_conn.pdbx_ptnr1_PDB_ins_code 
_struct_conn.pdbx_ptnr1_standard_comp_id 
_struct_conn.ptnr1_symmetry 
_struct_conn.ptnr2_label_asym_id 
_struct_conn.ptnr2_label_comp_id 
_struct_conn.ptnr2_label_seq_id 
_struct_conn.ptnr2_label_atom_id 
_struct_conn.pdbx_ptnr2_label_alt_id 
_struct_conn.pdbx_ptnr2_PDB_ins_code 
_struct_conn.ptnr1_auth_asym_id 
_struct_conn.ptnr1_auth_comp_id 
_struct_conn.ptnr1_auth_seq_id 
_struct_conn.ptnr2_auth_asym_id 
_struct_conn.ptnr2_auth_comp_id 
_struct_conn.ptnr2_auth_seq_id 
_struct_conn.ptnr2_symmetry 
_struct_conn.pdbx_ptnr3_label_atom_id 
_struct_conn.pdbx_ptnr3_label_seq_id 
_struct_conn.pdbx_ptnr3_label_comp_id 
_struct_conn.pdbx_ptnr3_label_asym_id 
_struct_conn.pdbx_ptnr3_label_alt_id 
_struct_conn.pdbx_ptnr3_PDB_ins_code 
_struct_conn.details 
_struct_conn.pdbx_dist_value 
_struct_conn.pdbx_value_order 
_struct_conn.pdbx_role 
covale1 covale both ? B GTR .  O4  ? ? ? 1_555 B AQA . C1  ? ? B GTR 1    B AQA 2    1_555 ? ? ? ? ? ? ? 1.430 sing ? 
metalc1 metalc ?    ? A ASN 33 OD1 ? ? ? 1_555 C CA  . CA  ? ? A ASN 33   A CA  1137 1_555 ? ? ? ? ? ? ? 2.235 ?    ? 
metalc2 metalc ?    ? A TYR 34 O   ? ? ? 1_555 C CA  . CA  ? ? A TYR 34   A CA  1137 1_555 ? ? ? ? ? ? ? 2.345 ?    ? 
metalc3 metalc ?    ? A ASN 36 OD1 ? ? ? 1_555 C CA  . CA  ? ? A ASN 36   A CA  1137 1_555 ? ? ? ? ? ? ? 2.573 ?    ? 
metalc4 metalc ?    ? C CA  .  CA  ? ? ? 1_555 D HOH . O   ? ? A CA  1137 A HOH 2105 1_555 ? ? ? ? ? ? ? 2.361 ?    ? 
metalc5 metalc ?    ? C CA  .  CA  ? ? ? 1_555 D HOH . O   ? ? A CA  1137 A HOH 2221 1_555 ? ? ? ? ? ? ? 2.321 ?    ? 
metalc6 metalc ?    ? C CA  .  CA  ? ? ? 1_555 D HOH . O   ? ? A CA  1137 A HOH 2222 1_555 ? ? ? ? ? ? ? 2.565 ?    ? 
metalc7 metalc ?    ? C CA  .  CA  ? ? ? 1_555 B AQA . O6B ? ? A CA  1137 B AQA 2    1_555 ? ? ? ? ? ? ? 2.255 ?    ? 
# 
loop_
_struct_conn_type.id 
_struct_conn_type.criteria 
_struct_conn_type.reference 
covale ? ? 
metalc ? ? 
# 
loop_
_pdbx_struct_conn_angle.id 
_pdbx_struct_conn_angle.ptnr1_label_atom_id 
_pdbx_struct_conn_angle.ptnr1_label_alt_id 
_pdbx_struct_conn_angle.ptnr1_label_asym_id 
_pdbx_struct_conn_angle.ptnr1_label_comp_id 
_pdbx_struct_conn_angle.ptnr1_label_seq_id 
_pdbx_struct_conn_angle.ptnr1_auth_atom_id 
_pdbx_struct_conn_angle.ptnr1_auth_asym_id 
_pdbx_struct_conn_angle.ptnr1_auth_comp_id 
_pdbx_struct_conn_angle.ptnr1_auth_seq_id 
_pdbx_struct_conn_angle.ptnr1_PDB_ins_code 
_pdbx_struct_conn_angle.ptnr1_symmetry 
_pdbx_struct_conn_angle.ptnr2_label_atom_id 
_pdbx_struct_conn_angle.ptnr2_label_alt_id 
_pdbx_struct_conn_angle.ptnr2_label_asym_id 
_pdbx_struct_conn_angle.ptnr2_label_comp_id 
_pdbx_struct_conn_angle.ptnr2_label_seq_id 
_pdbx_struct_conn_angle.ptnr2_auth_atom_id 
_pdbx_struct_conn_angle.ptnr2_auth_asym_id 
_pdbx_struct_conn_angle.ptnr2_auth_comp_id 
_pdbx_struct_conn_angle.ptnr2_auth_seq_id 
_pdbx_struct_conn_angle.ptnr2_PDB_ins_code 
_pdbx_struct_conn_angle.ptnr2_symmetry 
_pdbx_struct_conn_angle.ptnr3_label_atom_id 
_pdbx_struct_conn_angle.ptnr3_label_alt_id 
_pdbx_struct_conn_angle.ptnr3_label_asym_id 
_pdbx_struct_conn_angle.ptnr3_label_comp_id 
_pdbx_struct_conn_angle.ptnr3_label_seq_id 
_pdbx_struct_conn_angle.ptnr3_auth_atom_id 
_pdbx_struct_conn_angle.ptnr3_auth_asym_id 
_pdbx_struct_conn_angle.ptnr3_auth_comp_id 
_pdbx_struct_conn_angle.ptnr3_auth_seq_id 
_pdbx_struct_conn_angle.ptnr3_PDB_ins_code 
_pdbx_struct_conn_angle.ptnr3_symmetry 
_pdbx_struct_conn_angle.value 
_pdbx_struct_conn_angle.value_esd 
1  OD1 ? A ASN 33 ? A ASN 33   ? 1_555 CA ? C CA . ? A CA 1137 ? 1_555 O   ? A TYR 34 ? A TYR 34   ? 1_555 77.5  ? 
2  OD1 ? A ASN 33 ? A ASN 33   ? 1_555 CA ? C CA . ? A CA 1137 ? 1_555 OD1 ? A ASN 36 ? A ASN 36   ? 1_555 127.0 ? 
3  O   ? A TYR 34 ? A TYR 34   ? 1_555 CA ? C CA . ? A CA 1137 ? 1_555 OD1 ? A ASN 36 ? A ASN 36   ? 1_555 81.2  ? 
4  OD1 ? A ASN 33 ? A ASN 33   ? 1_555 CA ? C CA . ? A CA 1137 ? 1_555 O   ? D HOH .  ? A HOH 2105 ? 1_555 77.2  ? 
5  O   ? A TYR 34 ? A TYR 34   ? 1_555 CA ? C CA . ? A CA 1137 ? 1_555 O   ? D HOH .  ? A HOH 2105 ? 1_555 92.6  ? 
6  OD1 ? A ASN 36 ? A ASN 36   ? 1_555 CA ? C CA . ? A CA 1137 ? 1_555 O   ? D HOH .  ? A HOH 2105 ? 1_555 55.8  ? 
7  OD1 ? A ASN 33 ? A ASN 33   ? 1_555 CA ? C CA . ? A CA 1137 ? 1_555 O   ? D HOH .  ? A HOH 2221 ? 1_555 149.0 ? 
8  O   ? A TYR 34 ? A TYR 34   ? 1_555 CA ? C CA . ? A CA 1137 ? 1_555 O   ? D HOH .  ? A HOH 2221 ? 1_555 85.1  ? 
9  OD1 ? A ASN 36 ? A ASN 36   ? 1_555 CA ? C CA . ? A CA 1137 ? 1_555 O   ? D HOH .  ? A HOH 2221 ? 1_555 74.1  ? 
10 O   ? D HOH .  ? A HOH 2105 ? 1_555 CA ? C CA . ? A CA 1137 ? 1_555 O   ? D HOH .  ? A HOH 2221 ? 1_555 129.6 ? 
11 OD1 ? A ASN 33 ? A ASN 33   ? 1_555 CA ? C CA . ? A CA 1137 ? 1_555 O   ? D HOH .  ? A HOH 2222 ? 1_555 79.7  ? 
12 O   ? A TYR 34 ? A TYR 34   ? 1_555 CA ? C CA . ? A CA 1137 ? 1_555 O   ? D HOH .  ? A HOH 2222 ? 1_555 97.9  ? 
13 OD1 ? A ASN 36 ? A ASN 36   ? 1_555 CA ? C CA . ? A CA 1137 ? 1_555 O   ? D HOH .  ? A HOH 2222 ? 1_555 151.6 ? 
14 O   ? D HOH .  ? A HOH 2105 ? 1_555 CA ? C CA . ? A CA 1137 ? 1_555 O   ? D HOH .  ? A HOH 2222 ? 1_555 151.9 ? 
15 O   ? D HOH .  ? A HOH 2221 ? 1_555 CA ? C CA . ? A CA 1137 ? 1_555 O   ? D HOH .  ? A HOH 2222 ? 1_555 77.5  ? 
16 OD1 ? A ASN 33 ? A ASN 33   ? 1_555 CA ? C CA . ? A CA 1137 ? 1_555 O6B ? B AQA .  ? B AQA 2    ? 1_555 106.4 ? 
17 O   ? A TYR 34 ? A TYR 34   ? 1_555 CA ? C CA . ? A CA 1137 ? 1_555 O6B ? B AQA .  ? B AQA 2    ? 1_555 166.3 ? 
18 OD1 ? A ASN 36 ? A ASN 36   ? 1_555 CA ? C CA . ? A CA 1137 ? 1_555 O6B ? B AQA .  ? B AQA 2    ? 1_555 86.2  ? 
19 O   ? D HOH .  ? A HOH 2105 ? 1_555 CA ? C CA . ? A CA 1137 ? 1_555 O6B ? B AQA .  ? B AQA 2    ? 1_555 75.9  ? 
20 O   ? D HOH .  ? A HOH 2221 ? 1_555 CA ? C CA . ? A CA 1137 ? 1_555 O6B ? B AQA .  ? B AQA 2    ? 1_555 96.6  ? 
21 O   ? D HOH .  ? A HOH 2222 ? 1_555 CA ? C CA . ? A CA 1137 ? 1_555 O6B ? B AQA .  ? B AQA 2    ? 1_555 95.7  ? 
# 
loop_
_struct_sheet.id 
_struct_sheet.type 
_struct_sheet.number_strands 
_struct_sheet.details 
AA ? 4 ? 
AB ? 5 ? 
AC ? 2 ? 
# 
loop_
_struct_sheet_order.sheet_id 
_struct_sheet_order.range_id_1 
_struct_sheet_order.range_id_2 
_struct_sheet_order.offset 
_struct_sheet_order.sense 
AA 1 2 ? anti-parallel 
AA 2 3 ? anti-parallel 
AA 3 4 ? anti-parallel 
AB 1 2 ? anti-parallel 
AB 2 3 ? anti-parallel 
AB 3 4 ? anti-parallel 
AB 4 5 ? anti-parallel 
AC 1 2 ? anti-parallel 
# 
loop_
_struct_sheet_range.sheet_id 
_struct_sheet_range.id 
_struct_sheet_range.beg_label_comp_id 
_struct_sheet_range.beg_label_asym_id 
_struct_sheet_range.beg_label_seq_id 
_struct_sheet_range.pdbx_beg_PDB_ins_code 
_struct_sheet_range.end_label_comp_id 
_struct_sheet_range.end_label_asym_id 
_struct_sheet_range.end_label_seq_id 
_struct_sheet_range.pdbx_end_PDB_ins_code 
_struct_sheet_range.beg_auth_comp_id 
_struct_sheet_range.beg_auth_asym_id 
_struct_sheet_range.beg_auth_seq_id 
_struct_sheet_range.end_auth_comp_id 
_struct_sheet_range.end_auth_asym_id 
_struct_sheet_range.end_auth_seq_id 
AA 1 VAL A 5   ? GLN A 8   ? VAL A 5   GLN A 8   
AA 2 ASN A 122 ? SER A 130 ? ASN A 122 SER A 130 
AA 3 GLY A 52  ? ALA A 61  ? GLY A 52  ALA A 61  
AA 4 ASN A 95  ? LEU A 103 ? ASN A 95  LEU A 103 
AB 1 ILE A 13  ? TYR A 15  ? ILE A 13  TYR A 15  
AB 2 TYR A 41  ? ALA A 48  ? TYR A 41  ALA A 48  
AB 3 GLY A 106 ? ALA A 114 ? GLY A 106 ALA A 114 
AB 4 MET A 70  ? VAL A 74  ? MET A 70  VAL A 74  
AB 5 ASN A 77  ? MET A 83  ? ASN A 77  MET A 83  
AC 1 ALA A 17  ? GLU A 20  ? ALA A 17  GLU A 20  
AC 2 TYR A 31  ? TYR A 34  ? TYR A 31  TYR A 34  
# 
loop_
_pdbx_struct_sheet_hbond.sheet_id 
_pdbx_struct_sheet_hbond.range_id_1 
_pdbx_struct_sheet_hbond.range_id_2 
_pdbx_struct_sheet_hbond.range_1_label_atom_id 
_pdbx_struct_sheet_hbond.range_1_label_comp_id 
_pdbx_struct_sheet_hbond.range_1_label_asym_id 
_pdbx_struct_sheet_hbond.range_1_label_seq_id 
_pdbx_struct_sheet_hbond.range_1_PDB_ins_code 
_pdbx_struct_sheet_hbond.range_1_auth_atom_id 
_pdbx_struct_sheet_hbond.range_1_auth_comp_id 
_pdbx_struct_sheet_hbond.range_1_auth_asym_id 
_pdbx_struct_sheet_hbond.range_1_auth_seq_id 
_pdbx_struct_sheet_hbond.range_2_label_atom_id 
_pdbx_struct_sheet_hbond.range_2_label_comp_id 
_pdbx_struct_sheet_hbond.range_2_label_asym_id 
_pdbx_struct_sheet_hbond.range_2_label_seq_id 
_pdbx_struct_sheet_hbond.range_2_PDB_ins_code 
_pdbx_struct_sheet_hbond.range_2_auth_atom_id 
_pdbx_struct_sheet_hbond.range_2_auth_comp_id 
_pdbx_struct_sheet_hbond.range_2_auth_asym_id 
_pdbx_struct_sheet_hbond.range_2_auth_seq_id 
AA 1 2 N TYR A 7   ? N TYR A 7   O LEU A 126 ? O LEU A 126 
AA 2 3 N PHE A 129 ? N PHE A 129 O ALA A 55  ? O ALA A 55  
AA 3 4 N TYR A 60  ? N TYR A 60  O ASN A 95  ? O ASN A 95  
AB 1 2 N TYR A 15  ? N TYR A 15  O TYR A 41  ? O TYR A 41  
AB 2 3 N ALA A 48  ? N ALA A 48  O GLY A 106 ? O GLY A 106 
AB 3 4 N THR A 113 ? N THR A 113 O ARG A 71  ? O ARG A 71  
AB 4 5 N VAL A 74  ? N VAL A 74  O ASN A 77  ? O ASN A 77  
AC 1 2 N GLU A 20  ? N GLU A 20  O TYR A 31  ? O TYR A 31  
# 
loop_
_pdbx_validate_torsion.id 
_pdbx_validate_torsion.PDB_model_num 
_pdbx_validate_torsion.auth_comp_id 
_pdbx_validate_torsion.auth_asym_id 
_pdbx_validate_torsion.auth_seq_id 
_pdbx_validate_torsion.PDB_ins_code 
_pdbx_validate_torsion.label_alt_id 
_pdbx_validate_torsion.phi 
_pdbx_validate_torsion.psi 
1 1 CYS A 30  ? ? -175.59 -176.79 
2 1 ALA A 131 ? ? -141.12 56.22   
# 
_pdbx_validate_chiral.id              1 
_pdbx_validate_chiral.PDB_model_num   1 
_pdbx_validate_chiral.auth_atom_id    C1 
_pdbx_validate_chiral.label_alt_id    ? 
_pdbx_validate_chiral.auth_asym_id    B 
_pdbx_validate_chiral.auth_comp_id    GTR 
_pdbx_validate_chiral.auth_seq_id     1 
_pdbx_validate_chiral.PDB_ins_code    ? 
_pdbx_validate_chiral.details         'WRONG HAND' 
_pdbx_validate_chiral.omega           . 
# 
loop_
_pdbx_distant_solvent_atoms.id 
_pdbx_distant_solvent_atoms.PDB_model_num 
_pdbx_distant_solvent_atoms.auth_atom_id 
_pdbx_distant_solvent_atoms.label_alt_id 
_pdbx_distant_solvent_atoms.auth_asym_id 
_pdbx_distant_solvent_atoms.auth_comp_id 
_pdbx_distant_solvent_atoms.auth_seq_id 
_pdbx_distant_solvent_atoms.PDB_ins_code 
_pdbx_distant_solvent_atoms.neighbor_macromolecule_distance 
_pdbx_distant_solvent_atoms.neighbor_ligand_distance 
1 1 O ? A HOH 2009 ? 5.96 . 
2 1 O ? A HOH 2038 ? 6.14 . 
3 1 O ? A HOH 2054 ? 7.70 . 
4 1 O ? A HOH 2064 ? 6.01 . 
# 
loop_
_pdbx_unobs_or_zero_occ_residues.id 
_pdbx_unobs_or_zero_occ_residues.PDB_model_num 
_pdbx_unobs_or_zero_occ_residues.polymer_flag 
_pdbx_unobs_or_zero_occ_residues.occupancy_flag 
_pdbx_unobs_or_zero_occ_residues.auth_asym_id 
_pdbx_unobs_or_zero_occ_residues.auth_comp_id 
_pdbx_unobs_or_zero_occ_residues.auth_seq_id 
_pdbx_unobs_or_zero_occ_residues.PDB_ins_code 
_pdbx_unobs_or_zero_occ_residues.label_asym_id 
_pdbx_unobs_or_zero_occ_residues.label_comp_id 
_pdbx_unobs_or_zero_occ_residues.label_seq_id 
1 1 Y 1 A MET 1   ? A MET 1   
2 1 Y 1 A LEU 137 ? A LEU 137 
3 1 Y 1 A GLU 138 ? A GLU 138 
4 1 Y 1 A HIS 139 ? A HIS 139 
5 1 Y 1 A HIS 140 ? A HIS 140 
6 1 Y 1 A HIS 141 ? A HIS 141 
7 1 Y 1 A HIS 142 ? A HIS 142 
8 1 Y 1 A HIS 143 ? A HIS 143 
9 1 Y 1 A HIS 144 ? A HIS 144 
# 
loop_
_chem_comp_atom.comp_id 
_chem_comp_atom.atom_id 
_chem_comp_atom.type_symbol 
_chem_comp_atom.pdbx_aromatic_flag 
_chem_comp_atom.pdbx_stereo_config 
_chem_comp_atom.pdbx_ordinal 
ALA N    N  N N 1   
ALA CA   C  N S 2   
ALA C    C  N N 3   
ALA O    O  N N 4   
ALA CB   C  N N 5   
ALA OXT  O  N N 6   
ALA H    H  N N 7   
ALA H2   H  N N 8   
ALA HA   H  N N 9   
ALA HB1  H  N N 10  
ALA HB2  H  N N 11  
ALA HB3  H  N N 12  
ALA HXT  H  N N 13  
AQA O6A  O  N N 14  
AQA C6   C  N N 15  
AQA O6B  O  N N 16  
AQA C5   C  N N 17  
AQA O5   O  N N 18  
AQA C4   C  N N 19  
AQA C3   C  N S 20  
AQA O3   O  N N 21  
AQA C2   C  N R 22  
AQA O2   O  N N 23  
AQA C1   C  N S 24  
AQA O1   O  N N 25  
AQA HO6B H  N N 26  
AQA H4   H  N N 27  
AQA H1   H  N N 28  
AQA H3   H  N N 29  
AQA HO3  H  N N 30  
AQA H2   H  N N 31  
AQA HO2  H  N N 32  
AQA HO1  H  N N 33  
ARG N    N  N N 34  
ARG CA   C  N S 35  
ARG C    C  N N 36  
ARG O    O  N N 37  
ARG CB   C  N N 38  
ARG CG   C  N N 39  
ARG CD   C  N N 40  
ARG NE   N  N N 41  
ARG CZ   C  N N 42  
ARG NH1  N  N N 43  
ARG NH2  N  N N 44  
ARG OXT  O  N N 45  
ARG H    H  N N 46  
ARG H2   H  N N 47  
ARG HA   H  N N 48  
ARG HB2  H  N N 49  
ARG HB3  H  N N 50  
ARG HG2  H  N N 51  
ARG HG3  H  N N 52  
ARG HD2  H  N N 53  
ARG HD3  H  N N 54  
ARG HE   H  N N 55  
ARG HH11 H  N N 56  
ARG HH12 H  N N 57  
ARG HH21 H  N N 58  
ARG HH22 H  N N 59  
ARG HXT  H  N N 60  
ASN N    N  N N 61  
ASN CA   C  N S 62  
ASN C    C  N N 63  
ASN O    O  N N 64  
ASN CB   C  N N 65  
ASN CG   C  N N 66  
ASN OD1  O  N N 67  
ASN ND2  N  N N 68  
ASN OXT  O  N N 69  
ASN H    H  N N 70  
ASN H2   H  N N 71  
ASN HA   H  N N 72  
ASN HB2  H  N N 73  
ASN HB3  H  N N 74  
ASN HD21 H  N N 75  
ASN HD22 H  N N 76  
ASN HXT  H  N N 77  
ASP N    N  N N 78  
ASP CA   C  N S 79  
ASP C    C  N N 80  
ASP O    O  N N 81  
ASP CB   C  N N 82  
ASP CG   C  N N 83  
ASP OD1  O  N N 84  
ASP OD2  O  N N 85  
ASP OXT  O  N N 86  
ASP H    H  N N 87  
ASP H2   H  N N 88  
ASP HA   H  N N 89  
ASP HB2  H  N N 90  
ASP HB3  H  N N 91  
ASP HD2  H  N N 92  
ASP HXT  H  N N 93  
CA  CA   CA N N 94  
CYS N    N  N N 95  
CYS CA   C  N R 96  
CYS C    C  N N 97  
CYS O    O  N N 98  
CYS CB   C  N N 99  
CYS SG   S  N N 100 
CYS OXT  O  N N 101 
CYS H    H  N N 102 
CYS H2   H  N N 103 
CYS HA   H  N N 104 
CYS HB2  H  N N 105 
CYS HB3  H  N N 106 
CYS HG   H  N N 107 
CYS HXT  H  N N 108 
GLN N    N  N N 109 
GLN CA   C  N S 110 
GLN C    C  N N 111 
GLN O    O  N N 112 
GLN CB   C  N N 113 
GLN CG   C  N N 114 
GLN CD   C  N N 115 
GLN OE1  O  N N 116 
GLN NE2  N  N N 117 
GLN OXT  O  N N 118 
GLN H    H  N N 119 
GLN H2   H  N N 120 
GLN HA   H  N N 121 
GLN HB2  H  N N 122 
GLN HB3  H  N N 123 
GLN HG2  H  N N 124 
GLN HG3  H  N N 125 
GLN HE21 H  N N 126 
GLN HE22 H  N N 127 
GLN HXT  H  N N 128 
GLU N    N  N N 129 
GLU CA   C  N S 130 
GLU C    C  N N 131 
GLU O    O  N N 132 
GLU CB   C  N N 133 
GLU CG   C  N N 134 
GLU CD   C  N N 135 
GLU OE1  O  N N 136 
GLU OE2  O  N N 137 
GLU OXT  O  N N 138 
GLU H    H  N N 139 
GLU H2   H  N N 140 
GLU HA   H  N N 141 
GLU HB2  H  N N 142 
GLU HB3  H  N N 143 
GLU HG2  H  N N 144 
GLU HG3  H  N N 145 
GLU HE2  H  N N 146 
GLU HXT  H  N N 147 
GLY N    N  N N 148 
GLY CA   C  N N 149 
GLY C    C  N N 150 
GLY O    O  N N 151 
GLY OXT  O  N N 152 
GLY H    H  N N 153 
GLY H2   H  N N 154 
GLY HA2  H  N N 155 
GLY HA3  H  N N 156 
GLY HXT  H  N N 157 
GTR C1   C  N R 158 
GTR C2   C  N R 159 
GTR C3   C  N S 160 
GTR C4   C  N R 161 
GTR C5   C  N S 162 
GTR C6   C  N N 163 
GTR O1   O  N N 164 
GTR O2   O  N N 165 
GTR O3   O  N N 166 
GTR O4   O  N N 167 
GTR O5   O  N N 168 
GTR O6A  O  N N 169 
GTR O6B  O  N N 170 
GTR H1   H  N N 171 
GTR H2   H  N N 172 
GTR H3   H  N N 173 
GTR H4   H  N N 174 
GTR H5   H  N N 175 
GTR HO1  H  N N 176 
GTR HO2  H  N N 177 
GTR HO3  H  N N 178 
GTR HO4  H  N N 179 
GTR HO6B H  N N 180 
HIS N    N  N N 181 
HIS CA   C  N S 182 
HIS C    C  N N 183 
HIS O    O  N N 184 
HIS CB   C  N N 185 
HIS CG   C  Y N 186 
HIS ND1  N  Y N 187 
HIS CD2  C  Y N 188 
HIS CE1  C  Y N 189 
HIS NE2  N  Y N 190 
HIS OXT  O  N N 191 
HIS H    H  N N 192 
HIS H2   H  N N 193 
HIS HA   H  N N 194 
HIS HB2  H  N N 195 
HIS HB3  H  N N 196 
HIS HD1  H  N N 197 
HIS HD2  H  N N 198 
HIS HE1  H  N N 199 
HIS HE2  H  N N 200 
HIS HXT  H  N N 201 
HOH O    O  N N 202 
HOH H1   H  N N 203 
HOH H2   H  N N 204 
ILE N    N  N N 205 
ILE CA   C  N S 206 
ILE C    C  N N 207 
ILE O    O  N N 208 
ILE CB   C  N S 209 
ILE CG1  C  N N 210 
ILE CG2  C  N N 211 
ILE CD1  C  N N 212 
ILE OXT  O  N N 213 
ILE H    H  N N 214 
ILE H2   H  N N 215 
ILE HA   H  N N 216 
ILE HB   H  N N 217 
ILE HG12 H  N N 218 
ILE HG13 H  N N 219 
ILE HG21 H  N N 220 
ILE HG22 H  N N 221 
ILE HG23 H  N N 222 
ILE HD11 H  N N 223 
ILE HD12 H  N N 224 
ILE HD13 H  N N 225 
ILE HXT  H  N N 226 
LEU N    N  N N 227 
LEU CA   C  N S 228 
LEU C    C  N N 229 
LEU O    O  N N 230 
LEU CB   C  N N 231 
LEU CG   C  N N 232 
LEU CD1  C  N N 233 
LEU CD2  C  N N 234 
LEU OXT  O  N N 235 
LEU H    H  N N 236 
LEU H2   H  N N 237 
LEU HA   H  N N 238 
LEU HB2  H  N N 239 
LEU HB3  H  N N 240 
LEU HG   H  N N 241 
LEU HD11 H  N N 242 
LEU HD12 H  N N 243 
LEU HD13 H  N N 244 
LEU HD21 H  N N 245 
LEU HD22 H  N N 246 
LEU HD23 H  N N 247 
LEU HXT  H  N N 248 
LYS N    N  N N 249 
LYS CA   C  N S 250 
LYS C    C  N N 251 
LYS O    O  N N 252 
LYS CB   C  N N 253 
LYS CG   C  N N 254 
LYS CD   C  N N 255 
LYS CE   C  N N 256 
LYS NZ   N  N N 257 
LYS OXT  O  N N 258 
LYS H    H  N N 259 
LYS H2   H  N N 260 
LYS HA   H  N N 261 
LYS HB2  H  N N 262 
LYS HB3  H  N N 263 
LYS HG2  H  N N 264 
LYS HG3  H  N N 265 
LYS HD2  H  N N 266 
LYS HD3  H  N N 267 
LYS HE2  H  N N 268 
LYS HE3  H  N N 269 
LYS HZ1  H  N N 270 
LYS HZ2  H  N N 271 
LYS HZ3  H  N N 272 
LYS HXT  H  N N 273 
MET N    N  N N 274 
MET CA   C  N S 275 
MET C    C  N N 276 
MET O    O  N N 277 
MET CB   C  N N 278 
MET CG   C  N N 279 
MET SD   S  N N 280 
MET CE   C  N N 281 
MET OXT  O  N N 282 
MET H    H  N N 283 
MET H2   H  N N 284 
MET HA   H  N N 285 
MET HB2  H  N N 286 
MET HB3  H  N N 287 
MET HG2  H  N N 288 
MET HG3  H  N N 289 
MET HE1  H  N N 290 
MET HE2  H  N N 291 
MET HE3  H  N N 292 
MET HXT  H  N N 293 
PHE N    N  N N 294 
PHE CA   C  N S 295 
PHE C    C  N N 296 
PHE O    O  N N 297 
PHE CB   C  N N 298 
PHE CG   C  Y N 299 
PHE CD1  C  Y N 300 
PHE CD2  C  Y N 301 
PHE CE1  C  Y N 302 
PHE CE2  C  Y N 303 
PHE CZ   C  Y N 304 
PHE OXT  O  N N 305 
PHE H    H  N N 306 
PHE H2   H  N N 307 
PHE HA   H  N N 308 
PHE HB2  H  N N 309 
PHE HB3  H  N N 310 
PHE HD1  H  N N 311 
PHE HD2  H  N N 312 
PHE HE1  H  N N 313 
PHE HE2  H  N N 314 
PHE HZ   H  N N 315 
PHE HXT  H  N N 316 
PRO N    N  N N 317 
PRO CA   C  N S 318 
PRO C    C  N N 319 
PRO O    O  N N 320 
PRO CB   C  N N 321 
PRO CG   C  N N 322 
PRO CD   C  N N 323 
PRO OXT  O  N N 324 
PRO H    H  N N 325 
PRO HA   H  N N 326 
PRO HB2  H  N N 327 
PRO HB3  H  N N 328 
PRO HG2  H  N N 329 
PRO HG3  H  N N 330 
PRO HD2  H  N N 331 
PRO HD3  H  N N 332 
PRO HXT  H  N N 333 
SER N    N  N N 334 
SER CA   C  N S 335 
SER C    C  N N 336 
SER O    O  N N 337 
SER CB   C  N N 338 
SER OG   O  N N 339 
SER OXT  O  N N 340 
SER H    H  N N 341 
SER H2   H  N N 342 
SER HA   H  N N 343 
SER HB2  H  N N 344 
SER HB3  H  N N 345 
SER HG   H  N N 346 
SER HXT  H  N N 347 
THR N    N  N N 348 
THR CA   C  N S 349 
THR C    C  N N 350 
THR O    O  N N 351 
THR CB   C  N R 352 
THR OG1  O  N N 353 
THR CG2  C  N N 354 
THR OXT  O  N N 355 
THR H    H  N N 356 
THR H2   H  N N 357 
THR HA   H  N N 358 
THR HB   H  N N 359 
THR HG1  H  N N 360 
THR HG21 H  N N 361 
THR HG22 H  N N 362 
THR HG23 H  N N 363 
THR HXT  H  N N 364 
TRP N    N  N N 365 
TRP CA   C  N S 366 
TRP C    C  N N 367 
TRP O    O  N N 368 
TRP CB   C  N N 369 
TRP CG   C  Y N 370 
TRP CD1  C  Y N 371 
TRP CD2  C  Y N 372 
TRP NE1  N  Y N 373 
TRP CE2  C  Y N 374 
TRP CE3  C  Y N 375 
TRP CZ2  C  Y N 376 
TRP CZ3  C  Y N 377 
TRP CH2  C  Y N 378 
TRP OXT  O  N N 379 
TRP H    H  N N 380 
TRP H2   H  N N 381 
TRP HA   H  N N 382 
TRP HB2  H  N N 383 
TRP HB3  H  N N 384 
TRP HD1  H  N N 385 
TRP HE1  H  N N 386 
TRP HE3  H  N N 387 
TRP HZ2  H  N N 388 
TRP HZ3  H  N N 389 
TRP HH2  H  N N 390 
TRP HXT  H  N N 391 
TYR N    N  N N 392 
TYR CA   C  N S 393 
TYR C    C  N N 394 
TYR O    O  N N 395 
TYR CB   C  N N 396 
TYR CG   C  Y N 397 
TYR CD1  C  Y N 398 
TYR CD2  C  Y N 399 
TYR CE1  C  Y N 400 
TYR CE2  C  Y N 401 
TYR CZ   C  Y N 402 
TYR OH   O  N N 403 
TYR OXT  O  N N 404 
TYR H    H  N N 405 
TYR H2   H  N N 406 
TYR HA   H  N N 407 
TYR HB2  H  N N 408 
TYR HB3  H  N N 409 
TYR HD1  H  N N 410 
TYR HD2  H  N N 411 
TYR HE1  H  N N 412 
TYR HE2  H  N N 413 
TYR HH   H  N N 414 
TYR HXT  H  N N 415 
VAL N    N  N N 416 
VAL CA   C  N S 417 
VAL C    C  N N 418 
VAL O    O  N N 419 
VAL CB   C  N N 420 
VAL CG1  C  N N 421 
VAL CG2  C  N N 422 
VAL OXT  O  N N 423 
VAL H    H  N N 424 
VAL H2   H  N N 425 
VAL HA   H  N N 426 
VAL HB   H  N N 427 
VAL HG11 H  N N 428 
VAL HG12 H  N N 429 
VAL HG13 H  N N 430 
VAL HG21 H  N N 431 
VAL HG22 H  N N 432 
VAL HG23 H  N N 433 
VAL HXT  H  N N 434 
# 
loop_
_chem_comp_bond.comp_id 
_chem_comp_bond.atom_id_1 
_chem_comp_bond.atom_id_2 
_chem_comp_bond.value_order 
_chem_comp_bond.pdbx_aromatic_flag 
_chem_comp_bond.pdbx_stereo_config 
_chem_comp_bond.pdbx_ordinal 
ALA N   CA   sing N N 1   
ALA N   H    sing N N 2   
ALA N   H2   sing N N 3   
ALA CA  C    sing N N 4   
ALA CA  CB   sing N N 5   
ALA CA  HA   sing N N 6   
ALA C   O    doub N N 7   
ALA C   OXT  sing N N 8   
ALA CB  HB1  sing N N 9   
ALA CB  HB2  sing N N 10  
ALA CB  HB3  sing N N 11  
ALA OXT HXT  sing N N 12  
AQA O6A C6   doub N N 13  
AQA C6  O6B  sing N N 14  
AQA C6  C5   sing N N 15  
AQA C5  O5   sing N N 16  
AQA C5  C4   doub N N 17  
AQA O5  C1   sing N N 18  
AQA C4  C3   sing N N 19  
AQA C3  O3   sing N N 20  
AQA C3  C2   sing N N 21  
AQA C2  O2   sing N N 22  
AQA C2  C1   sing N N 23  
AQA C1  O1   sing N N 24  
AQA O6B HO6B sing N N 25  
AQA C4  H4   sing N N 26  
AQA C1  H1   sing N N 27  
AQA C3  H3   sing N N 28  
AQA O3  HO3  sing N N 29  
AQA C2  H2   sing N N 30  
AQA O2  HO2  sing N N 31  
AQA O1  HO1  sing N N 32  
ARG N   CA   sing N N 33  
ARG N   H    sing N N 34  
ARG N   H2   sing N N 35  
ARG CA  C    sing N N 36  
ARG CA  CB   sing N N 37  
ARG CA  HA   sing N N 38  
ARG C   O    doub N N 39  
ARG C   OXT  sing N N 40  
ARG CB  CG   sing N N 41  
ARG CB  HB2  sing N N 42  
ARG CB  HB3  sing N N 43  
ARG CG  CD   sing N N 44  
ARG CG  HG2  sing N N 45  
ARG CG  HG3  sing N N 46  
ARG CD  NE   sing N N 47  
ARG CD  HD2  sing N N 48  
ARG CD  HD3  sing N N 49  
ARG NE  CZ   sing N N 50  
ARG NE  HE   sing N N 51  
ARG CZ  NH1  sing N N 52  
ARG CZ  NH2  doub N N 53  
ARG NH1 HH11 sing N N 54  
ARG NH1 HH12 sing N N 55  
ARG NH2 HH21 sing N N 56  
ARG NH2 HH22 sing N N 57  
ARG OXT HXT  sing N N 58  
ASN N   CA   sing N N 59  
ASN N   H    sing N N 60  
ASN N   H2   sing N N 61  
ASN CA  C    sing N N 62  
ASN CA  CB   sing N N 63  
ASN CA  HA   sing N N 64  
ASN C   O    doub N N 65  
ASN C   OXT  sing N N 66  
ASN CB  CG   sing N N 67  
ASN CB  HB2  sing N N 68  
ASN CB  HB3  sing N N 69  
ASN CG  OD1  doub N N 70  
ASN CG  ND2  sing N N 71  
ASN ND2 HD21 sing N N 72  
ASN ND2 HD22 sing N N 73  
ASN OXT HXT  sing N N 74  
ASP N   CA   sing N N 75  
ASP N   H    sing N N 76  
ASP N   H2   sing N N 77  
ASP CA  C    sing N N 78  
ASP CA  CB   sing N N 79  
ASP CA  HA   sing N N 80  
ASP C   O    doub N N 81  
ASP C   OXT  sing N N 82  
ASP CB  CG   sing N N 83  
ASP CB  HB2  sing N N 84  
ASP CB  HB3  sing N N 85  
ASP CG  OD1  doub N N 86  
ASP CG  OD2  sing N N 87  
ASP OD2 HD2  sing N N 88  
ASP OXT HXT  sing N N 89  
CYS N   CA   sing N N 90  
CYS N   H    sing N N 91  
CYS N   H2   sing N N 92  
CYS CA  C    sing N N 93  
CYS CA  CB   sing N N 94  
CYS CA  HA   sing N N 95  
CYS C   O    doub N N 96  
CYS C   OXT  sing N N 97  
CYS CB  SG   sing N N 98  
CYS CB  HB2  sing N N 99  
CYS CB  HB3  sing N N 100 
CYS SG  HG   sing N N 101 
CYS OXT HXT  sing N N 102 
GLN N   CA   sing N N 103 
GLN N   H    sing N N 104 
GLN N   H2   sing N N 105 
GLN CA  C    sing N N 106 
GLN CA  CB   sing N N 107 
GLN CA  HA   sing N N 108 
GLN C   O    doub N N 109 
GLN C   OXT  sing N N 110 
GLN CB  CG   sing N N 111 
GLN CB  HB2  sing N N 112 
GLN CB  HB3  sing N N 113 
GLN CG  CD   sing N N 114 
GLN CG  HG2  sing N N 115 
GLN CG  HG3  sing N N 116 
GLN CD  OE1  doub N N 117 
GLN CD  NE2  sing N N 118 
GLN NE2 HE21 sing N N 119 
GLN NE2 HE22 sing N N 120 
GLN OXT HXT  sing N N 121 
GLU N   CA   sing N N 122 
GLU N   H    sing N N 123 
GLU N   H2   sing N N 124 
GLU CA  C    sing N N 125 
GLU CA  CB   sing N N 126 
GLU CA  HA   sing N N 127 
GLU C   O    doub N N 128 
GLU C   OXT  sing N N 129 
GLU CB  CG   sing N N 130 
GLU CB  HB2  sing N N 131 
GLU CB  HB3  sing N N 132 
GLU CG  CD   sing N N 133 
GLU CG  HG2  sing N N 134 
GLU CG  HG3  sing N N 135 
GLU CD  OE1  doub N N 136 
GLU CD  OE2  sing N N 137 
GLU OE2 HE2  sing N N 138 
GLU OXT HXT  sing N N 139 
GLY N   CA   sing N N 140 
GLY N   H    sing N N 141 
GLY N   H2   sing N N 142 
GLY CA  C    sing N N 143 
GLY CA  HA2  sing N N 144 
GLY CA  HA3  sing N N 145 
GLY C   O    doub N N 146 
GLY C   OXT  sing N N 147 
GLY OXT HXT  sing N N 148 
GTR C1  C2   sing N N 149 
GTR C1  O1   sing N N 150 
GTR C1  O5   sing N N 151 
GTR C1  H1   sing N N 152 
GTR C2  C3   sing N N 153 
GTR C2  O2   sing N N 154 
GTR C2  H2   sing N N 155 
GTR C3  C4   sing N N 156 
GTR C3  O3   sing N N 157 
GTR C3  H3   sing N N 158 
GTR C4  C5   sing N N 159 
GTR C4  O4   sing N N 160 
GTR C4  H4   sing N N 161 
GTR C5  C6   sing N N 162 
GTR C5  O5   sing N N 163 
GTR C5  H5   sing N N 164 
GTR C6  O6A  doub N N 165 
GTR C6  O6B  sing N N 166 
GTR O1  HO1  sing N N 167 
GTR O2  HO2  sing N N 168 
GTR O3  HO3  sing N N 169 
GTR O4  HO4  sing N N 170 
GTR O6B HO6B sing N N 171 
HIS N   CA   sing N N 172 
HIS N   H    sing N N 173 
HIS N   H2   sing N N 174 
HIS CA  C    sing N N 175 
HIS CA  CB   sing N N 176 
HIS CA  HA   sing N N 177 
HIS C   O    doub N N 178 
HIS C   OXT  sing N N 179 
HIS CB  CG   sing N N 180 
HIS CB  HB2  sing N N 181 
HIS CB  HB3  sing N N 182 
HIS CG  ND1  sing Y N 183 
HIS CG  CD2  doub Y N 184 
HIS ND1 CE1  doub Y N 185 
HIS ND1 HD1  sing N N 186 
HIS CD2 NE2  sing Y N 187 
HIS CD2 HD2  sing N N 188 
HIS CE1 NE2  sing Y N 189 
HIS CE1 HE1  sing N N 190 
HIS NE2 HE2  sing N N 191 
HIS OXT HXT  sing N N 192 
HOH O   H1   sing N N 193 
HOH O   H2   sing N N 194 
ILE N   CA   sing N N 195 
ILE N   H    sing N N 196 
ILE N   H2   sing N N 197 
ILE CA  C    sing N N 198 
ILE CA  CB   sing N N 199 
ILE CA  HA   sing N N 200 
ILE C   O    doub N N 201 
ILE C   OXT  sing N N 202 
ILE CB  CG1  sing N N 203 
ILE CB  CG2  sing N N 204 
ILE CB  HB   sing N N 205 
ILE CG1 CD1  sing N N 206 
ILE CG1 HG12 sing N N 207 
ILE CG1 HG13 sing N N 208 
ILE CG2 HG21 sing N N 209 
ILE CG2 HG22 sing N N 210 
ILE CG2 HG23 sing N N 211 
ILE CD1 HD11 sing N N 212 
ILE CD1 HD12 sing N N 213 
ILE CD1 HD13 sing N N 214 
ILE OXT HXT  sing N N 215 
LEU N   CA   sing N N 216 
LEU N   H    sing N N 217 
LEU N   H2   sing N N 218 
LEU CA  C    sing N N 219 
LEU CA  CB   sing N N 220 
LEU CA  HA   sing N N 221 
LEU C   O    doub N N 222 
LEU C   OXT  sing N N 223 
LEU CB  CG   sing N N 224 
LEU CB  HB2  sing N N 225 
LEU CB  HB3  sing N N 226 
LEU CG  CD1  sing N N 227 
LEU CG  CD2  sing N N 228 
LEU CG  HG   sing N N 229 
LEU CD1 HD11 sing N N 230 
LEU CD1 HD12 sing N N 231 
LEU CD1 HD13 sing N N 232 
LEU CD2 HD21 sing N N 233 
LEU CD2 HD22 sing N N 234 
LEU CD2 HD23 sing N N 235 
LEU OXT HXT  sing N N 236 
LYS N   CA   sing N N 237 
LYS N   H    sing N N 238 
LYS N   H2   sing N N 239 
LYS CA  C    sing N N 240 
LYS CA  CB   sing N N 241 
LYS CA  HA   sing N N 242 
LYS C   O    doub N N 243 
LYS C   OXT  sing N N 244 
LYS CB  CG   sing N N 245 
LYS CB  HB2  sing N N 246 
LYS CB  HB3  sing N N 247 
LYS CG  CD   sing N N 248 
LYS CG  HG2  sing N N 249 
LYS CG  HG3  sing N N 250 
LYS CD  CE   sing N N 251 
LYS CD  HD2  sing N N 252 
LYS CD  HD3  sing N N 253 
LYS CE  NZ   sing N N 254 
LYS CE  HE2  sing N N 255 
LYS CE  HE3  sing N N 256 
LYS NZ  HZ1  sing N N 257 
LYS NZ  HZ2  sing N N 258 
LYS NZ  HZ3  sing N N 259 
LYS OXT HXT  sing N N 260 
MET N   CA   sing N N 261 
MET N   H    sing N N 262 
MET N   H2   sing N N 263 
MET CA  C    sing N N 264 
MET CA  CB   sing N N 265 
MET CA  HA   sing N N 266 
MET C   O    doub N N 267 
MET C   OXT  sing N N 268 
MET CB  CG   sing N N 269 
MET CB  HB2  sing N N 270 
MET CB  HB3  sing N N 271 
MET CG  SD   sing N N 272 
MET CG  HG2  sing N N 273 
MET CG  HG3  sing N N 274 
MET SD  CE   sing N N 275 
MET CE  HE1  sing N N 276 
MET CE  HE2  sing N N 277 
MET CE  HE3  sing N N 278 
MET OXT HXT  sing N N 279 
PHE N   CA   sing N N 280 
PHE N   H    sing N N 281 
PHE N   H2   sing N N 282 
PHE CA  C    sing N N 283 
PHE CA  CB   sing N N 284 
PHE CA  HA   sing N N 285 
PHE C   O    doub N N 286 
PHE C   OXT  sing N N 287 
PHE CB  CG   sing N N 288 
PHE CB  HB2  sing N N 289 
PHE CB  HB3  sing N N 290 
PHE CG  CD1  doub Y N 291 
PHE CG  CD2  sing Y N 292 
PHE CD1 CE1  sing Y N 293 
PHE CD1 HD1  sing N N 294 
PHE CD2 CE2  doub Y N 295 
PHE CD2 HD2  sing N N 296 
PHE CE1 CZ   doub Y N 297 
PHE CE1 HE1  sing N N 298 
PHE CE2 CZ   sing Y N 299 
PHE CE2 HE2  sing N N 300 
PHE CZ  HZ   sing N N 301 
PHE OXT HXT  sing N N 302 
PRO N   CA   sing N N 303 
PRO N   CD   sing N N 304 
PRO N   H    sing N N 305 
PRO CA  C    sing N N 306 
PRO CA  CB   sing N N 307 
PRO CA  HA   sing N N 308 
PRO C   O    doub N N 309 
PRO C   OXT  sing N N 310 
PRO CB  CG   sing N N 311 
PRO CB  HB2  sing N N 312 
PRO CB  HB3  sing N N 313 
PRO CG  CD   sing N N 314 
PRO CG  HG2  sing N N 315 
PRO CG  HG3  sing N N 316 
PRO CD  HD2  sing N N 317 
PRO CD  HD3  sing N N 318 
PRO OXT HXT  sing N N 319 
SER N   CA   sing N N 320 
SER N   H    sing N N 321 
SER N   H2   sing N N 322 
SER CA  C    sing N N 323 
SER CA  CB   sing N N 324 
SER CA  HA   sing N N 325 
SER C   O    doub N N 326 
SER C   OXT  sing N N 327 
SER CB  OG   sing N N 328 
SER CB  HB2  sing N N 329 
SER CB  HB3  sing N N 330 
SER OG  HG   sing N N 331 
SER OXT HXT  sing N N 332 
THR N   CA   sing N N 333 
THR N   H    sing N N 334 
THR N   H2   sing N N 335 
THR CA  C    sing N N 336 
THR CA  CB   sing N N 337 
THR CA  HA   sing N N 338 
THR C   O    doub N N 339 
THR C   OXT  sing N N 340 
THR CB  OG1  sing N N 341 
THR CB  CG2  sing N N 342 
THR CB  HB   sing N N 343 
THR OG1 HG1  sing N N 344 
THR CG2 HG21 sing N N 345 
THR CG2 HG22 sing N N 346 
THR CG2 HG23 sing N N 347 
THR OXT HXT  sing N N 348 
TRP N   CA   sing N N 349 
TRP N   H    sing N N 350 
TRP N   H2   sing N N 351 
TRP CA  C    sing N N 352 
TRP CA  CB   sing N N 353 
TRP CA  HA   sing N N 354 
TRP C   O    doub N N 355 
TRP C   OXT  sing N N 356 
TRP CB  CG   sing N N 357 
TRP CB  HB2  sing N N 358 
TRP CB  HB3  sing N N 359 
TRP CG  CD1  doub Y N 360 
TRP CG  CD2  sing Y N 361 
TRP CD1 NE1  sing Y N 362 
TRP CD1 HD1  sing N N 363 
TRP CD2 CE2  doub Y N 364 
TRP CD2 CE3  sing Y N 365 
TRP NE1 CE2  sing Y N 366 
TRP NE1 HE1  sing N N 367 
TRP CE2 CZ2  sing Y N 368 
TRP CE3 CZ3  doub Y N 369 
TRP CE3 HE3  sing N N 370 
TRP CZ2 CH2  doub Y N 371 
TRP CZ2 HZ2  sing N N 372 
TRP CZ3 CH2  sing Y N 373 
TRP CZ3 HZ3  sing N N 374 
TRP CH2 HH2  sing N N 375 
TRP OXT HXT  sing N N 376 
TYR N   CA   sing N N 377 
TYR N   H    sing N N 378 
TYR N   H2   sing N N 379 
TYR CA  C    sing N N 380 
TYR CA  CB   sing N N 381 
TYR CA  HA   sing N N 382 
TYR C   O    doub N N 383 
TYR C   OXT  sing N N 384 
TYR CB  CG   sing N N 385 
TYR CB  HB2  sing N N 386 
TYR CB  HB3  sing N N 387 
TYR CG  CD1  doub Y N 388 
TYR CG  CD2  sing Y N 389 
TYR CD1 CE1  sing Y N 390 
TYR CD1 HD1  sing N N 391 
TYR CD2 CE2  doub Y N 392 
TYR CD2 HD2  sing N N 393 
TYR CE1 CZ   doub Y N 394 
TYR CE1 HE1  sing N N 395 
TYR CE2 CZ   sing Y N 396 
TYR CE2 HE2  sing N N 397 
TYR CZ  OH   sing N N 398 
TYR OH  HH   sing N N 399 
TYR OXT HXT  sing N N 400 
VAL N   CA   sing N N 401 
VAL N   H    sing N N 402 
VAL N   H2   sing N N 403 
VAL CA  C    sing N N 404 
VAL CA  CB   sing N N 405 
VAL CA  HA   sing N N 406 
VAL C   O    doub N N 407 
VAL C   OXT  sing N N 408 
VAL CB  CG1  sing N N 409 
VAL CB  CG2  sing N N 410 
VAL CB  HB   sing N N 411 
VAL CG1 HG11 sing N N 412 
VAL CG1 HG12 sing N N 413 
VAL CG1 HG13 sing N N 414 
VAL CG2 HG21 sing N N 415 
VAL CG2 HG22 sing N N 416 
VAL CG2 HG23 sing N N 417 
VAL OXT HXT  sing N N 418 
# 
loop_
_pdbx_entity_branch_list.entity_id 
_pdbx_entity_branch_list.comp_id 
_pdbx_entity_branch_list.num 
_pdbx_entity_branch_list.hetero 
2 GTR 1 n 
2 AQA 2 n 
# 
_atom_sites.entry_id                    2W47 
_atom_sites.fract_transf_matrix[1][1]   0.00687958 
_atom_sites.fract_transf_matrix[1][2]   -0.00959793 
_atom_sites.fract_transf_matrix[1][3]   -0.00637831 
_atom_sites.fract_transf_matrix[2][1]   0.01072655 
_atom_sites.fract_transf_matrix[2][2]   -0.00557308 
_atom_sites.fract_transf_matrix[2][3]   0.00583370 
_atom_sites.fract_transf_matrix[3][1]   -0.00773009 
_atom_sites.fract_transf_matrix[3][2]   -0.00916673 
_atom_sites.fract_transf_matrix[3][3]   0.00545628 
_atom_sites.fract_transf_vector[1]      0.287401 
_atom_sites.fract_transf_vector[2]      0.387092 
_atom_sites.fract_transf_vector[3]      0.008443 
# 
loop_
_atom_type.symbol 
C  
CA 
N  
O  
S  
# 
loop_
_atom_site.group_PDB 
_atom_site.id 
_atom_site.type_symbol 
_atom_site.label_atom_id 
_atom_site.label_alt_id 
_atom_site.label_comp_id 
_atom_site.label_asym_id 
_atom_site.label_entity_id 
_atom_site.label_seq_id 
_atom_site.pdbx_PDB_ins_code 
_atom_site.Cartn_x 
_atom_site.Cartn_y 
_atom_site.Cartn_z 
_atom_site.occupancy 
_atom_site.B_iso_or_equiv 
_atom_site.pdbx_formal_charge 
_atom_site.auth_seq_id 
_atom_site.auth_comp_id 
_atom_site.auth_asym_id 
_atom_site.auth_atom_id 
_atom_site.pdbx_PDB_model_num 
ATOM   1    N  N   . ALA A 1 2   ? 19.614  -2.305  7.817   1.00 24.56  ? 2    ALA A N   1 
ATOM   2    C  CA  . ALA A 1 2   ? 18.835  -1.045  7.998   1.00 24.30  ? 2    ALA A CA  1 
ATOM   3    C  C   . ALA A 1 2   ? 17.439  -1.323  8.552   1.00 23.91  ? 2    ALA A C   1 
ATOM   4    O  O   . ALA A 1 2   ? 16.834  -2.354  8.251   1.00 24.45  ? 2    ALA A O   1 
ATOM   5    C  CB  . ALA A 1 2   ? 18.745  -0.281  6.682   1.00 24.56  ? 2    ALA A CB  1 
ATOM   6    N  N   . SER A 1 3   ? 16.941  -0.394  9.364   1.00 23.27  ? 3    SER A N   1 
ATOM   7    C  CA  . SER A 1 3   ? 15.595  -0.469  9.926   1.00 22.11  ? 3    SER A CA  1 
ATOM   8    C  C   . SER A 1 3   ? 14.550  -0.304  8.821   1.00 20.51  ? 3    SER A C   1 
ATOM   9    O  O   . SER A 1 3   ? 14.822  0.350   7.810   1.00 20.73  ? 3    SER A O   1 
ATOM   10   C  CB  . SER A 1 3   ? 15.403  0.627   10.976  1.00 22.54  ? 3    SER A CB  1 
ATOM   11   O  OG  . SER A 1 3   ? 16.421  0.581   11.960  1.00 24.67  ? 3    SER A OG  1 
ATOM   12   N  N   . PRO A 1 4   ? 13.351  -0.897  9.002   1.00 19.14  ? 4    PRO A N   1 
ATOM   13   C  CA  . PRO A 1 4   ? 12.310  -0.666  7.997   1.00 17.68  ? 4    PRO A CA  1 
ATOM   14   C  C   . PRO A 1 4   ? 11.992  0.816   7.839   1.00 16.63  ? 4    PRO A C   1 
ATOM   15   O  O   . PRO A 1 4   ? 12.088  1.591   8.804   1.00 16.78  ? 4    PRO A O   1 
ATOM   16   C  CB  . PRO A 1 4   ? 11.100  -1.408  8.564   1.00 17.88  ? 4    PRO A CB  1 
ATOM   17   C  CG  . PRO A 1 4   ? 11.674  -2.438  9.478   1.00 18.37  ? 4    PRO A CG  1 
ATOM   18   C  CD  . PRO A 1 4   ? 12.886  -1.792  10.076  1.00 19.06  ? 4    PRO A CD  1 
ATOM   19   N  N   . VAL A 1 5   ? 11.634  1.203   6.622   1.00 14.48  ? 5    VAL A N   1 
ATOM   20   C  CA  . VAL A 1 5   ? 11.287  2.584   6.330   1.00 13.27  ? 5    VAL A CA  1 
ATOM   21   C  C   . VAL A 1 5   ? 9.776   2.661   6.164   1.00 12.09  ? 5    VAL A C   1 
ATOM   22   O  O   . VAL A 1 5   ? 9.177   1.878   5.419   1.00 11.96  ? 5    VAL A O   1 
ATOM   23   C  CB  . VAL A 1 5   ? 12.010  3.096   5.074   1.00 13.23  ? 5    VAL A CB  1 
ATOM   24   C  CG1 . VAL A 1 5   ? 11.630  4.539   4.786   1.00 12.68  ? 5    VAL A CG1 1 
ATOM   25   C  CG2 . VAL A 1 5   ? 13.530  2.984   5.251   1.00 14.19  ? 5    VAL A CG2 1 
ATOM   26   N  N   . ILE A 1 6   ? 9.167   3.578   6.901   1.00 11.41  ? 6    ILE A N   1 
ATOM   27   C  CA  A ILE A 1 6   ? 7.732   3.785   6.800   0.50 11.46  ? 6    ILE A CA  1 
ATOM   28   C  CA  B ILE A 1 6   ? 7.730   3.808   6.831   0.50 11.36  ? 6    ILE A CA  1 
ATOM   29   C  C   . ILE A 1 6   ? 7.443   4.976   5.893   1.00 11.20  ? 6    ILE A C   1 
ATOM   30   O  O   . ILE A 1 6   ? 7.959   6.079   6.097   1.00 12.26  ? 6    ILE A O   1 
ATOM   31   C  CB  A ILE A 1 6   ? 7.062   3.936   8.186   0.50 11.56  ? 6    ILE A CB  1 
ATOM   32   C  CB  B ILE A 1 6   ? 7.140   4.120   8.230   0.50 11.54  ? 6    ILE A CB  1 
ATOM   33   C  CG1 A ILE A 1 6   ? 7.083   2.591   8.930   0.50 11.79  ? 6    ILE A CG1 1 
ATOM   34   C  CG1 B ILE A 1 6   ? 7.585   3.081   9.273   0.50 11.66  ? 6    ILE A CG1 1 
ATOM   35   C  CG2 A ILE A 1 6   ? 5.635   4.455   8.039   0.50 12.10  ? 6    ILE A CG2 1 
ATOM   36   C  CG2 B ILE A 1 6   ? 5.617   4.238   8.162   0.50 12.11  ? 6    ILE A CG2 1 
ATOM   37   C  CD1 A ILE A 1 6   ? 6.477   2.620   10.325  0.50 11.98  ? 6    ILE A CD1 1 
ATOM   38   C  CD1 B ILE A 1 6   ? 6.932   1.713   9.139   0.50 12.32  ? 6    ILE A CD1 1 
ATOM   39   N  N   . TYR A 1 7   ? 6.638   4.714   4.869   1.00 10.07  ? 7    TYR A N   1 
ATOM   40   C  CA  . TYR A 1 7   ? 6.188   5.729   3.929   1.00 9.37   ? 7    TYR A CA  1 
ATOM   41   C  C   . TYR A 1 7   ? 4.782   6.112   4.353   1.00 9.02   ? 7    TYR A C   1 
ATOM   42   O  O   . TYR A 1 7   ? 3.830   5.350   4.153   1.00 9.25   ? 7    TYR A O   1 
ATOM   43   C  CB  . TYR A 1 7   ? 6.246   5.184   2.495   1.00 9.49   ? 7    TYR A CB  1 
ATOM   44   C  CG  . TYR A 1 7   ? 7.671   4.996   2.053   1.00 9.06   ? 7    TYR A CG  1 
ATOM   45   C  CD1 . TYR A 1 7   ? 8.365   6.024   1.415   1.00 10.07  ? 7    TYR A CD1 1 
ATOM   46   C  CD2 . TYR A 1 7   ? 8.358   3.815   2.335   1.00 9.41   ? 7    TYR A CD2 1 
ATOM   47   C  CE1 . TYR A 1 7   ? 9.693   5.866   1.040   1.00 9.91   ? 7    TYR A CE1 1 
ATOM   48   C  CE2 . TYR A 1 7   ? 9.685   3.651   1.966   1.00 9.74   ? 7    TYR A CE2 1 
ATOM   49   C  CZ  . TYR A 1 7   ? 10.346  4.678   1.326   1.00 9.66   ? 7    TYR A CZ  1 
ATOM   50   O  OH  . TYR A 1 7   ? 11.665  4.539   0.954   1.00 11.16  ? 7    TYR A OH  1 
ATOM   51   N  N   . GLN A 1 8   ? 4.659   7.274   4.992   1.00 9.65   ? 8    GLN A N   1 
ATOM   52   C  CA  . GLN A 1 8   ? 3.384   7.674   5.569   1.00 9.81   ? 8    GLN A CA  1 
ATOM   53   C  C   . GLN A 1 8   ? 2.385   8.146   4.517   1.00 9.58   ? 8    GLN A C   1 
ATOM   54   O  O   . GLN A 1 8   ? 2.762   8.550   3.421   1.00 9.48   ? 8    GLN A O   1 
ATOM   55   C  CB  . GLN A 1 8   ? 3.571   8.757   6.647   1.00 10.55  ? 8    GLN A CB  1 
ATOM   56   C  CG  . GLN A 1 8   ? 3.809   8.197   8.060   1.00 11.41  ? 8    GLN A CG  1 
ATOM   57   C  CD  . GLN A 1 8   ? 2.577   7.515   8.618   1.00 13.74  ? 8    GLN A CD  1 
ATOM   58   O  OE1 . GLN A 1 8   ? 1.477   7.678   8.084   1.00 15.02  ? 8    GLN A OE1 1 
ATOM   59   N  NE2 . GLN A 1 8   ? 2.750   6.749   9.697   1.00 14.77  ? 8    GLN A NE2 1 
ATOM   60   N  N   . ALA A 1 9   ? 1.106   8.097   4.875   1.00 9.59   ? 9    ALA A N   1 
ATOM   61   C  CA  . ALA A 1 9   ? 0.022   8.497   3.975   1.00 9.51   ? 9    ALA A CA  1 
ATOM   62   C  C   . ALA A 1 9   ? 0.257   9.881   3.365   1.00 9.97   ? 9    ALA A C   1 
ATOM   63   O  O   . ALA A 1 9   ? 0.067   10.076  2.153   1.00 9.34   ? 9    ALA A O   1 
ATOM   64   C  CB  . ALA A 1 9   ? -1.319  8.463   4.718   1.00 9.61   ? 9    ALA A CB  1 
ATOM   65   N  N   . GLU A 1 10  ? 0.689   10.830  4.195   1.00 10.58  ? 10   GLU A N   1 
ATOM   66   C  CA  . GLU A 1 10  ? 0.832   12.224  3.756   1.00 12.09  ? 10   GLU A CA  1 
ATOM   67   C  C   . GLU A 1 10  ? 1.920   12.400  2.690   1.00 11.63  ? 10   GLU A C   1 
ATOM   68   O  O   . GLU A 1 10  ? 1.965   13.425  2.000   1.00 12.12  ? 10   GLU A O   1 
ATOM   69   C  CB  . GLU A 1 10  ? 1.094   13.164  4.957   1.00 11.97  ? 10   GLU A CB  1 
ATOM   70   C  CG  . GLU A 1 10  ? 2.504   13.002  5.569   1.00 13.80  ? 10   GLU A CG  1 
ATOM   71   C  CD  . GLU A 1 10  ? 2.709   13.552  6.984   1.00 15.83  ? 10   GLU A CD  1 
ATOM   72   O  OE1 . GLU A 1 10  ? 3.660   13.077  7.644   1.00 21.49  ? 10   GLU A OE1 1 
ATOM   73   O  OE2 . GLU A 1 10  ? 1.957   14.434  7.448   1.00 18.32  ? 10   GLU A OE2 1 
ATOM   74   N  N   . ASP A 1 11  ? 2.802   11.413  2.556   1.00 11.08  ? 11   ASP A N   1 
ATOM   75   C  CA  . ASP A 1 11  ? 3.906   11.515  1.597   1.00 11.45  ? 11   ASP A CA  1 
ATOM   76   C  C   . ASP A 1 11  ? 3.627   10.830  0.263   1.00 10.98  ? 11   ASP A C   1 
ATOM   77   O  O   . ASP A 1 11  ? 4.443   10.880  -0.666  1.00 10.96  ? 11   ASP A O   1 
ATOM   78   C  CB  . ASP A 1 11  ? 5.202   11.037  2.229   1.00 12.63  ? 11   ASP A CB  1 
ATOM   79   C  CG  . ASP A 1 11  ? 5.701   12.001  3.306   1.00 14.18  ? 11   ASP A CG  1 
ATOM   80   O  OD1 . ASP A 1 11  ? 5.661   13.234  3.082   1.00 18.75  ? 11   ASP A OD1 1 
ATOM   81   O  OD2 . ASP A 1 11  ? 6.100   11.534  4.382   1.00 18.91  ? 11   ASP A OD2 1 
ATOM   82   N  N   . ALA A 1 12  ? 2.456   10.213  0.165   1.00 10.39  ? 12   ALA A N   1 
ATOM   83   C  CA  . ALA A 1 12  ? 2.028   9.596   -1.072  1.00 10.44  ? 12   ALA A CA  1 
ATOM   84   C  C   . ALA A 1 12  ? 1.515   10.637  -2.051  1.00 10.20  ? 12   ALA A C   1 
ATOM   85   O  O   . ALA A 1 12  ? 1.130   11.741  -1.668  1.00 10.04  ? 12   ALA A O   1 
ATOM   86   C  CB  . ALA A 1 12  ? 0.933   8.584   -0.791  1.00 10.48  ? 12   ALA A CB  1 
ATOM   87   N  N   . ILE A 1 13  ? 1.529   10.264  -3.320  1.00 9.82   ? 13   ILE A N   1 
ATOM   88   C  CA  . ILE A 1 13  ? 0.775   10.945  -4.351  1.00 10.27  ? 13   ILE A CA  1 
ATOM   89   C  C   . ILE A 1 13  ? -0.518  10.159  -4.467  1.00 9.36   ? 13   ILE A C   1 
ATOM   90   O  O   . ILE A 1 13  ? -0.491  8.931   -4.606  1.00 9.09   ? 13   ILE A O   1 
ATOM   91   C  CB  . ILE A 1 13  ? 1.558   10.948  -5.678  1.00 10.90  ? 13   ILE A CB  1 
ATOM   92   C  CG1 . ILE A 1 13  ? 2.830   11.788  -5.512  1.00 13.73  ? 13   ILE A CG1 1 
ATOM   93   C  CG2 . ILE A 1 13  ? 0.690   11.436  -6.847  1.00 13.15  ? 13   ILE A CG2 1 
ATOM   94   C  CD1 . ILE A 1 13  ? 3.977   11.387  -6.435  1.00 16.49  ? 13   ILE A CD1 1 
ATOM   95   N  N   . ILE A 1 14  ? -1.648  10.844  -4.342  1.00 9.15   ? 14   ILE A N   1 
ATOM   96   C  CA  . ILE A 1 14  ? -2.931  10.150  -4.341  1.00 8.91   ? 14   ILE A CA  1 
ATOM   97   C  C   . ILE A 1 14  ? -3.842  10.689  -5.434  1.00 8.92   ? 14   ILE A C   1 
ATOM   98   O  O   . ILE A 1 14  ? -3.775  11.875  -5.797  1.00 9.13   ? 14   ILE A O   1 
ATOM   99   C  CB  . ILE A 1 14  ? -3.605  10.158  -2.940  1.00 8.61   ? 14   ILE A CB  1 
ATOM   100  C  CG1 . ILE A 1 14  ? -4.057  11.569  -2.540  1.00 9.61   ? 14   ILE A CG1 1 
ATOM   101  C  CG2 . ILE A 1 14  ? -2.663  9.535   -1.900  1.00 9.72   ? 14   ILE A CG2 1 
ATOM   102  C  CD1 . ILE A 1 14  ? -4.680  11.644  -1.148  1.00 10.20  ? 14   ILE A CD1 1 
ATOM   103  N  N   . TYR A 1 15  ? -4.696  9.813   -5.947  1.00 8.41   ? 15   TYR A N   1 
ATOM   104  C  CA  . TYR A 1 15  ? -5.614  10.151  -7.019  1.00 8.56   ? 15   TYR A CA  1 
ATOM   105  C  C   . TYR A 1 15  ? -6.961  9.537   -6.695  1.00 8.45   ? 15   TYR A C   1 
ATOM   106  O  O   . TYR A 1 15  ? -7.048  8.347   -6.412  1.00 7.51   ? 15   TYR A O   1 
ATOM   107  C  CB  . TYR A 1 15  ? -5.100  9.599   -8.344  1.00 9.41   ? 15   TYR A CB  1 
ATOM   108  C  CG  . TYR A 1 15  ? -6.116  9.645   -9.463  1.00 11.55  ? 15   TYR A CG  1 
ATOM   109  C  CD1 . TYR A 1 15  ? -6.411  10.844  -10.104 1.00 12.53  ? 15   TYR A CD1 1 
ATOM   110  C  CD2 . TYR A 1 15  ? -6.770  8.488   -9.884  1.00 12.46  ? 15   TYR A CD2 1 
ATOM   111  C  CE1 . TYR A 1 15  ? -7.348  10.893  -11.135 1.00 13.88  ? 15   TYR A CE1 1 
ATOM   112  C  CE2 . TYR A 1 15  ? -7.709  8.528   -10.915 1.00 13.16  ? 15   TYR A CE2 1 
ATOM   113  C  CZ  . TYR A 1 15  ? -7.985  9.730   -11.530 1.00 13.67  ? 15   TYR A CZ  1 
ATOM   114  O  OH  . TYR A 1 15  ? -8.918  9.757   -12.550 1.00 15.86  ? 15   TYR A OH  1 
ATOM   115  N  N   . ASN A 1 16  ? -8.015  10.340  -6.732  1.00 8.13   ? 16   ASN A N   1 
ATOM   116  C  CA  . ASN A 1 16  ? -9.347  9.866   -6.359  1.00 8.48   ? 16   ASN A CA  1 
ATOM   117  C  C   . ASN A 1 16  ? -9.332  9.142   -5.008  1.00 8.38   ? 16   ASN A C   1 
ATOM   118  O  O   . ASN A 1 16  ? -9.854  8.032   -4.835  1.00 8.77   ? 16   ASN A O   1 
ATOM   119  C  CB  . ASN A 1 16  ? -9.978  9.037   -7.483  1.00 8.72   ? 16   ASN A CB  1 
ATOM   120  C  CG  . ASN A 1 16  ? -10.546 9.910   -8.574  1.00 11.24  ? 16   ASN A CG  1 
ATOM   121  O  OD1 . ASN A 1 16  ? -10.755 11.103  -8.369  1.00 14.88  ? 16   ASN A OD1 1 
ATOM   122  N  ND2 . ASN A 1 16  ? -10.807 9.324   -9.729  1.00 14.39  ? 16   ASN A ND2 1 
ATOM   123  N  N   . ALA A 1 17  ? -8.682  9.810   -4.067  1.00 8.61   ? 17   ALA A N   1 
ATOM   124  C  CA  . ALA A 1 17  ? -8.526  9.367   -2.698  1.00 8.27   ? 17   ALA A CA  1 
ATOM   125  C  C   . ALA A 1 17  ? -8.238  10.635  -1.900  1.00 8.42   ? 17   ALA A C   1 
ATOM   126  O  O   . ALA A 1 17  ? -7.820  11.648  -2.481  1.00 9.51   ? 17   ALA A O   1 
ATOM   127  C  CB  . ALA A 1 17  ? -7.366  8.393   -2.603  1.00 8.79   ? 17   ALA A CB  1 
ATOM   128  N  N   . ILE A 1 18  ? -8.475  10.579  -0.593  1.00 8.40   ? 18   ILE A N   1 
ATOM   129  C  CA  . ILE A 1 18  ? -8.207  11.709  0.295   1.00 8.34   ? 18   ILE A CA  1 
ATOM   130  C  C   . ILE A 1 18  ? -7.358  11.282  1.481   1.00 7.56   ? 18   ILE A C   1 
ATOM   131  O  O   . ILE A 1 18  ? -7.198  10.085  1.738   1.00 7.60   ? 18   ILE A O   1 
ATOM   132  C  CB  . ILE A 1 18  ? -9.521  12.358  0.806   1.00 8.55   ? 18   ILE A CB  1 
ATOM   133  C  CG1 . ILE A 1 18  ? -10.277 11.415  1.771   1.00 9.03   ? 18   ILE A CG1 1 
ATOM   134  C  CG2 . ILE A 1 18  ? -10.383 12.808  -0.375  1.00 9.78   ? 18   ILE A CG2 1 
ATOM   135  C  CD1 . ILE A 1 18  ? -11.524 12.010  2.432   1.00 9.47   ? 18   ILE A CD1 1 
ATOM   136  N  N   . LEU A 1 19  ? -6.824  12.264  2.204   1.00 7.19   ? 19   LEU A N   1 
ATOM   137  C  CA  . LEU A 1 19  ? -6.205  12.044  3.500   1.00 7.40   ? 19   LEU A CA  1 
ATOM   138  C  C   . LEU A 1 19  ? -7.244  12.412  4.545   1.00 7.37   ? 19   LEU A C   1 
ATOM   139  O  O   . LEU A 1 19  ? -7.845  13.491  4.482   1.00 7.48   ? 19   LEU A O   1 
ATOM   140  C  CB  . LEU A 1 19  ? -4.977  12.940  3.668   1.00 7.33   ? 19   LEU A CB  1 
ATOM   141  C  CG  . LEU A 1 19  ? -3.852  12.736  2.653   1.00 7.34   ? 19   LEU A CG  1 
ATOM   142  C  CD1 . LEU A 1 19  ? -2.694  13.691  2.912   1.00 8.37   ? 19   LEU A CD1 1 
ATOM   143  C  CD2 . LEU A 1 19  ? -3.375  11.286  2.667   1.00 9.34   ? 19   LEU A CD2 1 
ATOM   144  N  N   . GLU A 1 20  ? -7.469  11.520  5.503   1.00 7.02   ? 20   GLU A N   1 
ATOM   145  C  CA  . GLU A 1 20  ? -8.447  11.788  6.552   1.00 8.22   ? 20   GLU A CA  1 
ATOM   146  C  C   . GLU A 1 20  ? -7.991  11.231  7.891   1.00 7.60   ? 20   GLU A C   1 
ATOM   147  O  O   . GLU A 1 20  ? -6.959  10.547  7.980   1.00 7.94   ? 20   GLU A O   1 
ATOM   148  C  CB  . GLU A 1 20  ? -9.838  11.275  6.170   1.00 8.53   ? 20   GLU A CB  1 
ATOM   149  C  CG  . GLU A 1 20  ? -9.992  9.783   6.226   1.00 9.70   ? 20   GLU A CG  1 
ATOM   150  C  CD  . GLU A 1 20  ? -11.413 9.313   5.994   1.00 9.76   ? 20   GLU A CD  1 
ATOM   151  O  OE1 . GLU A 1 20  ? -11.735 8.220   6.503   1.00 9.65   ? 20   GLU A OE1 1 
ATOM   152  O  OE2 . GLU A 1 20  ? -12.193 10.009  5.301   1.00 11.33  ? 20   GLU A OE2 1 
ATOM   153  N  N   . THR A 1 21  ? -8.773  11.542  8.924   1.00 7.67   ? 21   THR A N   1 
ATOM   154  C  CA  . THR A 1 21  ? -8.430  11.179  10.301  1.00 8.28   ? 21   THR A CA  1 
ATOM   155  C  C   . THR A 1 21  ? -9.628  10.581  11.035  1.00 8.85   ? 21   THR A C   1 
ATOM   156  O  O   . THR A 1 21  ? -9.603  10.448  12.256  1.00 9.33   ? 21   THR A O   1 
ATOM   157  C  CB  . THR A 1 21  ? -7.998  12.414  11.097  1.00 8.16   ? 21   THR A CB  1 
ATOM   158  O  OG1 . THR A 1 21  ? -9.085  13.340  11.089  1.00 9.09   ? 21   THR A OG1 1 
ATOM   159  C  CG2 . THR A 1 21  ? -6.770  13.077  10.485  1.00 8.86   ? 21   THR A CG2 1 
ATOM   160  N  N   . VAL A 1 22  ? -10.668 10.221  10.284  1.00 9.23   ? 22   VAL A N   1 
ATOM   161  C  CA  . VAL A 1 22  ? -11.957 9.806   10.856  1.00 9.57   ? 22   VAL A CA  1 
ATOM   162  C  C   . VAL A 1 22  ? -11.881 8.626   11.821  1.00 9.58   ? 22   VAL A C   1 
ATOM   163  O  O   . VAL A 1 22  ? -12.390 8.701   12.937  1.00 10.29  ? 22   VAL A O   1 
ATOM   164  C  CB  . VAL A 1 22  ? -12.977 9.490   9.732   1.00 9.23   ? 22   VAL A CB  1 
ATOM   165  C  CG1 . VAL A 1 22  ? -14.299 8.961   10.299  1.00 10.72  ? 22   VAL A CG1 1 
ATOM   166  C  CG2 . VAL A 1 22  ? -13.216 10.730  8.895   1.00 10.88  ? 22   VAL A CG2 1 
ATOM   167  N  N   . ASN A 1 23  ? -11.247 7.545   11.392  1.00 9.65   ? 23   ASN A N   1 
ATOM   168  C  CA  . ASN A 1 23  ? -11.229 6.305   12.156  1.00 10.10  ? 23   ASN A CA  1 
ATOM   169  C  C   . ASN A 1 23  ? -9.967  6.150   12.963  1.00 9.97   ? 23   ASN A C   1 
ATOM   170  O  O   . ASN A 1 23  ? -8.863  6.216   12.419  1.00 10.14  ? 23   ASN A O   1 
ATOM   171  C  CB  . ASN A 1 23  ? -11.387 5.112   11.215  1.00 10.06  ? 23   ASN A CB  1 
ATOM   172  C  CG  . ASN A 1 23  ? -12.692 5.137   10.471  1.00 12.06  ? 23   ASN A CG  1 
ATOM   173  O  OD1 . ASN A 1 23  ? -12.716 5.212   9.241   1.00 13.62  ? 23   ASN A OD1 1 
ATOM   174  N  ND2 . ASN A 1 23  ? -13.793 5.098   11.209  1.00 11.73  ? 23   ASN A ND2 1 
ATOM   175  N  N   . ALA A 1 24  ? -10.136 5.926   14.262  1.00 10.23  ? 24   ALA A N   1 
ATOM   176  C  CA  . ALA A 1 24  ? -9.008  5.788   15.171  1.00 10.22  ? 24   ALA A CA  1 
ATOM   177  C  C   . ALA A 1 24  ? -8.107  4.609   14.816  1.00 10.50  ? 24   ALA A C   1 
ATOM   178  O  O   . ALA A 1 24  ? -8.549  3.648   14.185  1.00 10.28  ? 24   ALA A O   1 
ATOM   179  C  CB  . ALA A 1 24  ? -9.508  5.656   16.612  1.00 11.44  ? 24   ALA A CB  1 
ATOM   180  N  N   . GLY A 1 25  ? -6.852  4.688   15.239  1.00 10.28  ? 25   GLY A N   1 
ATOM   181  C  CA  . GLY A 1 25  ? -5.925  3.569   15.121  1.00 10.26  ? 25   GLY A CA  1 
ATOM   182  C  C   . GLY A 1 25  ? -4.859  3.741   14.061  1.00 10.14  ? 25   GLY A C   1 
ATOM   183  O  O   . GLY A 1 25  ? -3.918  2.950   13.995  1.00 10.50  ? 25   GLY A O   1 
ATOM   184  N  N   . TYR A 1 26  ? -4.989  4.786   13.241  1.00 9.59   ? 26   TYR A N   1 
ATOM   185  C  CA  . TYR A 1 26  ? -3.953  5.107   12.270  1.00 9.85   ? 26   TYR A CA  1 
ATOM   186  C  C   . TYR A 1 26  ? -2.723  5.629   13.014  1.00 9.60   ? 26   TYR A C   1 
ATOM   187  O  O   . TYR A 1 26  ? -2.781  5.929   14.218  1.00 10.65  ? 26   TYR A O   1 
ATOM   188  C  CB  . TYR A 1 26  ? -4.447  6.137   11.235  1.00 9.73   ? 26   TYR A CB  1 
ATOM   189  C  CG  . TYR A 1 26  ? -4.781  7.494   11.827  1.00 9.50   ? 26   TYR A CG  1 
ATOM   190  C  CD1 . TYR A 1 26  ? -3.812  8.488   11.933  1.00 8.92   ? 26   TYR A CD1 1 
ATOM   191  C  CD2 . TYR A 1 26  ? -6.061  7.775   12.293  1.00 9.39   ? 26   TYR A CD2 1 
ATOM   192  C  CE1 . TYR A 1 26  ? -4.111  9.727   12.481  1.00 9.75   ? 26   TYR A CE1 1 
ATOM   193  C  CE2 . TYR A 1 26  ? -6.373  9.008   12.841  1.00 10.41  ? 26   TYR A CE2 1 
ATOM   194  C  CZ  . TYR A 1 26  ? -5.399  9.978   12.930  1.00 10.32  ? 26   TYR A CZ  1 
ATOM   195  O  OH  . TYR A 1 26  ? -5.729  11.196  13.489  1.00 11.58  ? 26   TYR A OH  1 
ATOM   196  N  N   . THR A 1 27  ? -1.615  5.731   12.291  1.00 9.55   ? 27   THR A N   1 
ATOM   197  C  CA  . THR A 1 27  ? -0.365  6.256   12.840  1.00 9.88   ? 27   THR A CA  1 
ATOM   198  C  C   . THR A 1 27  ? 0.044   7.493   12.050  1.00 9.95   ? 27   THR A C   1 
ATOM   199  O  O   . THR A 1 27  ? -0.436  7.730   10.938  1.00 9.98   ? 27   THR A O   1 
ATOM   200  C  CB  . THR A 1 27  ? 0.774   5.211   12.804  1.00 10.22  ? 27   THR A CB  1 
ATOM   201  O  OG1 . THR A 1 27  ? 1.030   4.811   11.454  1.00 10.39  ? 27   THR A OG1 1 
ATOM   202  C  CG2 . THR A 1 27  ? 0.422   3.989   13.654  1.00 11.90  ? 27   THR A CG2 1 
ATOM   203  N  N   . GLY A 1 28  ? 0.943   8.284   12.617  1.00 10.00  ? 28   GLY A N   1 
ATOM   204  C  CA  . GLY A 1 28  ? 1.306   9.553   12.004  1.00 10.24  ? 28   GLY A CA  1 
ATOM   205  C  C   . GLY A 1 28  ? 0.110   10.485  11.930  1.00 9.86   ? 28   GLY A C   1 
ATOM   206  O  O   . GLY A 1 28  ? -0.802  10.421  12.752  1.00 10.38  ? 28   GLY A O   1 
ATOM   207  N  N   . SER A 1 29  ? 0.102   11.329  10.905  1.00 9.88   ? 29   SER A N   1 
ATOM   208  C  CA  . SER A 1 29  ? -0.852  12.427  10.848  1.00 9.46   ? 29   SER A CA  1 
ATOM   209  C  C   . SER A 1 29  ? -2.233  12.053  10.314  1.00 9.09   ? 29   SER A C   1 
ATOM   210  O  O   . SER A 1 29  ? -3.211  12.746  10.601  1.00 9.60   ? 29   SER A O   1 
ATOM   211  C  CB  . SER A 1 29  ? -0.269  13.562  10.013  1.00 10.15  ? 29   SER A CB  1 
ATOM   212  O  OG  . SER A 1 29  ? -0.002  13.126  8.693   1.00 11.42  ? 29   SER A OG  1 
ATOM   213  N  N   . CYS A 1 30  ? -2.312  10.981  9.525   1.00 8.52   ? 30   CYS A N   1 
ATOM   214  C  CA  . CYS A 1 30  ? -3.543  10.661  8.814   1.00 8.16   ? 30   CYS A CA  1 
ATOM   215  C  C   . CYS A 1 30  ? -3.387  9.339   8.083   1.00 7.68   ? 30   CYS A C   1 
ATOM   216  O  O   . CYS A 1 30  ? -2.356  8.678   8.177   1.00 7.74   ? 30   CYS A O   1 
ATOM   217  C  CB  . CYS A 1 30  ? -3.869  11.781  7.806   1.00 8.66   ? 30   CYS A CB  1 
ATOM   218  S  SG  . CYS A 1 30  ? -2.583  12.056  6.548   1.00 9.77   ? 30   CYS A SG  1 
ATOM   219  N  N   . TYR A 1 31  ? -4.424  8.969   7.341   1.00 7.40   ? 31   TYR A N   1 
ATOM   220  C  CA  . TYR A 1 31  ? -4.393  7.800   6.472   1.00 7.17   ? 31   TYR A CA  1 
ATOM   221  C  C   . TYR A 1 31  ? -5.140  8.140   5.186   1.00 7.18   ? 31   TYR A C   1 
ATOM   222  O  O   . TYR A 1 31  ? -5.812  9.179   5.103   1.00 7.86   ? 31   TYR A O   1 
ATOM   223  C  CB  . TYR A 1 31  ? -5.010  6.586   7.180   1.00 7.51   ? 31   TYR A CB  1 
ATOM   224  C  CG  . TYR A 1 31  ? -6.468  6.769   7.550   1.00 7.36   ? 31   TYR A CG  1 
ATOM   225  C  CD1 . TYR A 1 31  ? -7.486  6.465   6.640   1.00 8.16   ? 31   TYR A CD1 1 
ATOM   226  C  CD2 . TYR A 1 31  ? -6.833  7.242   8.810   1.00 6.80   ? 31   TYR A CD2 1 
ATOM   227  C  CE1 . TYR A 1 31  ? -8.828  6.635   6.968   1.00 7.62   ? 31   TYR A CE1 1 
ATOM   228  C  CE2 . TYR A 1 31  ? -8.174  7.405   9.159   1.00 8.37   ? 31   TYR A CE2 1 
ATOM   229  C  CZ  . TYR A 1 31  ? -9.164  7.091   8.239   1.00 7.46   ? 31   TYR A CZ  1 
ATOM   230  O  OH  . TYR A 1 31  ? -10.484 7.261   8.581   1.00 8.52   ? 31   TYR A OH  1 
ATOM   231  N  N   . VAL A 1 32  ? -5.010  7.272   4.186   1.00 7.50   ? 32   VAL A N   1 
ATOM   232  C  CA  . VAL A 1 32  ? -5.703  7.461   2.913   1.00 7.28   ? 32   VAL A CA  1 
ATOM   233  C  C   . VAL A 1 32  ? -7.047  6.751   2.906   1.00 7.50   ? 32   VAL A C   1 
ATOM   234  O  O   . VAL A 1 32  ? -7.143  5.585   3.262   1.00 7.72   ? 32   VAL A O   1 
ATOM   235  C  CB  . VAL A 1 32  ? -4.880  6.926   1.726   1.00 7.47   ? 32   VAL A CB  1 
ATOM   236  C  CG1 . VAL A 1 32  ? -5.587  7.238   0.416   1.00 8.21   ? 32   VAL A CG1 1 
ATOM   237  C  CG2 . VAL A 1 32  ? -3.489  7.533   1.716   1.00 8.06   ? 32   VAL A CG2 1 
ATOM   238  N  N   . ASN A 1 33  ? -8.078  7.474   2.483   1.00 7.31   ? 33   ASN A N   1 
ATOM   239  C  CA  . ASN A 1 33  ? -9.390  6.906   2.214   1.00 7.44   ? 33   ASN A CA  1 
ATOM   240  C  C   . ASN A 1 33  ? -9.675  7.083   0.732   1.00 7.63   ? 33   ASN A C   1 
ATOM   241  O  O   . ASN A 1 33  ? -9.805  8.208   0.252   1.00 7.56   ? 33   ASN A O   1 
ATOM   242  C  CB  . ASN A 1 33  ? -10.434 7.603   3.093   1.00 7.94   ? 33   ASN A CB  1 
ATOM   243  C  CG  . ASN A 1 33  ? -11.866 7.263   2.721   1.00 10.18  ? 33   ASN A CG  1 
ATOM   244  O  OD1 . ASN A 1 33  ? -12.136 6.353   1.934   1.00 9.91   ? 33   ASN A OD1 1 
ATOM   245  N  ND2 . ASN A 1 33  ? -12.799 8.028   3.274   1.00 13.67  ? 33   ASN A ND2 1 
ATOM   246  N  N   . TYR A 1 34  ? -9.726  5.965   0.006   1.00 7.46   ? 34   TYR A N   1 
ATOM   247  C  CA  . TYR A 1 34  ? -9.999  5.970   -1.425  1.00 7.61   ? 34   TYR A CA  1 
ATOM   248  C  C   . TYR A 1 34  ? -11.422 6.435   -1.691  1.00 8.10   ? 34   TYR A C   1 
ATOM   249  O  O   . TYR A 1 34  ? -12.326 6.129   -0.919  1.00 8.00   ? 34   TYR A O   1 
ATOM   250  C  CB  . TYR A 1 34  ? -9.873  4.547   -1.973  1.00 7.23   ? 34   TYR A CB  1 
ATOM   251  C  CG  . TYR A 1 34  ? -8.466  4.030   -2.193  1.00 6.25   ? 34   TYR A CG  1 
ATOM   252  C  CD1 . TYR A 1 34  ? -7.657  3.651   -1.126  1.00 6.74   ? 34   TYR A CD1 1 
ATOM   253  C  CD2 . TYR A 1 34  ? -7.972  3.850   -3.482  1.00 6.22   ? 34   TYR A CD2 1 
ATOM   254  C  CE1 . TYR A 1 34  ? -6.383  3.141   -1.329  1.00 6.64   ? 34   TYR A CE1 1 
ATOM   255  C  CE2 . TYR A 1 34  ? -6.695  3.337   -3.702  1.00 6.81   ? 34   TYR A CE2 1 
ATOM   256  C  CZ  . TYR A 1 34  ? -5.904  2.995   -2.618  1.00 6.19   ? 34   TYR A CZ  1 
ATOM   257  O  OH  . TYR A 1 34  ? -4.635  2.488   -2.793  1.00 6.55   ? 34   TYR A OH  1 
ATOM   258  N  N   . HIS A 1 35  ? -11.647 7.149   -2.793  1.00 8.85   ? 35   HIS A N   1 
ATOM   259  C  CA  . HIS A 1 35  ? -13.018 7.324   -3.274  1.00 9.21   ? 35   HIS A CA  1 
ATOM   260  C  C   . HIS A 1 35  ? -13.626 5.947   -3.499  1.00 9.62   ? 35   HIS A C   1 
ATOM   261  O  O   . HIS A 1 35  ? -12.929 5.010   -3.905  1.00 9.71   ? 35   HIS A O   1 
ATOM   262  C  CB  . HIS A 1 35  ? -13.043 8.077   -4.603  1.00 9.79   ? 35   HIS A CB  1 
ATOM   263  C  CG  . HIS A 1 35  ? -12.717 9.533   -4.499  1.00 10.45  ? 35   HIS A CG  1 
ATOM   264  N  ND1 . HIS A 1 35  ? -12.339 10.144  -3.321  1.00 12.19  ? 35   HIS A ND1 1 
ATOM   265  C  CD2 . HIS A 1 35  ? -12.690 10.498  -5.449  1.00 11.56  ? 35   HIS A CD2 1 
ATOM   266  C  CE1 . HIS A 1 35  ? -12.111 11.426  -3.548  1.00 12.56  ? 35   HIS A CE1 1 
ATOM   267  N  NE2 . HIS A 1 35  ? -12.307 11.663  -4.834  1.00 12.84  ? 35   HIS A NE2 1 
ATOM   268  N  N   . ASN A 1 36  ? -14.924 5.826   -3.242  1.00 9.44   ? 36   ASN A N   1 
ATOM   269  C  CA  . ASN A 1 36  ? -15.591 4.555   -3.462  1.00 10.78  ? 36   ASN A CA  1 
ATOM   270  C  C   . ASN A 1 36  ? -15.978 4.388   -4.923  1.00 10.61  ? 36   ASN A C   1 
ATOM   271  O  O   . ASN A 1 36  ? -17.132 4.570   -5.341  1.00 11.12  ? 36   ASN A O   1 
ATOM   272  C  CB  . ASN A 1 36  ? -16.729 4.361   -2.457  1.00 11.27  ? 36   ASN A CB  1 
ATOM   273  C  CG  . ASN A 1 36  ? -16.203 4.137   -1.035  1.00 14.66  ? 36   ASN A CG  1 
ATOM   274  O  OD1 . ASN A 1 36  ? -15.199 4.737   -0.624  1.00 17.98  ? 36   ASN A OD1 1 
ATOM   275  N  ND2 . ASN A 1 36  ? -16.857 3.264   -0.293  1.00 18.07  ? 36   ASN A ND2 1 
ATOM   276  N  N   . GLU A 1 37  ? -14.951 4.089   -5.706  1.00 10.11  ? 37   GLU A N   1 
ATOM   277  C  CA  . GLU A 1 37  ? -15.053 3.932   -7.150  1.00 11.01  ? 37   GLU A CA  1 
ATOM   278  C  C   . GLU A 1 37  ? -13.846 3.164   -7.669  1.00 10.12  ? 37   GLU A C   1 
ATOM   279  O  O   . GLU A 1 37  ? -12.833 3.025   -6.971  1.00 10.08  ? 37   GLU A O   1 
ATOM   280  C  CB  . GLU A 1 37  ? -15.160 5.301   -7.835  1.00 11.29  ? 37   GLU A CB  1 
ATOM   281  C  CG  . GLU A 1 37  ? -13.908 6.170   -7.719  1.00 13.40  ? 37   GLU A CG  1 
ATOM   282  C  CD  . GLU A 1 37  ? -14.096 7.556   -8.299  1.00 14.15  ? 37   GLU A CD  1 
ATOM   283  O  OE1 . GLU A 1 37  ? -14.970 8.302   -7.809  1.00 19.18  ? 37   GLU A OE1 1 
ATOM   284  O  OE2 . GLU A 1 37  ? -13.358 7.900   -9.241  1.00 20.90  ? 37   GLU A OE2 1 
ATOM   285  N  N   . VAL A 1 38  ? -13.951 2.657   -8.892  1.00 9.51   ? 38   VAL A N   1 
ATOM   286  C  CA  . VAL A 1 38  ? -12.826 2.009   -9.546  1.00 9.49   ? 38   VAL A CA  1 
ATOM   287  C  C   . VAL A 1 38  ? -11.718 3.029   -9.814  1.00 9.06   ? 38   VAL A C   1 
ATOM   288  O  O   . VAL A 1 38  ? -11.993 4.172   -10.200 1.00 9.62   ? 38   VAL A O   1 
ATOM   289  C  CB  . VAL A 1 38  ? -13.258 1.354   -10.895 1.00 9.33   ? 38   VAL A CB  1 
ATOM   290  C  CG1 . VAL A 1 38  ? -12.059 0.821   -11.683 1.00 9.66   ? 38   VAL A CG1 1 
ATOM   291  C  CG2 . VAL A 1 38  ? -14.261 0.241   -10.654 1.00 11.63  ? 38   VAL A CG2 1 
ATOM   292  N  N   . GLY A 1 39  ? -10.466 2.632   -9.589  1.00 8.81   ? 39   GLY A N   1 
ATOM   293  C  CA  . GLY A 1 39  ? -9.346  3.366   -10.177 1.00 8.76   ? 39   GLY A CA  1 
ATOM   294  C  C   . GLY A 1 39  ? -8.617  4.394   -9.343  1.00 8.66   ? 39   GLY A C   1 
ATOM   295  O  O   . GLY A 1 39  ? -7.621  4.945   -9.806  1.00 8.94   ? 39   GLY A O   1 
ATOM   296  N  N   . GLY A 1 40  ? -9.083  4.673   -8.128  1.00 7.98   ? 40   GLY A N   1 
ATOM   297  C  CA  . GLY A 1 40  ? -8.292  5.516   -7.237  1.00 7.62   ? 40   GLY A CA  1 
ATOM   298  C  C   . GLY A 1 40  ? -6.956  4.862   -6.970  1.00 7.08   ? 40   GLY A C   1 
ATOM   299  O  O   . GLY A 1 40  ? -6.813  3.633   -7.075  1.00 7.22   ? 40   GLY A O   1 
ATOM   300  N  N   . TYR A 1 41  ? -5.950  5.660   -6.630  1.00 7.15   ? 41   TYR A N   1 
ATOM   301  C  CA  . TYR A 1 41  ? -4.665  5.069   -6.304  1.00 7.47   ? 41   TYR A CA  1 
ATOM   302  C  C   . TYR A 1 41  ? -3.852  5.858   -5.317  1.00 7.30   ? 41   TYR A C   1 
ATOM   303  O  O   . TYR A 1 41  ? -4.085  7.047   -5.109  1.00 7.22   ? 41   TYR A O   1 
ATOM   304  C  CB  . TYR A 1 41  ? -3.819  4.784   -7.560  1.00 8.21   ? 41   TYR A CB  1 
ATOM   305  C  CG  . TYR A 1 41  ? -3.338  5.981   -8.368  1.00 9.13   ? 41   TYR A CG  1 
ATOM   306  C  CD1 . TYR A 1 41  ? -2.254  6.761   -7.943  1.00 9.11   ? 41   TYR A CD1 1 
ATOM   307  C  CD2 . TYR A 1 41  ? -3.925  6.282   -9.595  1.00 10.75  ? 41   TYR A CD2 1 
ATOM   308  C  CE1 . TYR A 1 41  ? -1.802  7.854   -8.715  1.00 10.23  ? 41   TYR A CE1 1 
ATOM   309  C  CE2 . TYR A 1 41  ? -3.475  7.348   -10.369 1.00 11.55  ? 41   TYR A CE2 1 
ATOM   310  C  CZ  . TYR A 1 41  ? -2.421  8.125   -9.926  1.00 10.65  ? 41   TYR A CZ  1 
ATOM   311  O  OH  . TYR A 1 41  ? -2.005  9.189   -10.711 1.00 13.78  ? 41   TYR A OH  1 
ATOM   312  N  N   A ILE A 1 42  ? -2.896  5.165   -4.706  0.50 7.11   ? 42   ILE A N   1 
ATOM   313  N  N   B ILE A 1 42  ? -2.907  5.156   -4.698  0.50 7.04   ? 42   ILE A N   1 
ATOM   314  C  CA  A ILE A 1 42  ? -1.874  5.773   -3.864  0.50 7.79   ? 42   ILE A CA  1 
ATOM   315  C  CA  B ILE A 1 42  ? -1.873  5.735   -3.854  0.50 7.61   ? 42   ILE A CA  1 
ATOM   316  C  C   A ILE A 1 42  ? -0.520  5.347   -4.418  0.50 7.63   ? 42   ILE A C   1 
ATOM   317  C  C   B ILE A 1 42  ? -0.550  5.371   -4.511  0.50 7.54   ? 42   ILE A C   1 
ATOM   318  O  O   A ILE A 1 42  ? -0.322  4.186   -4.794  0.50 7.68   ? 42   ILE A O   1 
ATOM   319  O  O   B ILE A 1 42  ? -0.398  4.262   -5.032  0.50 7.55   ? 42   ILE A O   1 
ATOM   320  C  CB  A ILE A 1 42  ? -2.003  5.356   -2.376  0.50 7.64   ? 42   ILE A CB  1 
ATOM   321  C  CB  B ILE A 1 42  ? -1.860  5.111   -2.446  0.50 7.42   ? 42   ILE A CB  1 
ATOM   322  C  CG1 A ILE A 1 42  ? -1.733  3.857   -2.197  0.50 8.24   ? 42   ILE A CG1 1 
ATOM   323  C  CG1 B ILE A 1 42  ? -3.217  5.243   -1.765  0.50 7.95   ? 42   ILE A CG1 1 
ATOM   324  C  CG2 A ILE A 1 42  ? -3.364  5.767   -1.830  0.50 8.51   ? 42   ILE A CG2 1 
ATOM   325  C  CG2 B ILE A 1 42  ? -0.797  5.764   -1.579  0.50 8.53   ? 42   ILE A CG2 1 
ATOM   326  C  CD1 A ILE A 1 42  ? -2.008  3.327   -0.800  0.50 8.22   ? 42   ILE A CD1 1 
ATOM   327  C  CD1 B ILE A 1 42  ? -3.277  4.501   -0.442  0.50 8.13   ? 42   ILE A CD1 1 
ATOM   328  N  N   . GLU A 1 43  ? 0.404   6.299   -4.485  1.00 8.00   ? 43   GLU A N   1 
ATOM   329  C  CA  . GLU A 1 43  ? 1.710   6.055   -5.070  1.00 8.30   ? 43   GLU A CA  1 
ATOM   330  C  C   . GLU A 1 43  ? 2.786   6.640   -4.185  1.00 8.60   ? 43   GLU A C   1 
ATOM   331  O  O   . GLU A 1 43  ? 2.679   7.780   -3.743  1.00 9.25   ? 43   GLU A O   1 
ATOM   332  C  CB  . GLU A 1 43  ? 1.766   6.692   -6.451  1.00 8.74   ? 43   GLU A CB  1 
ATOM   333  C  CG  . GLU A 1 43  ? 3.066   6.500   -7.181  1.00 9.57   ? 43   GLU A CG  1 
ATOM   334  C  CD  . GLU A 1 43  ? 2.969   7.014   -8.588  1.00 10.41  ? 43   GLU A CD  1 
ATOM   335  O  OE1 . GLU A 1 43  ? 2.396   6.306   -9.442  1.00 9.47   ? 43   GLU A OE1 1 
ATOM   336  O  OE2 . GLU A 1 43  ? 3.481   8.130   -8.856  1.00 12.37  ? 43   GLU A OE2 1 
ATOM   337  N  N   . TRP A 1 44  ? 3.829   5.857   -3.937  1.00 8.65   ? 44   TRP A N   1 
ATOM   338  C  CA  . TRP A 1 44  ? 4.980   6.354   -3.211  1.00 8.60   ? 44   TRP A CA  1 
ATOM   339  C  C   . TRP A 1 44  ? 6.244   6.211   -4.032  1.00 8.81   ? 44   TRP A C   1 
ATOM   340  O  O   . TRP A 1 44  ? 6.397   5.265   -4.814  1.00 8.98   ? 44   TRP A O   1 
ATOM   341  C  CB  . TRP A 1 44  ? 5.182   5.572   -1.918  1.00 8.71   ? 44   TRP A CB  1 
ATOM   342  C  CG  . TRP A 1 44  ? 4.300   5.933   -0.773  1.00 8.94   ? 44   TRP A CG  1 
ATOM   343  C  CD1 . TRP A 1 44  ? 4.454   6.983   0.090   1.00 9.73   ? 44   TRP A CD1 1 
ATOM   344  C  CD2 . TRP A 1 44  ? 3.170   5.193   -0.308  1.00 8.42   ? 44   TRP A CD2 1 
ATOM   345  N  NE1 . TRP A 1 44  ? 3.474   6.950   1.052   1.00 9.65   ? 44   TRP A NE1 1 
ATOM   346  C  CE2 . TRP A 1 44  ? 2.674   5.861   0.832   1.00 8.79   ? 44   TRP A CE2 1 
ATOM   347  C  CE3 . TRP A 1 44  ? 2.522   4.032   -0.750  1.00 9.51   ? 44   TRP A CE3 1 
ATOM   348  C  CZ2 . TRP A 1 44  ? 1.571   5.408   1.539   1.00 9.63   ? 44   TRP A CZ2 1 
ATOM   349  C  CZ3 . TRP A 1 44  ? 1.420   3.585   -0.044  1.00 9.19   ? 44   TRP A CZ3 1 
ATOM   350  C  CH2 . TRP A 1 44  ? 0.956   4.275   1.086   1.00 8.86   ? 44   TRP A CH2 1 
ATOM   351  N  N   . ASN A 1 45  ? 7.152   7.162   -3.829  1.00 9.20   ? 45   ASN A N   1 
ATOM   352  C  CA  . ASN A 1 45  ? 8.511   7.064   -4.329  1.00 10.09  ? 45   ASN A CA  1 
ATOM   353  C  C   . ASN A 1 45  ? 9.377   6.405   -3.266  1.00 10.24  ? 45   ASN A C   1 
ATOM   354  O  O   . ASN A 1 45  ? 9.708   7.005   -2.244  1.00 11.16  ? 45   ASN A O   1 
ATOM   355  C  CB  . ASN A 1 45  ? 9.029   8.453   -4.698  1.00 10.26  ? 45   ASN A CB  1 
ATOM   356  C  CG  . ASN A 1 45  ? 8.389   8.988   -5.950  1.00 11.78  ? 45   ASN A CG  1 
ATOM   357  O  OD1 . ASN A 1 45  ? 8.332   8.307   -6.970  1.00 11.74  ? 45   ASN A OD1 1 
ATOM   358  N  ND2 . ASN A 1 45  ? 7.913   10.232  -5.884  1.00 15.45  ? 45   ASN A ND2 1 
ATOM   359  N  N   . VAL A 1 46  ? 9.706   5.140   -3.508  1.00 9.66   ? 46   VAL A N   1 
ATOM   360  C  CA  . VAL A 1 46  ? 10.360  4.298   -2.513  1.00 10.16  ? 46   VAL A CA  1 
ATOM   361  C  C   . VAL A 1 46  ? 11.825  4.102   -2.868  1.00 10.47  ? 46   VAL A C   1 
ATOM   362  O  O   . VAL A 1 46  ? 12.156  3.706   -3.983  1.00 10.55  ? 46   VAL A O   1 
ATOM   363  C  CB  . VAL A 1 46  ? 9.626   2.938   -2.398  1.00 9.76   ? 46   VAL A CB  1 
ATOM   364  C  CG1 . VAL A 1 46  ? 10.385  1.953   -1.496  1.00 9.87   ? 46   VAL A CG1 1 
ATOM   365  C  CG2 . VAL A 1 46  ? 8.233   3.156   -1.841  1.00 9.95   ? 46   VAL A CG2 1 
ATOM   366  N  N   . ASN A 1 47  ? 12.686  4.412   -1.901  1.00 11.33  ? 47   ASN A N   1 
ATOM   367  C  CA  . ASN A 1 47  ? 14.119  4.225   -2.065  1.00 12.42  ? 47   ASN A CA  1 
ATOM   368  C  C   . ASN A 1 47  ? 14.532  2.787   -1.782  1.00 12.86  ? 47   ASN A C   1 
ATOM   369  O  O   . ASN A 1 47  ? 14.075  2.183   -0.814  1.00 13.64  ? 47   ASN A O   1 
ATOM   370  C  CB  . ASN A 1 47  ? 14.873  5.170   -1.124  1.00 12.95  ? 47   ASN A CB  1 
ATOM   371  C  CG  . ASN A 1 47  ? 16.375  4.945   -1.146  1.00 14.18  ? 47   ASN A CG  1 
ATOM   372  O  OD1 . ASN A 1 47  ? 16.962  4.484   -0.170  1.00 17.63  ? 47   ASN A OD1 1 
ATOM   373  N  ND2 . ASN A 1 47  ? 16.995  5.266   -2.264  1.00 13.57  ? 47   ASN A ND2 1 
ATOM   374  N  N   . ALA A 1 48  ? 15.394  2.251   -2.636  1.00 13.10  ? 48   ALA A N   1 
ATOM   375  C  CA  . ALA A 1 48  ? 16.057  0.978   -2.360  1.00 13.69  ? 48   ALA A CA  1 
ATOM   376  C  C   . ALA A 1 48  ? 17.559  1.249   -2.304  1.00 14.67  ? 48   ALA A C   1 
ATOM   377  O  O   . ALA A 1 48  ? 18.150  1.648   -3.313  1.00 14.68  ? 48   ALA A O   1 
ATOM   378  C  CB  . ALA A 1 48  ? 15.724  -0.053  -3.435  1.00 14.07  ? 48   ALA A CB  1 
ATOM   379  N  N   . PRO A 1 49  ? 18.184  1.059   -1.122  1.00 15.41  ? 49   PRO A N   1 
ATOM   380  C  CA  . PRO A 1 49  ? 19.633  1.295   -1.006  1.00 16.03  ? 49   PRO A CA  1 
ATOM   381  C  C   . PRO A 1 49  ? 20.439  0.417   -1.952  1.00 16.61  ? 49   PRO A C   1 
ATOM   382  O  O   . PRO A 1 49  ? 21.508  0.822   -2.412  1.00 17.29  ? 49   PRO A O   1 
ATOM   383  C  CB  . PRO A 1 49  ? 19.934  0.920   0.446   1.00 16.34  ? 49   PRO A CB  1 
ATOM   384  C  CG  . PRO A 1 49  ? 18.641  1.079   1.156   1.00 16.61  ? 49   PRO A CG  1 
ATOM   385  C  CD  . PRO A 1 49  ? 17.594  0.662   0.168   1.00 15.53  ? 49   PRO A CD  1 
ATOM   386  N  N   . SER A 1 50  ? 19.922  -0.775  -2.230  1.00 16.57  ? 50   SER A N   1 
ATOM   387  C  CA  . SER A 1 50  ? 20.532  -1.700  -3.168  1.00 17.03  ? 50   SER A CA  1 
ATOM   388  C  C   . SER A 1 50  ? 19.444  -2.444  -3.923  1.00 16.70  ? 50   SER A C   1 
ATOM   389  O  O   . SER A 1 50  ? 18.320  -2.588  -3.430  1.00 16.15  ? 50   SER A O   1 
ATOM   390  C  CB  . SER A 1 50  ? 21.444  -2.695  -2.434  1.00 17.20  ? 50   SER A CB  1 
ATOM   391  O  OG  . SER A 1 50  ? 20.766  -3.323  -1.361  1.00 20.10  ? 50   SER A OG  1 
ATOM   392  N  N   . SER A 1 51  ? 19.767  -2.899  -5.126  1.00 16.66  ? 51   SER A N   1 
ATOM   393  C  CA  . SER A 1 51  ? 18.830  -3.695  -5.899  1.00 16.66  ? 51   SER A CA  1 
ATOM   394  C  C   . SER A 1 51  ? 18.608  -5.020  -5.195  1.00 16.33  ? 51   SER A C   1 
ATOM   395  O  O   . SER A 1 51  ? 19.534  -5.587  -4.613  1.00 16.71  ? 51   SER A O   1 
ATOM   396  C  CB  . SER A 1 51  ? 19.336  -3.918  -7.318  1.00 17.25  ? 51   SER A CB  1 
ATOM   397  O  OG  . SER A 1 51  ? 19.492  -2.677  -7.982  1.00 18.63  ? 51   SER A OG  1 
ATOM   398  N  N   . GLY A 1 52  ? 17.375  -5.502  -5.226  1.00 15.36  ? 52   GLY A N   1 
ATOM   399  C  CA  . GLY A 1 52  ? 17.065  -6.778  -4.599  1.00 14.56  ? 52   GLY A CA  1 
ATOM   400  C  C   . GLY A 1 52  ? 15.626  -6.884  -4.152  1.00 14.09  ? 52   GLY A C   1 
ATOM   401  O  O   . GLY A 1 52  ? 14.777  -6.082  -4.548  1.00 13.85  ? 52   GLY A O   1 
ATOM   402  N  N   A SER A 1 53  ? 15.353  -7.883  -3.318  0.50 13.49  ? 53   SER A N   1 
ATOM   403  N  N   B SER A 1 53  ? 15.367  -7.870  -3.301  0.50 13.51  ? 53   SER A N   1 
ATOM   404  C  CA  A SER A 1 53  ? 13.989  -8.187  -2.895  0.50 13.07  ? 53   SER A CA  1 
ATOM   405  C  CA  B SER A 1 53  ? 14.016  -8.202  -2.873  0.50 13.11  ? 53   SER A CA  1 
ATOM   406  C  C   A SER A 1 53  ? 13.632  -7.440  -1.617  0.50 12.52  ? 53   SER A C   1 
ATOM   407  C  C   B SER A 1 53  ? 13.637  -7.438  -1.606  0.50 12.54  ? 53   SER A C   1 
ATOM   408  O  O   A SER A 1 53  ? 14.400  -7.427  -0.653  0.50 12.47  ? 53   SER A O   1 
ATOM   409  O  O   B SER A 1 53  ? 14.396  -7.411  -0.635  0.50 12.49  ? 53   SER A O   1 
ATOM   410  C  CB  A SER A 1 53  ? 13.814  -9.693  -2.698  0.50 13.25  ? 53   SER A CB  1 
ATOM   411  C  CB  B SER A 1 53  ? 13.914  -9.709  -2.645  0.50 13.33  ? 53   SER A CB  1 
ATOM   412  O  OG  A SER A 1 53  ? 14.291  -10.412 -3.820  0.50 14.14  ? 53   SER A OG  1 
ATOM   413  O  OG  B SER A 1 53  ? 12.612  -10.082 -2.254  0.50 14.21  ? 53   SER A OG  1 
ATOM   414  N  N   . TYR A 1 54  ? 12.460  -6.812  -1.629  1.00 11.84  ? 54   TYR A N   1 
ATOM   415  C  CA  . TYR A 1 54  ? 11.976  -6.032  -0.493  1.00 11.38  ? 54   TYR A CA  1 
ATOM   416  C  C   . TYR A 1 54  ? 10.563  -6.439  -0.160  1.00 10.93  ? 54   TYR A C   1 
ATOM   417  O  O   . TYR A 1 54  ? 9.762   -6.701  -1.054  1.00 11.32  ? 54   TYR A O   1 
ATOM   418  C  CB  . TYR A 1 54  ? 12.000  -4.530  -0.803  1.00 11.93  ? 54   TYR A CB  1 
ATOM   419  C  CG  . TYR A 1 54  ? 13.395  -3.960  -0.856  1.00 11.69  ? 54   TYR A CG  1 
ATOM   420  C  CD1 . TYR A 1 54  ? 13.915  -3.252  0.217   1.00 11.56  ? 54   TYR A CD1 1 
ATOM   421  C  CD2 . TYR A 1 54  ? 14.193  -4.140  -1.981  1.00 11.83  ? 54   TYR A CD2 1 
ATOM   422  C  CE1 . TYR A 1 54  ? 15.213  -2.740  0.178   1.00 12.81  ? 54   TYR A CE1 1 
ATOM   423  C  CE2 . TYR A 1 54  ? 15.485  -3.628  -2.033  1.00 12.79  ? 54   TYR A CE2 1 
ATOM   424  C  CZ  . TYR A 1 54  ? 15.984  -2.930  -0.950  1.00 13.17  ? 54   TYR A CZ  1 
ATOM   425  O  OH  . TYR A 1 54  ? 17.273  -2.418  -0.995  1.00 13.96  ? 54   TYR A OH  1 
ATOM   426  N  N   . ALA A 1 55  ? 10.263  -6.470  1.131   1.00 10.23  ? 55   ALA A N   1 
ATOM   427  C  CA  . ALA A 1 55  ? 8.886   -6.585  1.587   1.00 10.34  ? 55   ALA A CA  1 
ATOM   428  C  C   . ALA A 1 55  ? 8.222   -5.215  1.492   1.00 9.95   ? 55   ALA A C   1 
ATOM   429  O  O   . ALA A 1 55  ? 8.808   -4.203  1.890   1.00 10.15  ? 55   ALA A O   1 
ATOM   430  C  CB  . ALA A 1 55  ? 8.837   -7.106  3.005   1.00 10.92  ? 55   ALA A CB  1 
ATOM   431  N  N   . LEU A 1 56  ? 7.017   -5.214  0.930   1.00 9.64   ? 56   LEU A N   1 
ATOM   432  C  CA  . LEU A 1 56  ? 6.162   -4.036  0.843   1.00 9.72   ? 56   LEU A CA  1 
ATOM   433  C  C   . LEU A 1 56  ? 4.912   -4.385  1.628   1.00 9.54   ? 56   LEU A C   1 
ATOM   434  O  O   . LEU A 1 56  ? 4.118   -5.216  1.193   1.00 9.33   ? 56   LEU A O   1 
ATOM   435  C  CB  . LEU A 1 56  ? 5.796   -3.747  -0.619  1.00 9.93   ? 56   LEU A CB  1 
ATOM   436  C  CG  . LEU A 1 56  ? 6.937   -3.737  -1.643  1.00 11.03  ? 56   LEU A CG  1 
ATOM   437  C  CD1 . LEU A 1 56  ? 6.399   -3.494  -3.051  1.00 12.52  ? 56   LEU A CD1 1 
ATOM   438  C  CD2 . LEU A 1 56  ? 7.967   -2.691  -1.266  1.00 12.75  ? 56   LEU A CD2 1 
ATOM   439  N  N   . ILE A 1 57  ? 4.766   -3.773  2.796   1.00 9.73   ? 57   ILE A N   1 
ATOM   440  C  CA  . ILE A 1 57  ? 3.656   -4.076  3.688   1.00 10.42  ? 57   ILE A CA  1 
ATOM   441  C  C   . ILE A 1 57  ? 2.758   -2.854  3.840   1.00 9.67   ? 57   ILE A C   1 
ATOM   442  O  O   . ILE A 1 57  ? 3.205   -1.790  4.269   1.00 9.84   ? 57   ILE A O   1 
ATOM   443  C  CB  . ILE A 1 57  ? 4.144   -4.552  5.076   1.00 10.73  ? 57   ILE A CB  1 
ATOM   444  C  CG1 . ILE A 1 57  ? 4.970   -5.842  4.945   1.00 12.34  ? 57   ILE A CG1 1 
ATOM   445  C  CG2 . ILE A 1 57  ? 2.962   -4.753  6.017   1.00 12.86  ? 57   ILE A CG2 1 
ATOM   446  C  CD1 . ILE A 1 57  ? 5.444   -6.427  6.287   1.00 12.78  ? 57   ILE A CD1 1 
ATOM   447  N  N   . PHE A 1 58  ? 1.488   -3.013  3.485   1.00 9.03   ? 58   PHE A N   1 
ATOM   448  C  CA  . PHE A 1 58  ? 0.493   -1.962  3.684   1.00 8.42   ? 58   PHE A CA  1 
ATOM   449  C  C   . PHE A 1 58  ? -0.207  -2.212  5.006   1.00 8.65   ? 58   PHE A C   1 
ATOM   450  O  O   . PHE A 1 58  ? -0.703  -3.313  5.249   1.00 9.58   ? 58   PHE A O   1 
ATOM   451  C  CB  . PHE A 1 58  ? -0.554  -1.995  2.567   1.00 9.13   ? 58   PHE A CB  1 
ATOM   452  C  CG  . PHE A 1 58  ? 0.009   -1.778  1.193   1.00 9.00   ? 58   PHE A CG  1 
ATOM   453  C  CD1 . PHE A 1 58  ? 0.090   -0.498  0.651   1.00 12.07  ? 58   PHE A CD1 1 
ATOM   454  C  CD2 . PHE A 1 58  ? 0.443   -2.857  0.427   1.00 10.38  ? 58   PHE A CD2 1 
ATOM   455  C  CE1 . PHE A 1 58  ? 0.602   -0.298  -0.633  1.00 12.30  ? 58   PHE A CE1 1 
ATOM   456  C  CE2 . PHE A 1 58  ? 0.955   -2.668  -0.852  1.00 11.31  ? 58   PHE A CE2 1 
ATOM   457  C  CZ  . PHE A 1 58  ? 1.034   -1.387  -1.390  1.00 10.91  ? 58   PHE A CZ  1 
ATOM   458  N  N   . ARG A 1 59  ? -0.243  -1.209  5.871   1.00 8.17   ? 59   ARG A N   1 
ATOM   459  C  CA  . ARG A 1 59  ? -1.102  -1.272  7.041   1.00 8.10   ? 59   ARG A CA  1 
ATOM   460  C  C   . ARG A 1 59  ? -2.431  -0.657  6.632   1.00 7.75   ? 59   ARG A C   1 
ATOM   461  O  O   . ARG A 1 59  ? -2.468  0.471   6.163   1.00 8.28   ? 59   ARG A O   1 
ATOM   462  C  CB  . ARG A 1 59  ? -0.477  -0.541  8.225   1.00 7.83   ? 59   ARG A CB  1 
ATOM   463  C  CG  . ARG A 1 59  ? -1.295  -0.643  9.508   1.00 8.43   ? 59   ARG A CG  1 
ATOM   464  C  CD  . ARG A 1 59  ? -0.520  -0.157  10.722  1.00 9.52   ? 59   ARG A CD  1 
ATOM   465  N  NE  . ARG A 1 59  ? -1.209  -0.457  11.979  1.00 10.39  ? 59   ARG A NE  1 
ATOM   466  C  CZ  . ARG A 1 59  ? -1.998  0.390   12.638  1.00 10.91  ? 59   ARG A CZ  1 
ATOM   467  N  NH1 . ARG A 1 59  ? -2.571  0.019   13.779  1.00 13.00  ? 59   ARG A NH1 1 
ATOM   468  N  NH2 . ARG A 1 59  ? -2.228  1.609   12.162  1.00 10.13  ? 59   ARG A NH2 1 
ATOM   469  N  N   . TYR A 1 60  ? -3.522  -1.403  6.804   1.00 7.77   ? 60   TYR A N   1 
ATOM   470  C  CA  . TYR A 1 60  ? -4.794  -1.041  6.193   1.00 7.66   ? 60   TYR A CA  1 
ATOM   471  C  C   . TYR A 1 60  ? -5.985  -1.413  7.068   1.00 7.56   ? 60   TYR A C   1 
ATOM   472  O  O   . TYR A 1 60  ? -5.866  -2.255  7.963   1.00 7.82   ? 60   TYR A O   1 
ATOM   473  C  CB  . TYR A 1 60  ? -4.917  -1.715  4.816   1.00 7.74   ? 60   TYR A CB  1 
ATOM   474  C  CG  . TYR A 1 60  ? -5.398  -3.143  4.900   1.00 7.26   ? 60   TYR A CG  1 
ATOM   475  C  CD1 . TYR A 1 60  ? -6.745  -3.441  4.736   1.00 7.43   ? 60   TYR A CD1 1 
ATOM   476  C  CD2 . TYR A 1 60  ? -4.515  -4.186  5.158   1.00 7.76   ? 60   TYR A CD2 1 
ATOM   477  C  CE1 . TYR A 1 60  ? -7.207  -4.742  4.825   1.00 8.05   ? 60   TYR A CE1 1 
ATOM   478  C  CE2 . TYR A 1 60  ? -4.974  -5.505  5.252   1.00 8.16   ? 60   TYR A CE2 1 
ATOM   479  C  CZ  . TYR A 1 60  ? -6.317  -5.758  5.079   1.00 8.36   ? 60   TYR A CZ  1 
ATOM   480  O  OH  . TYR A 1 60  ? -6.804  -7.045  5.175   1.00 9.19   ? 60   TYR A OH  1 
ATOM   481  N  N   . ALA A 1 61  ? -7.127  -0.789  6.795   1.00 7.79   ? 61   ALA A N   1 
ATOM   482  C  CA  . ALA A 1 61  ? -8.379  -1.176  7.418   1.00 7.55   ? 61   ALA A CA  1 
ATOM   483  C  C   . ALA A 1 61  ? -9.423  -1.391  6.350   1.00 7.96   ? 61   ALA A C   1 
ATOM   484  O  O   . ALA A 1 61  ? -9.435  -0.710  5.332   1.00 8.20   ? 61   ALA A O   1 
ATOM   485  C  CB  . ALA A 1 61  ? -8.842  -0.124  8.429   1.00 7.96   ? 61   ALA A CB  1 
ATOM   486  N  N   . ASN A 1 62  ? -10.307 -2.354  6.585   1.00 7.80   ? 62   ASN A N   1 
ATOM   487  C  CA  . ASN A 1 62  ? -11.428 -2.615  5.690   1.00 8.35   ? 62   ASN A CA  1 
ATOM   488  C  C   . ASN A 1 62  ? -12.610 -3.029  6.550   1.00 8.76   ? 62   ASN A C   1 
ATOM   489  O  O   . ASN A 1 62  ? -12.729 -4.192  6.957   1.00 8.76   ? 62   ASN A O   1 
ATOM   490  C  CB  . ASN A 1 62  ? -11.071 -3.682  4.650   1.00 8.14   ? 62   ASN A CB  1 
ATOM   491  C  CG  . ASN A 1 62  ? -12.224 -3.999  3.716   1.00 7.75   ? 62   ASN A CG  1 
ATOM   492  O  OD1 . ASN A 1 62  ? -13.307 -3.427  3.847   1.00 8.05   ? 62   ASN A OD1 1 
ATOM   493  N  ND2 . ASN A 1 62  ? -12.008 -4.935  2.792   1.00 9.09   ? 62   ASN A ND2 1 
ATOM   494  N  N   . GLY A 1 63  ? -13.482 -2.062  6.819   1.00 9.14   ? 63   GLY A N   1 
ATOM   495  C  CA  . GLY A 1 63  ? -14.622 -2.284  7.704   1.00 10.24  ? 63   GLY A CA  1 
ATOM   496  C  C   . GLY A 1 63  ? -15.854 -2.791  6.986   1.00 11.20  ? 63   GLY A C   1 
ATOM   497  O  O   . GLY A 1 63  ? -16.942 -2.774  7.549   1.00 12.80  ? 63   GLY A O   1 
ATOM   498  N  N   . THR A 1 64  ? -15.683 -3.236  5.744   1.00 10.94  ? 64   THR A N   1 
ATOM   499  C  CA  . THR A 1 64  ? -16.750 -3.938  5.038   1.00 11.74  ? 64   THR A CA  1 
ATOM   500  C  C   . THR A 1 64  ? -16.433 -5.426  5.032   1.00 12.43  ? 64   THR A C   1 
ATOM   501  O  O   . THR A 1 64  ? -15.317 -5.839  5.334   1.00 12.97  ? 64   THR A O   1 
ATOM   502  C  CB  . THR A 1 64  ? -16.928 -3.456  3.579   1.00 11.71  ? 64   THR A CB  1 
ATOM   503  O  OG1 . THR A 1 64  ? -15.913 -4.031  2.745   1.00 11.64  ? 64   THR A OG1 1 
ATOM   504  C  CG2 . THR A 1 64  ? -16.899 -1.923  3.475   1.00 12.06  ? 64   THR A CG2 1 
ATOM   505  N  N   . THR A 1 65  ? -17.410 -6.236  4.653   1.00 12.68  ? 65   THR A N   1 
ATOM   506  C  CA  . THR A 1 65  ? -17.190 -7.671  4.589   1.00 13.75  ? 65   THR A CA  1 
ATOM   507  C  C   . THR A 1 65  ? -16.433 -8.083  3.317   1.00 12.87  ? 65   THR A C   1 
ATOM   508  O  O   . THR A 1 65  ? -15.819 -9.148  3.269   1.00 13.92  ? 65   THR A O   1 
ATOM   509  C  CB  . THR A 1 65  ? -18.525 -8.446  4.740   1.00 13.79  ? 65   THR A CB  1 
ATOM   510  O  OG1 . THR A 1 65  ? -18.321 -9.844  4.501   1.00 18.01  ? 65   THR A OG1 1 
ATOM   511  C  CG2 . THR A 1 65  ? -19.592 -7.890  3.806   1.00 16.49  ? 65   THR A CG2 1 
ATOM   512  N  N   . ALA A 1 66  ? -16.437 -7.216  2.307   1.00 11.58  ? 66   ALA A N   1 
ATOM   513  C  CA  . ALA A 1 66  ? -15.921 -7.589  0.996   1.00 10.80  ? 66   ALA A CA  1 
ATOM   514  C  C   . ALA A 1 66  ? -14.462 -7.193  0.799   1.00 10.37  ? 66   ALA A C   1 
ATOM   515  O  O   . ALA A 1 66  ? -14.034 -6.100  1.186   1.00 10.25  ? 66   ALA A O   1 
ATOM   516  C  CB  . ALA A 1 66  ? -16.774 -6.991  -0.096  1.00 11.02  ? 66   ALA A CB  1 
ATOM   517  N  N   . ASN A 1 67  ? -13.723 -8.098  0.176   1.00 9.43   ? 67   ASN A N   1 
ATOM   518  C  CA  . ASN A 1 67  ? -12.346 -7.866  -0.236  1.00 9.04   ? 67   ASN A CA  1 
ATOM   519  C  C   . ASN A 1 67  ? -12.277 -6.625  -1.121  1.00 8.57   ? 67   ASN A C   1 
ATOM   520  O  O   . ASN A 1 67  ? -13.129 -6.426  -1.994  1.00 7.77   ? 67   ASN A O   1 
ATOM   521  C  CB  . ASN A 1 67  ? -11.858 -9.094  -1.011  1.00 9.51   ? 67   ASN A CB  1 
ATOM   522  C  CG  . ASN A 1 67  ? -10.395 -9.015  -1.390  1.00 9.90   ? 67   ASN A CG  1 
ATOM   523  O  OD1 . ASN A 1 67  ? -9.605  -8.323  -0.745  1.00 10.96  ? 67   ASN A OD1 1 
ATOM   524  N  ND2 . ASN A 1 67  ? -10.020 -9.725  -2.446  1.00 11.10  ? 67   ASN A ND2 1 
ATOM   525  N  N   . ARG A 1 68  ? -11.256 -5.796  -0.893  1.00 7.73   ? 68   ARG A N   1 
ATOM   526  C  CA  . ARG A 1 68  ? -11.013 -4.606  -1.716  1.00 7.87   ? 68   ARG A CA  1 
ATOM   527  C  C   . ARG A 1 68  ? -9.672  -4.777  -2.420  1.00 8.06   ? 68   ARG A C   1 
ATOM   528  O  O   . ARG A 1 68  ? -8.653  -4.241  -1.971  1.00 7.87   ? 68   ARG A O   1 
ATOM   529  C  CB  . ARG A 1 68  ? -11.021 -3.343  -0.849  1.00 7.86   ? 68   ARG A CB  1 
ATOM   530  C  CG  . ARG A 1 68  ? -12.418 -2.992  -0.365  1.00 7.37   ? 68   ARG A CG  1 
ATOM   531  C  CD  . ARG A 1 68  ? -12.465 -1.638  0.314   1.00 8.93   ? 68   ARG A CD  1 
ATOM   532  N  NE  . ARG A 1 68  ? -13.836 -1.198  0.562   1.00 9.62   ? 68   ARG A NE  1 
ATOM   533  C  CZ  . ARG A 1 68  ? -14.145 -0.004  1.055   1.00 9.37   ? 68   ARG A CZ  1 
ATOM   534  N  NH1 . ARG A 1 68  ? -13.180 0.863   1.358   1.00 10.47  ? 68   ARG A NH1 1 
ATOM   535  N  NH2 . ARG A 1 68  ? -15.416 0.327   1.246   1.00 10.63  ? 68   ARG A NH2 1 
ATOM   536  N  N   . PRO A 1 69  ? -9.665  -5.544  -3.519  1.00 7.34   ? 69   PRO A N   1 
ATOM   537  C  CA  . PRO A 1 69  ? -8.409  -5.891  -4.167  1.00 7.89   ? 69   PRO A CA  1 
ATOM   538  C  C   . PRO A 1 69  ? -7.779  -4.697  -4.876  1.00 7.57   ? 69   PRO A C   1 
ATOM   539  O  O   . PRO A 1 69  ? -8.482  -3.774  -5.324  1.00 7.82   ? 69   PRO A O   1 
ATOM   540  C  CB  . PRO A 1 69  ? -8.822  -6.983  -5.164  1.00 8.29   ? 69   PRO A CB  1 
ATOM   541  C  CG  . PRO A 1 69  ? -10.241 -6.650  -5.496  1.00 8.48   ? 69   PRO A CG  1 
ATOM   542  C  CD  . PRO A 1 69  ? -10.824 -6.148  -4.213  1.00 8.07   ? 69   PRO A CD  1 
ATOM   543  N  N   . MET A 1 70  ? -6.452  -4.709  -4.953  1.00 7.47   ? 70   MET A N   1 
ATOM   544  C  CA  . MET A 1 70  ? -5.725  -3.641  -5.633  1.00 7.40   ? 70   MET A CA  1 
ATOM   545  C  C   . MET A 1 70  ? -4.651  -4.187  -6.539  1.00 7.38   ? 70   MET A C   1 
ATOM   546  O  O   . MET A 1 70  ? -4.032  -5.213  -6.249  1.00 7.98   ? 70   MET A O   1 
ATOM   547  C  CB  . MET A 1 70  ? -5.121  -2.643  -4.642  1.00 7.07   ? 70   MET A CB  1 
ATOM   548  C  CG  . MET A 1 70  ? -6.152  -2.011  -3.731  1.00 6.95   ? 70   MET A CG  1 
ATOM   549  S  SD  . MET A 1 70  ? -5.655  -0.385  -3.134  1.00 7.58   ? 70   MET A SD  1 
ATOM   550  C  CE  . MET A 1 70  ? -4.565  -0.831  -1.781  1.00 8.82   ? 70   MET A CE  1 
ATOM   551  N  N   . ARG A 1 71  ? -4.453  -3.487  -7.648  1.00 7.54   ? 71   ARG A N   1 
ATOM   552  C  CA  A ARG A 1 71  ? -3.413  -3.792  -8.613  0.50 8.17   ? 71   ARG A CA  1 
ATOM   553  C  CA  B ARG A 1 71  ? -3.395  -3.827  -8.582  0.50 8.24   ? 71   ARG A CA  1 
ATOM   554  C  C   . ARG A 1 71  ? -2.142  -3.075  -8.175  1.00 8.24   ? 71   ARG A C   1 
ATOM   555  O  O   . ARG A 1 71  ? -2.142  -1.853  -8.018  1.00 7.54   ? 71   ARG A O   1 
ATOM   556  C  CB  A ARG A 1 71  ? -3.861  -3.286  -9.985  0.50 8.46   ? 71   ARG A CB  1 
ATOM   557  C  CB  B ARG A 1 71  ? -3.799  -3.497  -10.021 0.50 8.47   ? 71   ARG A CB  1 
ATOM   558  C  CG  A ARG A 1 71  ? -3.177  -3.921  -11.187 0.50 8.52   ? 71   ARG A CG  1 
ATOM   559  C  CG  B ARG A 1 71  ? -2.668  -3.605  -11.051 0.50 9.04   ? 71   ARG A CG  1 
ATOM   560  C  CD  A ARG A 1 71  ? -3.708  -3.354  -12.506 0.50 9.24   ? 71   ARG A CD  1 
ATOM   561  C  CD  B ARG A 1 71  ? -3.158  -3.406  -12.485 0.50 9.50   ? 71   ARG A CD  1 
ATOM   562  N  NE  A ARG A 1 71  ? -5.151  -3.541  -12.652 0.50 10.50  ? 71   ARG A NE  1 
ATOM   563  N  NE  B ARG A 1 71  ? -3.925  -2.171  -12.656 0.50 11.15  ? 71   ARG A NE  1 
ATOM   564  C  CZ  A ARG A 1 71  ? -6.060  -2.581  -12.482 0.50 11.92  ? 71   ARG A CZ  1 
ATOM   565  C  CZ  B ARG A 1 71  ? -5.256  -2.102  -12.694 0.50 12.31  ? 71   ARG A CZ  1 
ATOM   566  N  NH1 A ARG A 1 71  ? -7.344  -2.865  -12.633 0.50 13.56  ? 71   ARG A NH1 1 
ATOM   567  N  NH1 B ARG A 1 71  ? -5.993  -3.201  -12.571 0.50 14.48  ? 71   ARG A NH1 1 
ATOM   568  N  NH2 A ARG A 1 71  ? -5.696  -1.345  -12.161 0.50 12.52  ? 71   ARG A NH2 1 
ATOM   569  N  NH2 B ARG A 1 71  ? -5.856  -0.929  -12.848 0.50 14.20  ? 71   ARG A NH2 1 
ATOM   570  N  N   . ILE A 1 72  ? -1.072  -3.827  -7.972  1.00 8.10   ? 72   ILE A N   1 
ATOM   571  C  CA  . ILE A 1 72  ? 0.191   -3.263  -7.514  1.00 8.15   ? 72   ILE A CA  1 
ATOM   572  C  C   . ILE A 1 72  ? 1.177   -3.189  -8.652  1.00 8.33   ? 72   ILE A C   1 
ATOM   573  O  O   . ILE A 1 72  ? 1.456   -4.191  -9.316  1.00 8.55   ? 72   ILE A O   1 
ATOM   574  C  CB  . ILE A 1 72  ? 0.798   -4.076  -6.344  1.00 8.36   ? 72   ILE A CB  1 
ATOM   575  C  CG1 . ILE A 1 72  ? -0.274  -4.445  -5.308  1.00 8.12   ? 72   ILE A CG1 1 
ATOM   576  C  CG2 . ILE A 1 72  ? 1.988   -3.324  -5.723  1.00 9.34   ? 72   ILE A CG2 1 
ATOM   577  C  CD1 . ILE A 1 72  ? -1.028  -3.260  -4.692  1.00 9.41   ? 72   ILE A CD1 1 
ATOM   578  N  N   . THR A 1 73  ? 1.711   -1.992  -8.857  1.00 8.22   ? 73   THR A N   1 
ATOM   579  C  CA  . THR A 1 73  ? 2.713   -1.773  -9.886  1.00 8.25   ? 73   THR A CA  1 
ATOM   580  C  C   . THR A 1 73  ? 4.003   -1.217  -9.289  1.00 8.52   ? 73   THR A C   1 
ATOM   581  O  O   . THR A 1 73  ? 3.979   -0.450  -8.326  1.00 8.51   ? 73   THR A O   1 
ATOM   582  C  CB  . THR A 1 73  ? 2.210   -0.838  -11.012 1.00 8.10   ? 73   THR A CB  1 
ATOM   583  O  OG1 . THR A 1 73  ? 1.731   0.391   -10.448 1.00 8.72   ? 73   THR A OG1 1 
ATOM   584  C  CG2 . THR A 1 73  ? 1.093   -1.487  -11.809 1.00 8.66   ? 73   THR A CG2 1 
ATOM   585  N  N   . VAL A 1 74  ? 5.126   -1.636  -9.866  1.00 9.12   ? 74   VAL A N   1 
ATOM   586  C  CA  . VAL A 1 74  ? 6.435   -1.080  -9.532  1.00 10.34  ? 74   VAL A CA  1 
ATOM   587  C  C   . VAL A 1 74  ? 6.988   -0.528  -10.828 1.00 10.63  ? 74   VAL A C   1 
ATOM   588  O  O   . VAL A 1 74  ? 7.205   -1.267  -11.792 1.00 10.65  ? 74   VAL A O   1 
ATOM   589  C  CB  . VAL A 1 74  ? 7.397   -2.145  -8.952  1.00 10.78  ? 74   VAL A CB  1 
ATOM   590  C  CG1 . VAL A 1 74  ? 8.806   -1.567  -8.760  1.00 12.39  ? 74   VAL A CG1 1 
ATOM   591  C  CG2 . VAL A 1 74  ? 6.862   -2.677  -7.645  1.00 12.34  ? 74   VAL A CG2 1 
ATOM   592  N  N   . ASN A 1 75  ? 7.162   0.791   -10.873 1.00 11.24  ? 75   ASN A N   1 
ATOM   593  C  CA  . ASN A 1 75  ? 7.614   1.465   -12.084 1.00 11.65  ? 75   ASN A CA  1 
ATOM   594  C  C   . ASN A 1 75  ? 6.679   1.170   -13.273 1.00 11.34  ? 75   ASN A C   1 
ATOM   595  O  O   . ASN A 1 75  ? 7.106   1.106   -14.434 1.00 12.51  ? 75   ASN A O   1 
ATOM   596  C  CB  . ASN A 1 75  ? 9.083   1.104   -12.370 1.00 11.99  ? 75   ASN A CB  1 
ATOM   597  C  CG  . ASN A 1 75  ? 9.972   1.311   -11.153 1.00 13.81  ? 75   ASN A CG  1 
ATOM   598  O  OD1 . ASN A 1 75  ? 10.736  0.422   -10.741 1.00 18.72  ? 75   ASN A OD1 1 
ATOM   599  N  ND2 . ASN A 1 75  ? 9.851   2.475   -10.546 1.00 11.14  ? 75   ASN A ND2 1 
ATOM   600  N  N   . GLY A 1 76  ? 5.391   0.998   -12.972 1.00 11.16  ? 76   GLY A N   1 
ATOM   601  C  CA  . GLY A 1 76  ? 4.382   0.723   -13.993 1.00 11.54  ? 76   GLY A CA  1 
ATOM   602  C  C   . GLY A 1 76  ? 4.268   -0.739  -14.390 1.00 11.54  ? 76   GLY A C   1 
ATOM   603  O  O   . GLY A 1 76  ? 3.374   -1.115  -15.156 1.00 12.90  ? 76   GLY A O   1 
ATOM   604  N  N   . ASN A 1 77  ? 5.168   -1.564  -13.871 1.00 11.68  ? 77   ASN A N   1 
ATOM   605  C  CA  . ASN A 1 77  ? 5.107   -3.003  -14.116 1.00 11.68  ? 77   ASN A CA  1 
ATOM   606  C  C   . ASN A 1 77  ? 4.172   -3.647  -13.121 1.00 11.92  ? 77   ASN A C   1 
ATOM   607  O  O   . ASN A 1 77  ? 4.300   -3.420  -11.931 1.00 11.66  ? 77   ASN A O   1 
ATOM   608  C  CB  . ASN A 1 77  ? 6.501   -3.597  -13.991 1.00 11.83  ? 77   ASN A CB  1 
ATOM   609  C  CG  . ASN A 1 77  ? 7.461   -2.988  -14.978 1.00 12.77  ? 77   ASN A CG  1 
ATOM   610  O  OD1 . ASN A 1 77  ? 8.226   -2.072  -14.650 1.00 17.53  ? 77   ASN A OD1 1 
ATOM   611  N  ND2 . ASN A 1 77  ? 7.369   -3.423  -16.209 1.00 10.77  ? 77   ASN A ND2 1 
ATOM   612  N  N   . ILE A 1 78  ? 3.233   -4.453  -13.611 1.00 12.52  ? 78   ILE A N   1 
ATOM   613  C  CA  . ILE A 1 78  ? 2.279   -5.113  -12.724 1.00 13.60  ? 78   ILE A CA  1 
ATOM   614  C  C   . ILE A 1 78  ? 2.988   -6.249  -11.998 1.00 13.70  ? 78   ILE A C   1 
ATOM   615  O  O   . ILE A 1 78  ? 3.442   -7.212  -12.629 1.00 14.96  ? 78   ILE A O   1 
ATOM   616  C  CB  . ILE A 1 78  ? 1.040   -5.628  -13.490 1.00 13.30  ? 78   ILE A CB  1 
ATOM   617  C  CG1 . ILE A 1 78  ? 0.346   -4.472  -14.213 1.00 14.75  ? 78   ILE A CG1 1 
ATOM   618  C  CG2 . ILE A 1 78  ? 0.062   -6.311  -12.526 1.00 14.62  ? 78   ILE A CG2 1 
ATOM   619  C  CD1 . ILE A 1 78  ? -0.734  -4.913  -15.219 1.00 15.12  ? 78   ILE A CD1 1 
ATOM   620  N  N   . VAL A 1 79  ? 3.131   -6.114  -10.684 1.00 13.27  ? 79   VAL A N   1 
ATOM   621  C  CA  . VAL A 1 79  ? 3.792   -7.151  -9.898  1.00 13.66  ? 79   VAL A CA  1 
ATOM   622  C  C   . VAL A 1 79  ? 2.771   -8.028  -9.176  1.00 13.60  ? 79   VAL A C   1 
ATOM   623  O  O   . VAL A 1 79  ? 3.053   -9.182  -8.860  1.00 14.29  ? 79   VAL A O   1 
ATOM   624  C  CB  . VAL A 1 79  ? 4.868   -6.588  -8.930  1.00 13.87  ? 79   VAL A CB  1 
ATOM   625  C  CG1 . VAL A 1 79  ? 5.958   -5.868  -9.716  1.00 14.29  ? 79   VAL A CG1 1 
ATOM   626  C  CG2 . VAL A 1 79  ? 4.259   -5.663  -7.885  1.00 14.61  ? 79   VAL A CG2 1 
ATOM   627  N  N   . LYS A 1 80  ? 1.584   -7.480  -8.932  1.00 12.69  ? 80   LYS A N   1 
ATOM   628  C  CA  . LYS A 1 80  ? 0.484   -8.274  -8.389  1.00 12.37  ? 80   LYS A CA  1 
ATOM   629  C  C   . LYS A 1 80  ? -0.803  -7.763  -9.021  1.00 11.90  ? 80   LYS A C   1 
ATOM   630  O  O   . LYS A 1 80  ? -1.271  -6.688  -8.671  1.00 11.17  ? 80   LYS A O   1 
ATOM   631  C  CB  . LYS A 1 80  ? 0.447   -8.186  -6.855  1.00 12.89  ? 80   LYS A CB  1 
ATOM   632  C  CG  . LYS A 1 80  ? -0.522  -9.153  -6.165  1.00 14.07  ? 80   LYS A CG  1 
ATOM   633  C  CD  . LYS A 1 80  ? -0.146  -10.619 -6.368  1.00 18.64  ? 80   LYS A CD  1 
ATOM   634  C  CE  . LYS A 1 80  ? -1.245  -11.541 -5.845  1.00 20.19  ? 80   LYS A CE  1 
ATOM   635  N  NZ  . LYS A 1 80  ? -1.483  -11.406 -4.381  1.00 23.98  ? 80   LYS A NZ  1 
ATOM   636  N  N   . PRO A 1 81  ? -1.361  -8.511  -9.993  1.00 11.51  ? 81   PRO A N   1 
ATOM   637  C  CA  . PRO A 1 81  ? -2.597  -8.077  -10.642 1.00 11.67  ? 81   PRO A CA  1 
ATOM   638  C  C   . PRO A 1 81  ? -3.751  -7.830  -9.669  1.00 10.93  ? 81   PRO A C   1 
ATOM   639  O  O   . PRO A 1 81  ? -4.508  -6.886  -9.853  1.00 11.25  ? 81   PRO A O   1 
ATOM   640  C  CB  . PRO A 1 81  ? -2.926  -9.235  -11.591 1.00 11.63  ? 81   PRO A CB  1 
ATOM   641  C  CG  . PRO A 1 81  ? -1.588  -9.853  -11.880 1.00 12.55  ? 81   PRO A CG  1 
ATOM   642  C  CD  . PRO A 1 81  ? -0.846  -9.767  -10.578 1.00 12.34  ? 81   PRO A CD  1 
ATOM   643  N  N   . SER A 1 82  ? -3.880  -8.667  -8.644  1.00 10.48  ? 82   SER A N   1 
ATOM   644  C  CA  . SER A 1 82  ? -4.970  -8.518  -7.690  1.00 10.27  ? 82   SER A CA  1 
ATOM   645  C  C   . SER A 1 82  ? -4.527  -8.917  -6.295  1.00 10.45  ? 82   SER A C   1 
ATOM   646  O  O   . SER A 1 82  ? -4.616  -10.085 -5.902  1.00 11.49  ? 82   SER A O   1 
ATOM   647  C  CB  . SER A 1 82  ? -6.185  -9.339  -8.130  1.00 10.53  ? 82   SER A CB  1 
ATOM   648  O  OG  . SER A 1 82  ? -7.306  -9.002  -7.344  1.00 11.63  ? 82   SER A OG  1 
ATOM   649  N  N   . MET A 1 83  ? -4.025  -7.931  -5.557  1.00 9.30   ? 83   MET A N   1 
ATOM   650  C  CA  . MET A 1 83  ? -3.605  -8.107  -4.173  1.00 8.85   ? 83   MET A CA  1 
ATOM   651  C  C   . MET A 1 83  ? -4.818  -7.939  -3.272  1.00 8.54   ? 83   MET A C   1 
ATOM   652  O  O   . MET A 1 83  ? -5.538  -6.933  -3.364  1.00 8.81   ? 83   MET A O   1 
ATOM   653  C  CB  . MET A 1 83  ? -2.531  -7.079  -3.810  1.00 9.08   ? 83   MET A CB  1 
ATOM   654  C  CG  . MET A 1 83  ? -1.993  -7.254  -2.406  1.00 9.23   ? 83   MET A CG  1 
ATOM   655  S  SD  . MET A 1 83  ? -0.621  -6.134  -2.118  1.00 9.31   ? 83   MET A SD  1 
ATOM   656  C  CE  . MET A 1 83  ? -0.330  -6.472  -0.388  1.00 9.77   ? 83   MET A CE  1 
ATOM   657  N  N   . ASP A 1 84  ? -5.052  -8.933  -2.419  1.00 8.78   ? 84   ASP A N   1 
ATOM   658  C  CA  . ASP A 1 84  ? -6.203  -8.918  -1.523  1.00 8.93   ? 84   ASP A CA  1 
ATOM   659  C  C   . ASP A 1 84  ? -6.013  -8.012  -0.323  1.00 8.93   ? 84   ASP A C   1 
ATOM   660  O  O   . ASP A 1 84  ? -4.933  -7.969  0.289   1.00 8.97   ? 84   ASP A O   1 
ATOM   661  C  CB  . ASP A 1 84  ? -6.517  -10.337 -1.033  1.00 9.58   ? 84   ASP A CB  1 
ATOM   662  C  CG  . ASP A 1 84  ? -6.962  -11.254 -2.150  1.00 11.20  ? 84   ASP A CG  1 
ATOM   663  O  OD1 . ASP A 1 84  ? -7.535  -10.774 -3.144  1.00 11.86  ? 84   ASP A OD1 1 
ATOM   664  O  OD2 . ASP A 1 84  ? -6.731  -12.475 -2.024  1.00 15.28  ? 84   ASP A OD2 1 
ATOM   665  N  N   . PHE A 1 85  ? -7.091  -7.297  -0.007  1.00 8.11   ? 85   PHE A N   1 
ATOM   666  C  CA  . PHE A 1 85  ? -7.210  -6.504  1.202   1.00 8.12   ? 85   PHE A CA  1 
ATOM   667  C  C   . PHE A 1 85  ? -8.535  -6.892  1.826   1.00 8.17   ? 85   PHE A C   1 
ATOM   668  O  O   . PHE A 1 85  ? -9.560  -6.228  1.651   1.00 7.92   ? 85   PHE A O   1 
ATOM   669  C  CB  . PHE A 1 85  ? -7.122  -5.017  0.868   1.00 8.22   ? 85   PHE A CB  1 
ATOM   670  C  CG  . PHE A 1 85  ? -5.756  -4.607  0.402   1.00 7.39   ? 85   PHE A CG  1 
ATOM   671  C  CD1 . PHE A 1 85  ? -4.805  -4.167  1.319   1.00 7.70   ? 85   PHE A CD1 1 
ATOM   672  C  CD2 . PHE A 1 85  ? -5.394  -4.733  -0.942  1.00 7.13   ? 85   PHE A CD2 1 
ATOM   673  C  CE1 . PHE A 1 85  ? -3.528  -3.814  0.906   1.00 7.49   ? 85   PHE A CE1 1 
ATOM   674  C  CE2 . PHE A 1 85  ? -4.120  -4.387  -1.364  1.00 8.03   ? 85   PHE A CE2 1 
ATOM   675  C  CZ  . PHE A 1 85  ? -3.184  -3.923  -0.429  1.00 8.23   ? 85   PHE A CZ  1 
ATOM   676  N  N   . VAL A 1 86  ? -8.497  -8.006  2.551   1.00 8.45   ? 86   VAL A N   1 
ATOM   677  C  CA  . VAL A 1 86  ? -9.704  -8.610  3.095   1.00 8.94   ? 86   VAL A CA  1 
ATOM   678  C  C   . VAL A 1 86  ? -10.221 -7.810  4.280   1.00 8.45   ? 86   VAL A C   1 
ATOM   679  O  O   . VAL A 1 86  ? -9.507  -6.967  4.843   1.00 9.06   ? 86   VAL A O   1 
ATOM   680  C  CB  . VAL A 1 86  ? -9.496  -10.111 3.481   1.00 8.84   ? 86   VAL A CB  1 
ATOM   681  C  CG1 . VAL A 1 86  ? -9.021  -10.914 2.278   1.00 10.72  ? 86   VAL A CG1 1 
ATOM   682  C  CG2 . VAL A 1 86  ? -8.509  -10.269 4.644   1.00 9.74   ? 86   VAL A CG2 1 
ATOM   683  N  N   . SER A 1 87  ? -11.469 -8.067  4.649   1.00 8.57   ? 87   SER A N   1 
ATOM   684  C  CA  . SER A 1 87  ? -12.061 -7.409  5.801   0.75 8.48   ? 87   SER A CA  1 
ATOM   685  C  C   . SER A 1 87  ? -11.156 -7.487  7.022   1.00 9.01   ? 87   SER A C   1 
ATOM   686  O  O   . SER A 1 87  ? -10.549 -8.526  7.301   1.00 9.63   ? 87   SER A O   1 
ATOM   687  C  CB  . SER A 1 87  ? -13.402 -8.037  6.153   0.75 8.35   ? 87   SER A CB  1 
ATOM   688  O  OG  . SER A 1 87  ? -14.002 -7.307  7.210   0.75 8.08   ? 87   SER A OG  1 
ATOM   689  N  N   . THR A 1 88  ? -11.073 -6.367  7.735   1.00 9.08   ? 88   THR A N   1 
ATOM   690  C  CA  . THR A 1 88  ? -10.416 -6.326  9.030   1.00 9.52   ? 88   THR A CA  1 
ATOM   691  C  C   . THR A 1 88  ? -11.461 -6.270  10.141  1.00 10.36  ? 88   THR A C   1 
ATOM   692  O  O   . THR A 1 88  ? -11.112 -6.204  11.314  1.00 11.00  ? 88   THR A O   1 
ATOM   693  C  CB  . THR A 1 88  ? -9.478  -5.116  9.144   1.00 9.06   ? 88   THR A CB  1 
ATOM   694  O  OG1 . THR A 1 88  ? -10.242 -3.911  9.029   1.00 8.46   ? 88   THR A OG1 1 
ATOM   695  C  CG2 . THR A 1 88  ? -8.404  -5.164  8.055   1.00 9.48   ? 88   THR A CG2 1 
ATOM   696  N  N   . GLY A 1 89  ? -12.733 -6.287  9.754   1.00 11.29  ? 89   GLY A N   1 
ATOM   697  C  CA  . GLY A 1 89  ? -13.844 -6.341  10.707  1.00 12.46  ? 89   GLY A CA  1 
ATOM   698  C  C   . GLY A 1 89  ? -14.434 -5.005  11.100  1.00 14.07  ? 89   GLY A C   1 
ATOM   699  O  O   . GLY A 1 89  ? -15.646 -4.822  11.077  1.00 16.64  ? 89   GLY A O   1 
ATOM   700  N  N   . ALA A 1 90  ? -13.575 -4.091  11.516  1.00 14.13  ? 90   ALA A N   1 
ATOM   701  C  CA  . ALA A 1 90  ? -13.990 -2.754  11.922  1.00 13.19  ? 90   ALA A CA  1 
ATOM   702  C  C   . ALA A 1 90  ? -13.083 -1.751  11.242  1.00 12.33  ? 90   ALA A C   1 
ATOM   703  O  O   . ALA A 1 90  ? -11.936 -2.072  10.918  1.00 11.65  ? 90   ALA A O   1 
ATOM   704  C  CB  . ALA A 1 90  ? -13.896 -2.601  13.416  1.00 13.22  ? 90   ALA A CB  1 
ATOM   705  N  N   . TRP A 1 91  ? -13.586 -0.533  11.052  1.00 11.50  ? 91   TRP A N   1 
ATOM   706  C  CA  . TRP A 1 91  ? -12.791 0.536   10.434  1.00 11.08  ? 91   TRP A CA  1 
ATOM   707  C  C   . TRP A 1 91  ? -11.648 0.990   11.330  1.00 11.07  ? 91   TRP A C   1 
ATOM   708  O  O   . TRP A 1 91  ? -10.729 1.664   10.876  1.00 10.79  ? 91   TRP A O   1 
ATOM   709  C  CB  . TRP A 1 91  ? -13.668 1.726   10.042  1.00 11.35  ? 91   TRP A CB  1 
ATOM   710  C  CG  . TRP A 1 91  ? -14.493 1.436   8.826   1.00 10.99  ? 91   TRP A CG  1 
ATOM   711  C  CD1 . TRP A 1 91  ? -15.852 1.305   8.767   1.00 11.58  ? 91   TRP A CD1 1 
ATOM   712  C  CD2 . TRP A 1 91  ? -14.010 1.216   7.494   1.00 10.26  ? 91   TRP A CD2 1 
ATOM   713  N  NE1 . TRP A 1 91  ? -16.248 1.027   7.479   1.00 12.03  ? 91   TRP A NE1 1 
ATOM   714  C  CE2 . TRP A 1 91  ? -15.139 0.970   6.676   1.00 10.96  ? 91   TRP A CE2 1 
ATOM   715  C  CE3 . TRP A 1 91  ? -12.734 1.214   6.907   1.00 9.68   ? 91   TRP A CE3 1 
ATOM   716  C  CZ2 . TRP A 1 91  ? -15.030 0.711   5.306   1.00 10.79  ? 91   TRP A CZ2 1 
ATOM   717  C  CZ3 . TRP A 1 91  ? -12.631 0.961   5.537   1.00 10.92  ? 91   TRP A CZ3 1 
ATOM   718  C  CH2 . TRP A 1 91  ? -13.772 0.707   4.758   1.00 10.44  ? 91   TRP A CH2 1 
ATOM   719  N  N   . THR A 1 92  ? -11.708 0.602   12.600  1.00 10.48  ? 92   THR A N   1 
ATOM   720  C  CA  . THR A 1 92  ? -10.678 0.945   13.580  1.00 10.73  ? 92   THR A CA  1 
ATOM   721  C  C   . THR A 1 92  ? -9.738  -0.233  13.874  1.00 10.56  ? 92   THR A C   1 
ATOM   722  O  O   . THR A 1 92  ? -8.885  -0.154  14.764  1.00 10.86  ? 92   THR A O   1 
ATOM   723  C  CB  . THR A 1 92  ? -11.320 1.434   14.891  1.00 10.89  ? 92   THR A CB  1 
ATOM   724  O  OG1 . THR A 1 92  ? -12.245 0.439   15.353  1.00 12.35  ? 92   THR A OG1 1 
ATOM   725  C  CG2 . THR A 1 92  ? -12.059 2.749   14.673  1.00 11.33  ? 92   THR A CG2 1 
ATOM   726  N  N   . THR A 1 93  ? -9.899  -1.323  13.118  1.00 10.47  ? 93   THR A N   1 
ATOM   727  C  CA  . THR A 1 93  ? -8.997  -2.456  13.204  1.00 10.17  ? 93   THR A CA  1 
ATOM   728  C  C   . THR A 1 93  ? -8.093  -2.476  11.982  1.00 9.99   ? 93   THR A C   1 
ATOM   729  O  O   . THR A 1 93  ? -8.566  -2.564  10.848  1.00 10.27  ? 93   THR A O   1 
ATOM   730  C  CB  . THR A 1 93  ? -9.755  -3.784  13.338  1.00 10.28  ? 93   THR A CB  1 
ATOM   731  O  OG1 . THR A 1 93  ? -10.548 -3.729  14.529  1.00 11.22  ? 93   THR A OG1 1 
ATOM   732  C  CG2 . THR A 1 93  ? -8.777  -4.941  13.452  1.00 10.56  ? 93   THR A CG2 1 
ATOM   733  N  N   . TRP A 1 94  ? -6.796  -2.359  12.235  1.00 9.71   ? 94   TRP A N   1 
ATOM   734  C  CA  . TRP A 1 94  ? -5.806  -2.197  11.188  1.00 10.13  ? 94   TRP A CA  1 
ATOM   735  C  C   . TRP A 1 94  ? -4.931  -3.435  11.123  1.00 10.48  ? 94   TRP A C   1 
ATOM   736  O  O   . TRP A 1 94  ? -4.325  -3.833  12.126  1.00 11.76  ? 94   TRP A O   1 
ATOM   737  C  CB  . TRP A 1 94  ? -4.946  -0.962  11.449  1.00 9.57   ? 94   TRP A CB  1 
ATOM   738  C  CG  . TRP A 1 94  ? -5.728  0.310   11.538  1.00 9.28   ? 94   TRP A CG  1 
ATOM   739  C  CD1 . TRP A 1 94  ? -6.416  0.780   12.633  1.00 8.73   ? 94   TRP A CD1 1 
ATOM   740  C  CD2 . TRP A 1 94  ? -5.910  1.292   10.502  1.00 8.62   ? 94   TRP A CD2 1 
ATOM   741  N  NE1 . TRP A 1 94  ? -7.008  1.989   12.338  1.00 9.58   ? 94   TRP A NE1 1 
ATOM   742  C  CE2 . TRP A 1 94  ? -6.715  2.320   11.039  1.00 8.12   ? 94   TRP A CE2 1 
ATOM   743  C  CE3 . TRP A 1 94  ? -5.476  1.399   9.171   1.00 7.33   ? 94   TRP A CE3 1 
ATOM   744  C  CZ2 . TRP A 1 94  ? -7.087  3.445   10.294  1.00 8.90   ? 94   TRP A CZ2 1 
ATOM   745  C  CZ3 . TRP A 1 94  ? -5.860  2.522   8.428   1.00 8.53   ? 94   TRP A CZ3 1 
ATOM   746  C  CH2 . TRP A 1 94  ? -6.653  3.523   8.995   1.00 8.85   ? 94   TRP A CH2 1 
ATOM   747  N  N   . ASN A 1 95  ? -4.878  -4.039  9.944   1.00 9.85   ? 95   ASN A N   1 
ATOM   748  C  CA  . ASN A 1 95  ? -4.077  -5.235  9.724   1.00 10.33  ? 95   ASN A CA  1 
ATOM   749  C  C   . ASN A 1 95  ? -3.021  -4.952  8.667   1.00 10.03  ? 95   ASN A C   1 
ATOM   750  O  O   . ASN A 1 95  ? -2.915  -3.825  8.173   1.00 9.69   ? 95   ASN A O   1 
ATOM   751  C  CB  . ASN A 1 95  ? -4.973  -6.407  9.311   1.00 11.10  ? 95   ASN A CB  1 
ATOM   752  C  CG  . ASN A 1 95  ? -5.879  -6.885  10.436  1.00 12.67  ? 95   ASN A CG  1 
ATOM   753  O  OD1 . ASN A 1 95  ? -5.696  -6.529  11.605  1.00 15.46  ? 95   ASN A OD1 1 
ATOM   754  N  ND2 . ASN A 1 95  ? -6.863  -7.703  10.082  1.00 15.68  ? 95   ASN A ND2 1 
ATOM   755  N  N   . GLU A 1 96  ? -2.228  -5.963  8.338   1.00 9.99   ? 96   GLU A N   1 
ATOM   756  C  CA  . GLU A 1 96  ? -1.184  -5.841  7.333   1.00 10.64  ? 96   GLU A CA  1 
ATOM   757  C  C   . GLU A 1 96  ? -1.494  -6.723  6.130   1.00 9.92   ? 96   GLU A C   1 
ATOM   758  O  O   . GLU A 1 96  ? -2.042  -7.814  6.282   1.00 9.98   ? 96   GLU A O   1 
ATOM   759  C  CB  . GLU A 1 96  ? 0.160   -6.275  7.909   1.00 10.88  ? 96   GLU A CB  1 
ATOM   760  C  CG  . GLU A 1 96  ? 0.768   -5.369  8.974   1.00 13.17  ? 96   GLU A CG  1 
ATOM   761  C  CD  . GLU A 1 96  ? 2.138   -5.873  9.432   1.00 14.05  ? 96   GLU A CD  1 
ATOM   762  O  OE1 . GLU A 1 96  ? 2.336   -7.102  9.514   1.00 19.76  ? 96   GLU A OE1 1 
ATOM   763  O  OE2 . GLU A 1 96  ? 3.022   -5.043  9.723   1.00 19.55  ? 96   GLU A OE2 1 
ATOM   764  N  N   . ALA A 1 97  ? -1.137  -6.243  4.945   1.00 9.23   ? 97   ALA A N   1 
ATOM   765  C  CA  . ALA A 1 97  ? -1.124  -7.055  3.731   1.00 9.20   ? 97   ALA A CA  1 
ATOM   766  C  C   . ALA A 1 97  ? 0.153   -6.715  2.998   1.00 9.57   ? 97   ALA A C   1 
ATOM   767  O  O   . ALA A 1 97  ? 0.461   -5.537  2.790   1.00 9.02   ? 97   ALA A O   1 
ATOM   768  C  CB  . ALA A 1 97  ? -2.345  -6.777  2.864   1.00 9.56   ? 97   ALA A CB  1 
ATOM   769  N  N   . GLY A 1 98  ? 0.906   -7.741  2.622   1.00 9.37   ? 98   GLY A N   1 
ATOM   770  C  CA  . GLY A 1 98  ? 2.227   -7.527  2.068   1.00 9.78   ? 98   GLY A CA  1 
ATOM   771  C  C   . GLY A 1 98  ? 2.545   -8.390  0.871   1.00 9.76   ? 98   GLY A C   1 
ATOM   772  O  O   . GLY A 1 98  ? 1.913   -9.434  0.644   1.00 10.14  ? 98   GLY A O   1 
ATOM   773  N  N   . ILE A 1 99  ? 3.516   -7.925  0.095   1.00 10.01  ? 99   ILE A N   1 
ATOM   774  C  CA  . ILE A 1 99  ? 4.121   -8.706  -0.976  1.00 11.24  ? 99   ILE A CA  1 
ATOM   775  C  C   . ILE A 1 99  ? 5.624   -8.518  -0.912  1.00 11.50  ? 99   ILE A C   1 
ATOM   776  O  O   . ILE A 1 99  ? 6.122   -7.586  -0.275  1.00 11.62  ? 99   ILE A O   1 
ATOM   777  C  CB  . ILE A 1 99  ? 3.613   -8.311  -2.400  1.00 11.71  ? 99   ILE A CB  1 
ATOM   778  C  CG1 . ILE A 1 99  ? 3.886   -6.833  -2.705  1.00 12.81  ? 99   ILE A CG1 1 
ATOM   779  C  CG2 . ILE A 1 99  ? 2.144   -8.675  -2.589  1.00 12.81  ? 99   ILE A CG2 1 
ATOM   780  C  CD1 . ILE A 1 99  ? 3.707   -6.470  -4.166  1.00 13.05  ? 99   ILE A CD1 1 
ATOM   781  N  N   . VAL A 1 100 ? 6.343   -9.417  -1.568  1.00 11.66  ? 100  VAL A N   1 
ATOM   782  C  CA  . VAL A 1 100 ? 7.762   -9.244  -1.791  1.00 12.24  ? 100  VAL A CA  1 
ATOM   783  C  C   . VAL A 1 100 ? 7.935   -8.872  -3.262  1.00 11.94  ? 100  VAL A C   1 
ATOM   784  O  O   . VAL A 1 100 ? 7.326   -9.481  -4.137  1.00 12.53  ? 100  VAL A O   1 
ATOM   785  C  CB  . VAL A 1 100 ? 8.548   -10.523 -1.428  1.00 12.72  ? 100  VAL A CB  1 
ATOM   786  C  CG1 . VAL A 1 100 ? 10.008  -10.369 -1.768  1.00 14.44  ? 100  VAL A CG1 1 
ATOM   787  C  CG2 . VAL A 1 100 ? 8.387   -10.829 0.052   1.00 13.78  ? 100  VAL A CG2 1 
ATOM   788  N  N   . ALA A 1 101 ? 8.750   -7.855  -3.523  1.00 11.92  ? 101  ALA A N   1 
ATOM   789  C  CA  . ALA A 1 101 ? 8.983   -7.391  -4.883  1.00 12.37  ? 101  ALA A CA  1 
ATOM   790  C  C   . ALA A 1 101 ? 10.433  -7.022  -5.080  1.00 12.71  ? 101  ALA A C   1 
ATOM   791  O  O   . ALA A 1 101 ? 11.105  -6.592  -4.142  1.00 12.43  ? 101  ALA A O   1 
ATOM   792  C  CB  . ALA A 1 101 ? 8.099   -6.181  -5.178  1.00 12.55  ? 101  ALA A CB  1 
ATOM   793  N  N   . ASN A 1 102 ? 10.905  -7.192  -6.312  1.00 13.60  ? 102  ASN A N   1 
ATOM   794  C  CA  A ASN A 1 102 ? 12.243  -6.757  -6.668  0.50 14.16  ? 102  ASN A CA  1 
ATOM   795  C  CA  B ASN A 1 102 ? 12.245  -6.766  -6.689  0.50 14.29  ? 102  ASN A CA  1 
ATOM   796  C  C   . ASN A 1 102 ? 12.244  -5.263  -6.950  1.00 14.19  ? 102  ASN A C   1 
ATOM   797  O  O   . ASN A 1 102 ? 11.422  -4.771  -7.729  1.00 15.06  ? 102  ASN A O   1 
ATOM   798  C  CB  A ASN A 1 102 ? 12.771  -7.537  -7.875  0.50 14.30  ? 102  ASN A CB  1 
ATOM   799  C  CB  B ASN A 1 102 ? 12.709  -7.517  -7.940  0.50 14.55  ? 102  ASN A CB  1 
ATOM   800  C  CG  A ASN A 1 102 ? 13.153  -8.967  -7.527  0.50 15.05  ? 102  ASN A CG  1 
ATOM   801  C  CG  B ASN A 1 102 ? 14.180  -7.297  -8.245  0.50 15.78  ? 102  ASN A CG  1 
ATOM   802  O  OD1 A ASN A 1 102 ? 12.996  -9.876  -8.342  0.50 17.16  ? 102  ASN A OD1 1 
ATOM   803  O  OD1 B ASN A 1 102 ? 15.054  -7.710  -7.483  0.50 17.55  ? 102  ASN A OD1 1 
ATOM   804  N  ND2 A ASN A 1 102 ? 13.658  -9.172  -6.314  0.50 15.05  ? 102  ASN A ND2 1 
ATOM   805  N  ND2 B ASN A 1 102 ? 14.460  -6.659  -9.375  0.50 17.38  ? 102  ASN A ND2 1 
ATOM   806  N  N   . LEU A 1 103 ? 13.150  -4.552  -6.288  1.00 14.24  ? 103  LEU A N   1 
ATOM   807  C  CA  . LEU A 1 103 ? 13.313  -3.111  -6.475  1.00 14.30  ? 103  LEU A CA  1 
ATOM   808  C  C   . LEU A 1 103 ? 14.698  -2.823  -7.037  1.00 14.94  ? 103  LEU A C   1 
ATOM   809  O  O   . LEU A 1 103 ? 15.636  -3.595  -6.814  1.00 15.00  ? 103  LEU A O   1 
ATOM   810  C  CB  . LEU A 1 103 ? 13.135  -2.356  -5.150  1.00 14.27  ? 103  LEU A CB  1 
ATOM   811  C  CG  . LEU A 1 103 ? 11.812  -2.515  -4.384  1.00 13.22  ? 103  LEU A CG  1 
ATOM   812  C  CD1 . LEU A 1 103 ? 11.801  -1.579  -3.186  1.00 13.32  ? 103  LEU A CD1 1 
ATOM   813  C  CD2 . LEU A 1 103 ? 10.598  -2.276  -5.280  1.00 13.38  ? 103  LEU A CD2 1 
ATOM   814  N  N   . ASN A 1 104 ? 14.819  -1.712  -7.761  1.00 14.73  ? 104  ASN A N   1 
ATOM   815  C  CA  . ASN A 1 104 ? 16.104  -1.256  -8.298  1.00 15.49  ? 104  ASN A CA  1 
ATOM   816  C  C   . ASN A 1 104 ? 16.759  -0.271  -7.346  1.00 15.44  ? 104  ASN A C   1 
ATOM   817  O  O   . ASN A 1 104 ? 16.071  0.484   -6.666  1.00 15.05  ? 104  ASN A O   1 
ATOM   818  C  CB  . ASN A 1 104 ? 15.902  -0.562  -9.649  1.00 15.69  ? 104  ASN A CB  1 
ATOM   819  C  CG  . ASN A 1 104 ? 15.105  -1.394  -10.630 1.00 17.48  ? 104  ASN A CG  1 
ATOM   820  O  OD1 . ASN A 1 104 ? 15.491  -2.508  -10.982 1.00 19.76  ? 104  ASN A OD1 1 
ATOM   821  N  ND2 . ASN A 1 104 ? 13.994  -0.840  -11.102 1.00 20.49  ? 104  ASN A ND2 1 
ATOM   822  N  N   . GLN A 1 105 ? 18.091  -0.250  -7.307  1.00 15.51  ? 105  GLN A N   1 
ATOM   823  C  CA  . GLN A 1 105 ? 18.792  0.755   -6.512  1.00 16.04  ? 105  GLN A CA  1 
ATOM   824  C  C   . GLN A 1 105 ? 18.299  2.146   -6.901  1.00 15.08  ? 105  GLN A C   1 
ATOM   825  O  O   . GLN A 1 105 ? 18.200  2.469   -8.090  1.00 15.60  ? 105  GLN A O   1 
ATOM   826  C  CB  . GLN A 1 105 ? 20.314  0.658   -6.694  1.00 16.32  ? 105  GLN A CB  1 
ATOM   827  C  CG  . GLN A 1 105 ? 21.091  1.568   -5.745  1.00 18.09  ? 105  GLN A CG  1 
ATOM   828  C  CD  . GLN A 1 105 ? 22.596  1.374   -5.815  1.00 18.62  ? 105  GLN A CD  1 
ATOM   829  O  OE1 . GLN A 1 105 ? 23.213  0.911   -4.855  1.00 24.57  ? 105  GLN A OE1 1 
ATOM   830  N  NE2 . GLN A 1 105 ? 23.190  1.737   -6.943  1.00 22.47  ? 105  GLN A NE2 1 
ATOM   831  N  N   . GLY A 1 106 ? 17.991  2.953   -5.893  1.00 14.31  ? 106  GLY A N   1 
ATOM   832  C  CA  . GLY A 1 106 ? 17.453  4.282   -6.118  1.00 13.45  ? 106  GLY A CA  1 
ATOM   833  C  C   . GLY A 1 106 ? 15.948  4.279   -5.960  1.00 13.11  ? 106  GLY A C   1 
ATOM   834  O  O   . GLY A 1 106 ? 15.398  3.533   -5.151  1.00 12.66  ? 106  GLY A O   1 
ATOM   835  N  N   . ASN A 1 107 ? 15.281  5.124   -6.736  1.00 12.21  ? 107  ASN A N   1 
ATOM   836  C  CA  . ASN A 1 107 ? 13.845  5.276   -6.611  1.00 11.73  ? 107  ASN A CA  1 
ATOM   837  C  C   . ASN A 1 107 ? 13.067  4.213   -7.355  1.00 11.48  ? 107  ASN A C   1 
ATOM   838  O  O   . ASN A 1 107 ? 13.458  3.762   -8.435  1.00 12.32  ? 107  ASN A O   1 
ATOM   839  C  CB  . ASN A 1 107 ? 13.383  6.641   -7.101  1.00 11.92  ? 107  ASN A CB  1 
ATOM   840  C  CG  . ASN A 1 107 ? 11.978  6.939   -6.667  1.00 11.22  ? 107  ASN A CG  1 
ATOM   841  O  OD1 . ASN A 1 107 ? 11.697  6.987   -5.476  1.00 11.93  ? 107  ASN A OD1 1 
ATOM   842  N  ND2 . ASN A 1 107 ? 11.077  7.122   -7.631  1.00 11.46  ? 107  ASN A ND2 1 
ATOM   843  N  N   . ASN A 1 108 ? 11.951  3.830   -6.742  1.00 10.66  ? 108  ASN A N   1 
ATOM   844  C  CA  . ASN A 1 108 ? 10.992  2.910   -7.316  1.00 10.26  ? 108  ASN A CA  1 
ATOM   845  C  C   . ASN A 1 108 ? 9.609   3.496   -7.114  1.00 9.79   ? 108  ASN A C   1 
ATOM   846  O  O   . ASN A 1 108 ? 9.258   3.904   -6.013  1.00 9.96   ? 108  ASN A O   1 
ATOM   847  C  CB  . ASN A 1 108 ? 11.088  1.541   -6.646  1.00 10.05  ? 108  ASN A CB  1 
ATOM   848  C  CG  . ASN A 1 108 ? 12.440  0.896   -6.848  1.00 10.71  ? 108  ASN A CG  1 
ATOM   849  O  OD1 . ASN A 1 108 ? 12.611  0.080   -7.750  1.00 12.14  ? 108  ASN A OD1 1 
ATOM   850  N  ND2 . ASN A 1 108 ? 13.409  1.278   -6.019  1.00 11.89  ? 108  ASN A ND2 1 
ATOM   851  N  N   . VAL A 1 109 ? 8.845   3.557   -8.190  1.00 9.47   ? 109  VAL A N   1 
ATOM   852  C  CA  . VAL A 1 109 ? 7.511   4.141   -8.137  1.00 9.08   ? 109  VAL A CA  1 
ATOM   853  C  C   . VAL A 1 109 ? 6.514   3.025   -7.820  1.00 8.53   ? 109  VAL A C   1 
ATOM   854  O  O   . VAL A 1 109 ? 6.286   2.151   -8.650  1.00 8.73   ? 109  VAL A O   1 
ATOM   855  C  CB  . VAL A 1 109 ? 7.158   4.836   -9.472  1.00 9.06   ? 109  VAL A CB  1 
ATOM   856  C  CG1 . VAL A 1 109 ? 5.825   5.537   -9.358  1.00 9.82   ? 109  VAL A CG1 1 
ATOM   857  C  CG2 . VAL A 1 109 ? 8.249   5.842   -9.888  1.00 9.76   ? 109  VAL A CG2 1 
ATOM   858  N  N   . ILE A 1 110 ? 5.956   3.043   -6.612  1.00 8.18   ? 110  ILE A N   1 
ATOM   859  C  CA  . ILE A 1 110 ? 5.084   1.962   -6.167  1.00 9.32   ? 110  ILE A CA  1 
ATOM   860  C  C   . ILE A 1 110 ? 3.644   2.457   -6.049  1.00 8.07   ? 110  ILE A C   1 
ATOM   861  O  O   . ILE A 1 110 ? 3.374   3.387   -5.298  1.00 8.44   ? 110  ILE A O   1 
ATOM   862  C  CB  . ILE A 1 110 ? 5.589   1.355   -4.839  1.00 9.13   ? 110  ILE A CB  1 
ATOM   863  C  CG1 . ILE A 1 110 ? 7.059   0.896   -5.001  1.00 11.15  ? 110  ILE A CG1 1 
ATOM   864  C  CG2 . ILE A 1 110 ? 4.663   0.206   -4.385  1.00 10.49  ? 110  ILE A CG2 1 
ATOM   865  C  CD1 . ILE A 1 110 ? 7.621   0.000   -3.907  1.00 11.94  ? 110  ILE A CD1 1 
ATOM   866  N  N   . ARG A 1 111 ? 2.748   1.858   -6.832  1.00 7.49   ? 111  ARG A N   1 
ATOM   867  C  CA  . ARG A 1 111 ? 1.354   2.281   -6.877  1.00 7.24   ? 111  ARG A CA  1 
ATOM   868  C  C   . ARG A 1 111 ? 0.405   1.133   -6.548  1.00 7.21   ? 111  ARG A C   1 
ATOM   869  O  O   . ARG A 1 111 ? 0.590   -0.003  -7.006  1.00 7.37   ? 111  ARG A O   1 
ATOM   870  C  CB  . ARG A 1 111 ? 1.006   2.884   -8.253  1.00 7.45   ? 111  ARG A CB  1 
ATOM   871  C  CG  . ARG A 1 111 ? -0.422  3.436   -8.341  1.00 6.90   ? 111  ARG A CG  1 
ATOM   872  C  CD  . ARG A 1 111 ? -0.776  3.865   -9.744  1.00 7.67   ? 111  ARG A CD  1 
ATOM   873  N  NE  . ARG A 1 111 ? 0.024   5.001   -10.183 1.00 8.16   ? 111  ARG A NE  1 
ATOM   874  C  CZ  . ARG A 1 111 ? -0.230  5.695   -11.285 1.00 9.17   ? 111  ARG A CZ  1 
ATOM   875  N  NH1 . ARG A 1 111 ? -1.268  5.372   -12.054 1.00 9.65   ? 111  ARG A NH1 1 
ATOM   876  N  NH2 . ARG A 1 111 ? 0.553   6.720   -11.605 1.00 10.80  ? 111  ARG A NH2 1 
ATOM   877  N  N   . ALA A 1 112 ? -0.619  1.458   -5.760  1.00 6.83   ? 112  ALA A N   1 
ATOM   878  C  CA  . ALA A 1 112 ? -1.708  0.532   -5.437  1.00 6.65   ? 112  ALA A CA  1 
ATOM   879  C  C   . ALA A 1 112 ? -3.010  1.137   -5.947  1.00 6.43   ? 112  ALA A C   1 
ATOM   880  O  O   . ALA A 1 112 ? -3.452  2.167   -5.443  1.00 6.45   ? 112  ALA A O   1 
ATOM   881  C  CB  . ALA A 1 112 ? -1.766  0.290   -3.941  1.00 7.22   ? 112  ALA A CB  1 
ATOM   882  N  N   . THR A 1 113 ? -3.607  0.484   -6.945  1.00 6.92   ? 113  THR A N   1 
ATOM   883  C  CA  . THR A 1 113 ? -4.779  1.002   -7.641  1.00 7.41   ? 113  THR A CA  1 
ATOM   884  C  C   . THR A 1 113 ? -6.000  0.156   -7.317  1.00 7.39   ? 113  THR A C   1 
ATOM   885  O  O   . THR A 1 113 ? -5.960  -1.073  -7.433  1.00 8.13   ? 113  THR A O   1 
ATOM   886  C  CB  . THR A 1 113 ? -4.548  0.995   -9.161  1.00 7.89   ? 113  THR A CB  1 
ATOM   887  O  OG1 . THR A 1 113 ? -3.405  1.798   -9.461  1.00 7.54   ? 113  THR A OG1 1 
ATOM   888  C  CG2 . THR A 1 113 ? -5.727  1.568   -9.920  1.00 7.81   ? 113  THR A CG2 1 
ATOM   889  N  N   . ALA A 1 114 ? -7.089  0.813   -6.933  1.00 7.62   ? 114  ALA A N   1 
ATOM   890  C  CA  . ALA A 1 114 ? -8.332  0.110   -6.603  1.00 7.37   ? 114  ALA A CA  1 
ATOM   891  C  C   . ALA A 1 114 ? -8.950  -0.511  -7.844  1.00 7.68   ? 114  ALA A C   1 
ATOM   892  O  O   . ALA A 1 114 ? -9.109  0.159   -8.871  1.00 7.96   ? 114  ALA A O   1 
ATOM   893  C  CB  . ALA A 1 114 ? -9.306  1.060   -5.951  1.00 8.40   ? 114  ALA A CB  1 
ATOM   894  N  N   . ILE A 1 115 ? -9.292  -1.798  -7.739  1.00 7.94   ? 115  ILE A N   1 
ATOM   895  C  CA  . ILE A 1 115 ? -9.878  -2.543  -8.846  1.00 8.65   ? 115  ILE A CA  1 
ATOM   896  C  C   . ILE A 1 115 ? -11.406 -2.463  -8.880  1.00 8.28   ? 115  ILE A C   1 
ATOM   897  O  O   . ILE A 1 115 ? -11.992 -2.291  -9.954  1.00 9.13   ? 115  ILE A O   1 
ATOM   898  C  CB  . ILE A 1 115 ? -9.436  -4.020  -8.807  1.00 8.15   ? 115  ILE A CB  1 
ATOM   899  C  CG1 . ILE A 1 115 ? -7.937  -4.137  -9.106  1.00 8.37   ? 115  ILE A CG1 1 
ATOM   900  C  CG2 . ILE A 1 115 ? -10.224 -4.853  -9.812  1.00 10.34  ? 115  ILE A CG2 1 
ATOM   901  C  CD1 . ILE A 1 115 ? -7.336  -5.463  -8.711  1.00 9.55   ? 115  ILE A CD1 1 
ATOM   902  N  N   . ALA A 1 116 ? -12.042 -2.616  -7.722  1.00 8.12   ? 116  ALA A N   1 
ATOM   903  C  CA  . ALA A 1 116 ? -13.497 -2.771  -7.671  1.00 8.10   ? 116  ALA A CA  1 
ATOM   904  C  C   . ALA A 1 116 ? -14.196 -1.478  -7.280  1.00 8.30   ? 116  ALA A C   1 
ATOM   905  O  O   . ALA A 1 116 ? -13.549 -0.509  -6.883  1.00 8.20   ? 116  ALA A O   1 
ATOM   906  C  CB  . ALA A 1 116 ? -13.880 -3.940  -6.748  1.00 8.72   ? 116  ALA A CB  1 
ATOM   907  N  N   . SER A 1 117 ? -15.521 -1.480  -7.386  1.00 7.95   ? 117  SER A N   1 
ATOM   908  C  CA  . SER A 1 117 ? -16.299 -0.245  -7.355  1.00 8.03   ? 117  SER A CA  1 
ATOM   909  C  C   . SER A 1 117 ? -16.454 0.385   -5.980  1.00 8.75   ? 117  SER A C   1 
ATOM   910  O  O   . SER A 1 117 ? -16.889 1.534   -5.878  1.00 9.69   ? 117  SER A O   1 
ATOM   911  C  CB  . SER A 1 117 ? -17.677 -0.473  -7.988  1.00 8.07   ? 117  SER A CB  1 
ATOM   912  O  OG  . SER A 1 117 ? -17.526 -0.924  -9.317  1.00 8.12   ? 117  SER A OG  1 
ATOM   913  N  N   . ASP A 1 118 ? -16.113 -0.347  -4.924  1.00 8.75   ? 118  ASP A N   1 
ATOM   914  C  CA  . ASP A 1 118 ? -16.140 0.243   -3.589  1.00 9.61   ? 118  ASP A CA  1 
ATOM   915  C  C   . ASP A 1 118 ? -14.784 0.854   -3.229  1.00 9.21   ? 118  ASP A C   1 
ATOM   916  O  O   . ASP A 1 118 ? -14.606 1.344   -2.117  1.00 10.11  ? 118  ASP A O   1 
ATOM   917  C  CB  . ASP A 1 118 ? -16.563 -0.786  -2.535  1.00 10.15  ? 118  ASP A CB  1 
ATOM   918  C  CG  . ASP A 1 118 ? -17.354 -0.173  -1.386  1.00 13.54  ? 118  ASP A CG  1 
ATOM   919  O  OD1 . ASP A 1 118 ? -17.885 0.953   -1.528  1.00 16.53  ? 118  ASP A OD1 1 
ATOM   920  O  OD2 . ASP A 1 118 ? -17.447 -0.839  -0.337  1.00 15.49  ? 118  ASP A OD2 1 
ATOM   921  N  N   . GLY A 1 119 ? -13.849 0.854   -4.177  1.00 8.95   ? 119  GLY A N   1 
ATOM   922  C  CA  . GLY A 1 119 ? -12.533 1.464   -3.975  1.00 8.80   ? 119  GLY A CA  1 
ATOM   923  C  C   . GLY A 1 119 ? -11.563 0.604   -3.192  1.00 8.98   ? 119  GLY A C   1 
ATOM   924  O  O   . GLY A 1 119 ? -11.774 -0.603  -3.019  1.00 10.12  ? 119  GLY A O   1 
ATOM   925  N  N   . GLY A 1 120 ? -10.480 1.230   -2.736  1.00 7.93   ? 120  GLY A N   1 
ATOM   926  C  CA  . GLY A 1 120 ? -9.450  0.520   -1.993  1.00 7.50   ? 120  GLY A CA  1 
ATOM   927  C  C   . GLY A 1 120 ? -9.723  0.554   -0.503  1.00 7.12   ? 120  GLY A C   1 
ATOM   928  O  O   . GLY A 1 120 ? -10.606 1.293   -0.051  1.00 7.32   ? 120  GLY A O   1 
ATOM   929  N  N   . PRO A 1 121 ? -8.952  -0.223  0.273   1.00 6.87   ? 121  PRO A N   1 
ATOM   930  C  CA  . PRO A 1 121 ? -9.051  -0.159  1.725   1.00 6.95   ? 121  PRO A CA  1 
ATOM   931  C  C   . PRO A 1 121 ? -8.533  1.197   2.197   1.00 6.81   ? 121  PRO A C   1 
ATOM   932  O  O   . PRO A 1 121 ? -7.864  1.914   1.440   1.00 7.27   ? 121  PRO A O   1 
ATOM   933  C  CB  . PRO A 1 121 ? -8.081  -1.253  2.184   1.00 7.28   ? 121  PRO A CB  1 
ATOM   934  C  CG  . PRO A 1 121 ? -7.045  -1.295  1.109   1.00 7.47   ? 121  PRO A CG  1 
ATOM   935  C  CD  . PRO A 1 121 ? -7.858  -1.116  -0.155  1.00 7.41   ? 121  PRO A CD  1 
ATOM   936  N  N   . ASN A 1 122 ? -8.825  1.546   3.442   1.00 6.54   ? 122  ASN A N   1 
ATOM   937  C  CA  . ASN A 1 122 ? -8.131  2.679   4.052   1.00 6.80   ? 122  ASN A CA  1 
ATOM   938  C  C   . ASN A 1 122 ? -6.696  2.264   4.321   1.00 6.81   ? 122  ASN A C   1 
ATOM   939  O  O   . ASN A 1 122 ? -6.449  1.154   4.803   1.00 7.24   ? 122  ASN A O   1 
ATOM   940  C  CB  . ASN A 1 122 ? -8.809  3.113   5.340   1.00 6.76   ? 122  ASN A CB  1 
ATOM   941  C  CG  . ASN A 1 122 ? -10.128 3.813   5.098   1.00 7.20   ? 122  ASN A CG  1 
ATOM   942  O  OD1 . ASN A 1 122 ? -10.450 4.210   3.977   1.00 8.95   ? 122  ASN A OD1 1 
ATOM   943  N  ND2 . ASN A 1 122 ? -10.911 3.980   6.169   1.00 9.37   ? 122  ASN A ND2 1 
ATOM   944  N  N   . VAL A 1 123 ? -5.742  3.132   3.988   1.00 6.47   ? 123  VAL A N   1 
ATOM   945  C  CA  . VAL A 1 123 ? -4.317  2.771   4.063   1.00 7.02   ? 123  VAL A CA  1 
ATOM   946  C  C   . VAL A 1 123 ? -3.550  3.757   4.942   1.00 6.83   ? 123  VAL A C   1 
ATOM   947  O  O   . VAL A 1 123 ? -3.520  4.976   4.679   1.00 6.99   ? 123  VAL A O   1 
ATOM   948  C  CB  . VAL A 1 123 ? -3.657  2.677   2.664   1.00 6.97   ? 123  VAL A CB  1 
ATOM   949  C  CG1 . VAL A 1 123 ? -2.182  2.363   2.798   1.00 7.18   ? 123  VAL A CG1 1 
ATOM   950  C  CG2 . VAL A 1 123 ? -4.347  1.596   1.811   1.00 7.78   ? 123  VAL A CG2 1 
ATOM   951  N  N   . ASP A 1 124 ? -2.945  3.222   5.995   1.00 7.42   ? 124  ASP A N   1 
ATOM   952  C  CA  . ASP A 1 124 ? -2.228  4.013   6.982   1.00 7.50   ? 124  ASP A CA  1 
ATOM   953  C  C   . ASP A 1 124 ? -0.831  4.400   6.495   1.00 7.89   ? 124  ASP A C   1 
ATOM   954  O  O   . ASP A 1 124 ? -0.407  5.561   6.627   1.00 7.43   ? 124  ASP A O   1 
ATOM   955  C  CB  . ASP A 1 124 ? -2.123  3.185   8.269   1.00 7.23   ? 124  ASP A CB  1 
ATOM   956  C  CG  . ASP A 1 124 ? -1.556  3.961   9.429   1.00 9.28   ? 124  ASP A CG  1 
ATOM   957  O  OD1 . ASP A 1 124 ? -1.702  5.198   9.463   1.00 8.22   ? 124  ASP A OD1 1 
ATOM   958  O  OD2 . ASP A 1 124 ? -0.988  3.313   10.335  1.00 9.69   ? 124  ASP A OD2 1 
ATOM   959  N  N   . TYR A 1 125 ? -0.117  3.418   5.954   1.00 8.27   ? 125  TYR A N   1 
ATOM   960  C  CA  . TYR A 1 125 ? 1.246   3.596   5.466   1.00 8.36   ? 125  TYR A CA  1 
ATOM   961  C  C   . TYR A 1 125 ? 1.689   2.397   4.655   1.00 8.28   ? 125  TYR A C   1 
ATOM   962  O  O   . TYR A 1 125 ? 1.008   1.362   4.631   1.00 8.22   ? 125  TYR A O   1 
ATOM   963  C  CB  . TYR A 1 125 ? 2.233   3.838   6.621   1.00 9.30   ? 125  TYR A CB  1 
ATOM   964  C  CG  . TYR A 1 125 ? 2.373   2.741   7.660   1.00 9.65   ? 125  TYR A CG  1 
ATOM   965  C  CD1 . TYR A 1 125 ? 2.925   1.497   7.336   1.00 8.98   ? 125  TYR A CD1 1 
ATOM   966  C  CD2 . TYR A 1 125 ? 2.036   2.980   8.985   1.00 10.25  ? 125  TYR A CD2 1 
ATOM   967  C  CE1 . TYR A 1 125 ? 3.088   0.504   8.303   1.00 9.53   ? 125  TYR A CE1 1 
ATOM   968  C  CE2 . TYR A 1 125 ? 2.202   2.002   9.956   1.00 10.56  ? 125  TYR A CE2 1 
ATOM   969  C  CZ  . TYR A 1 125 ? 2.727   0.767   9.605   1.00 10.24  ? 125  TYR A CZ  1 
ATOM   970  O  OH  . TYR A 1 125 ? 2.898   -0.218  10.555  1.00 12.41  ? 125  TYR A OH  1 
ATOM   971  N  N   . LEU A 1 126 ? 2.832   2.556   3.996   1.00 8.52   ? 126  LEU A N   1 
ATOM   972  C  CA  . LEU A 1 126 ? 3.548   1.468   3.363   1.00 9.21   ? 126  LEU A CA  1 
ATOM   973  C  C   . LEU A 1 126 ? 4.872   1.330   4.098   1.00 9.56   ? 126  LEU A C   1 
ATOM   974  O  O   . LEU A 1 126 ? 5.604   2.302   4.245   1.00 9.54   ? 126  LEU A O   1 
ATOM   975  C  CB  . LEU A 1 126 ? 3.792   1.783   1.885   1.00 8.98   ? 126  LEU A CB  1 
ATOM   976  C  CG  . LEU A 1 126 ? 4.754   0.869   1.121   1.00 10.48  ? 126  LEU A CG  1 
ATOM   977  C  CD1 . LEU A 1 126 ? 4.195   -0.537  0.964   1.00 12.76  ? 126  LEU A CD1 1 
ATOM   978  C  CD2 . LEU A 1 126 ? 5.094   1.468   -0.235  1.00 10.92  ? 126  LEU A CD2 1 
ATOM   979  N  N   . LYS A 1 127 ? 5.163   0.122   4.560   1.00 9.47   ? 127  LYS A N   1 
ATOM   980  C  CA  . LYS A 1 127 ? 6.404   -0.191  5.257   1.00 10.26  ? 127  LYS A CA  1 
ATOM   981  C  C   . LYS A 1 127 ? 7.265   -1.026  4.324   1.00 9.90   ? 127  LYS A C   1 
ATOM   982  O  O   . LYS A 1 127 ? 6.794   -2.009  3.752   1.00 10.00  ? 127  LYS A O   1 
ATOM   983  C  CB  . LYS A 1 127 ? 6.071   -0.974  6.520   1.00 10.81  ? 127  LYS A CB  1 
ATOM   984  C  CG  . LYS A 1 127 ? 7.271   -1.476  7.323   1.00 13.05  ? 127  LYS A CG  1 
ATOM   985  C  CD  . LYS A 1 127 ? 6.774   -2.308  8.507   1.00 17.35  ? 127  LYS A CD  1 
ATOM   986  C  CE  . LYS A 1 127 ? 7.897   -2.794  9.395   1.00 21.01  ? 127  LYS A CE  1 
ATOM   987  N  NZ  . LYS A 1 127 ? 7.341   -3.509  10.577  1.00 23.26  ? 127  LYS A NZ  1 
ATOM   988  N  N   . VAL A 1 128 ? 8.530   -0.637  4.174   1.00 9.74   ? 128  VAL A N   1 
ATOM   989  C  CA  . VAL A 1 128 ? 9.433   -1.276  3.222   1.00 10.09  ? 128  VAL A CA  1 
ATOM   990  C  C   . VAL A 1 128 ? 10.695  -1.699  3.954   1.00 10.64  ? 128  VAL A C   1 
ATOM   991  O  O   . VAL A 1 128 ? 11.306  -0.909  4.675   1.00 10.56  ? 128  VAL A O   1 
ATOM   992  C  CB  . VAL A 1 128 ? 9.784   -0.326  2.032   1.00 9.68   ? 128  VAL A CB  1 
ATOM   993  C  CG1 . VAL A 1 128 ? 10.702  -0.989  1.001   1.00 11.17  ? 128  VAL A CG1 1 
ATOM   994  C  CG2 . VAL A 1 128 ? 8.504   0.161   1.353   1.00 10.28  ? 128  VAL A CG2 1 
ATOM   995  N  N   . PHE A 1 129 ? 11.077  -2.957  3.767   1.00 11.70  ? 129  PHE A N   1 
ATOM   996  C  CA  . PHE A 1 129 ? 12.335  -3.442  4.326   1.00 12.60  ? 129  PHE A CA  1 
ATOM   997  C  C   . PHE A 1 129 ? 12.932  -4.516  3.443   1.00 12.87  ? 129  PHE A C   1 
ATOM   998  O  O   . PHE A 1 129 ? 12.237  -5.153  2.648   1.00 11.63  ? 129  PHE A O   1 
ATOM   999  C  CB  . PHE A 1 129 ? 12.195  -3.893  5.794   1.00 13.31  ? 129  PHE A CB  1 
ATOM   1000 C  CG  . PHE A 1 129 ? 11.158  -4.958  6.032   1.00 14.49  ? 129  PHE A CG  1 
ATOM   1001 C  CD1 . PHE A 1 129 ? 9.840   -4.619  6.316   1.00 14.94  ? 129  PHE A CD1 1 
ATOM   1002 C  CD2 . PHE A 1 129 ? 11.512  -6.306  6.024   1.00 15.08  ? 129  PHE A CD2 1 
ATOM   1003 C  CE1 . PHE A 1 129 ? 8.884   -5.608  6.555   1.00 17.03  ? 129  PHE A CE1 1 
ATOM   1004 C  CE2 . PHE A 1 129 ? 10.563  -7.298  6.254   1.00 16.45  ? 129  PHE A CE2 1 
ATOM   1005 C  CZ  . PHE A 1 129 ? 9.250   -6.945  6.529   1.00 15.75  ? 129  PHE A CZ  1 
ATOM   1006 N  N   . SER A 1 130 ? 14.242  -4.695  3.565   1.00 13.75  ? 130  SER A N   1 
ATOM   1007 C  CA  . SER A 1 130 ? 14.959  -5.673  2.777   1.00 14.85  ? 130  SER A CA  1 
ATOM   1008 C  C   . SER A 1 130 ? 14.504  -7.074  3.167   1.00 14.49  ? 130  SER A C   1 
ATOM   1009 O  O   . SER A 1 130 ? 14.327  -7.366  4.344   1.00 14.74  ? 130  SER A O   1 
ATOM   1010 C  CB  . SER A 1 130 ? 16.459  -5.507  3.004   1.00 15.28  ? 130  SER A CB  1 
ATOM   1011 O  OG  . SER A 1 130 ? 17.206  -6.457  2.269   1.00 18.76  ? 130  SER A OG  1 
ATOM   1012 N  N   . ALA A 1 131 ? 14.280  -7.918  2.165   1.00 14.50  ? 131  ALA A N   1 
ATOM   1013 C  CA  . ALA A 1 131 ? 13.839  -9.287  2.403   1.00 14.66  ? 131  ALA A CA  1 
ATOM   1014 C  C   . ALA A 1 131 ? 14.541  -10.200 1.412   1.00 14.70  ? 131  ALA A C   1 
ATOM   1015 O  O   . ALA A 1 131 ? 13.904  -10.937 0.646   1.00 14.32  ? 131  ALA A O   1 
ATOM   1016 C  CB  . ALA A 1 131 ? 12.315  -9.384  2.278   1.00 14.56  ? 131  ALA A CB  1 
ATOM   1017 N  N   . ASN A 1 132 ? 15.871  -10.147 1.425   1.00 15.66  ? 132  ASN A N   1 
ATOM   1018 C  CA  . ASN A 1 132 ? 16.646  -10.903 0.447   1.00 16.25  ? 132  ASN A CA  1 
ATOM   1019 C  C   . ASN A 1 132 ? 16.484  -12.414 0.563   1.00 15.82  ? 132  ASN A C   1 
ATOM   1020 O  O   . ASN A 1 132 ? 16.696  -13.121 -0.416  1.00 16.20  ? 132  ASN A O   1 
ATOM   1021 C  CB  . ASN A 1 132 ? 18.122  -10.497 0.441   1.00 17.54  ? 132  ASN A CB  1 
ATOM   1022 C  CG  . ASN A 1 132 ? 18.352  -9.162  -0.250  1.00 19.60  ? 132  ASN A CG  1 
ATOM   1023 O  OD1 . ASN A 1 132 ? 18.917  -8.245  0.338   1.00 24.93  ? 132  ASN A OD1 1 
ATOM   1024 N  ND2 . ASN A 1 132 ? 17.897  -9.043  -1.498  1.00 21.66  ? 132  ASN A ND2 1 
ATOM   1025 N  N   . ALA A 1 133 ? 16.061  -12.892 1.735   1.00 14.98  ? 133  ALA A N   1 
ATOM   1026 C  CA  . ALA A 1 133 ? 15.778  -14.317 1.918   1.00 14.70  ? 133  ALA A CA  1 
ATOM   1027 C  C   . ALA A 1 133 ? 14.616  -14.786 1.044   1.00 14.78  ? 133  ALA A C   1 
ATOM   1028 O  O   . ALA A 1 133 ? 14.526  -15.960 0.693   1.00 13.75  ? 133  ALA A O   1 
ATOM   1029 C  CB  . ALA A 1 133 ? 15.497  -14.623 3.382   1.00 14.55  ? 133  ALA A CB  1 
ATOM   1030 N  N   . PHE A 1 134 ? 13.723  -13.865 0.695   1.00 15.62  ? 134  PHE A N   1 
ATOM   1031 C  CA  . PHE A 1 134 ? 12.563  -14.207 -0.116  1.00 17.13  ? 134  PHE A CA  1 
ATOM   1032 C  C   . PHE A 1 134 ? 12.797  -13.801 -1.572  1.00 18.93  ? 134  PHE A C   1 
ATOM   1033 O  O   . PHE A 1 134 ? 13.601  -12.908 -1.852  1.00 20.52  ? 134  PHE A O   1 
ATOM   1034 C  CB  . PHE A 1 134 ? 11.290  -13.606 0.504   1.00 16.33  ? 134  PHE A CB  1 
ATOM   1035 C  CG  . PHE A 1 134 ? 10.956  -14.191 1.851   1.00 14.98  ? 134  PHE A CG  1 
ATOM   1036 C  CD1 . PHE A 1 134 ? 10.039  -15.236 1.973   1.00 13.84  ? 134  PHE A CD1 1 
ATOM   1037 C  CD2 . PHE A 1 134 ? 11.599  -13.737 2.997   1.00 14.03  ? 134  PHE A CD2 1 
ATOM   1038 C  CE1 . PHE A 1 134 ? 9.751   -15.787 3.216   1.00 14.12  ? 134  PHE A CE1 1 
ATOM   1039 C  CE2 . PHE A 1 134 ? 11.316  -14.284 4.244   1.00 13.20  ? 134  PHE A CE2 1 
ATOM   1040 C  CZ  . PHE A 1 134 ? 10.396  -15.320 4.353   1.00 14.50  ? 134  PHE A CZ  1 
ATOM   1041 N  N   . GLN A 1 135 ? 12.145  -14.486 -2.504  1.00 21.36  ? 135  GLN A N   1 
ATOM   1042 C  CA  . GLN A 1 135 ? 12.379  -14.217 -3.922  1.00 23.13  ? 135  GLN A CA  1 
ATOM   1043 C  C   . GLN A 1 135 ? 11.083  -14.171 -4.729  1.00 24.34  ? 135  GLN A C   1 
ATOM   1044 O  O   . GLN A 1 135 ? 10.363  -15.175 -4.812  1.00 24.84  ? 135  GLN A O   1 
ATOM   1045 C  CB  . GLN A 1 135 ? 13.356  -15.226 -4.512  1.00 23.44  ? 135  GLN A CB  1 
ATOM   1046 N  N   . PRO A 1 136 ? 10.790  -13.005 -5.333  1.00 25.12  ? 136  PRO A N   1 
ATOM   1047 C  CA  . PRO A 1 136 ? 9.583   -12.804 -6.134  1.00 25.69  ? 136  PRO A CA  1 
ATOM   1048 C  C   . PRO A 1 136 ? 9.652   -13.560 -7.458  1.00 26.06  ? 136  PRO A C   1 
ATOM   1049 O  O   . PRO A 1 136 ? 10.738  -13.969 -7.882  1.00 26.58  ? 136  PRO A O   1 
ATOM   1050 C  CB  . PRO A 1 136 ? 9.573   -11.289 -6.396  1.00 25.69  ? 136  PRO A CB  1 
ATOM   1051 C  CG  . PRO A 1 136 ? 10.655  -10.709 -5.530  1.00 25.58  ? 136  PRO A CG  1 
ATOM   1052 C  CD  . PRO A 1 136 ? 11.632  -11.798 -5.302  1.00 25.36  ? 136  PRO A CD  1 
HETATM 1053 C  C1  . GTR B 2 .   ? -19.468 8.491   5.315   1.00 30.71  ? 1    GTR B C1  1 
HETATM 1054 C  C2  . GTR B 2 .   ? -18.531 7.994   4.210   1.00 30.01  ? 1    GTR B C2  1 
HETATM 1055 C  C3  . GTR B 2 .   ? -18.723 6.494   3.968   1.00 28.40  ? 1    GTR B C3  1 
HETATM 1056 C  C4  . GTR B 2 .   ? -18.599 5.709   5.276   1.00 27.47  ? 1    GTR B C4  1 
HETATM 1057 C  C5  . GTR B 2 .   ? -19.596 6.277   6.295   1.00 29.45  ? 1    GTR B C5  1 
HETATM 1058 C  C6  . GTR B 2 .   ? -19.521 5.555   7.614   1.00 30.39  ? 1    GTR B C6  1 
HETATM 1059 O  O1  . GTR B 2 .   ? -20.828 8.482   4.852   1.00 31.86  ? 1    GTR B O1  1 
HETATM 1060 O  O2  . GTR B 2 .   ? -18.770 8.725   3.004   1.00 31.48  ? 1    GTR B O2  1 
HETATM 1061 O  O3  . GTR B 2 .   ? -17.780 6.026   2.996   1.00 27.50  ? 1    GTR B O3  1 
HETATM 1062 O  O4  . GTR B 2 .   ? -17.263 5.824   5.776   1.00 23.30  ? 1    GTR B O4  1 
HETATM 1063 O  O5  . GTR B 2 .   ? -19.335 7.676   6.489   1.00 30.59  ? 1    GTR B O5  1 
HETATM 1064 O  O6A . GTR B 2 .   ? -19.298 6.220   8.652   1.00 31.76  ? 1    GTR B O6A 1 
HETATM 1065 O  O6B . GTR B 2 .   ? -19.683 4.315   7.640   1.00 31.45  ? 1    GTR B O6B 1 
HETATM 1066 O  O6A . AQA B 2 .   ? -16.253 2.662   2.590   1.00 15.19  ? 2    AQA B O6A 1 
HETATM 1067 C  C6  . AQA B 2 .   ? -15.248 3.334   2.956   1.00 16.56  ? 2    AQA B C6  1 
HETATM 1068 O  O6B . AQA B 2 .   ? -14.212 3.434   2.250   1.00 16.51  ? 2    AQA B O6B 1 
HETATM 1069 C  C5  . AQA B 2 .   ? -15.284 3.955   4.136   1.00 16.81  ? 2    AQA B C5  1 
HETATM 1070 O  O5  . AQA B 2 .   ? -16.494 3.782   4.929   1.00 18.59  ? 2    AQA B O5  1 
HETATM 1071 C  C4  . AQA B 2 .   ? -14.233 4.682   4.581   1.00 17.67  ? 2    AQA B C4  1 
HETATM 1072 C  C3  . AQA B 2 .   ? -14.377 5.559   5.809   1.00 18.65  ? 2    AQA B C3  1 
HETATM 1073 O  O3  . AQA B 2 .   ? -13.109 5.809   6.431   1.00 17.80  ? 2    AQA B O3  1 
HETATM 1074 C  C2  . AQA B 2 .   ? -15.306 4.846   6.783   1.00 19.05  ? 2    AQA B C2  1 
HETATM 1075 O  O2  . AQA B 2 .   ? -15.511 5.627   7.961   1.00 18.01  ? 2    AQA B O2  1 
HETATM 1076 C  C1  . AQA B 2 .   ? -16.648 4.577   6.111   1.00 19.93  ? 2    AQA B C1  1 
HETATM 1077 CA CA  . CA  C 3 .   ? -13.039 4.671   0.773   1.00 13.23  ? 1137 CA  A CA  1 
HETATM 1078 O  O   . HOH D 4 .   ? -20.011 5.698   -0.421  1.00 39.40  ? 2001 HOH A O   1 
HETATM 1079 O  O   . HOH D 4 .   ? 18.282  -4.140  5.632   1.00 39.28  ? 2002 HOH A O   1 
HETATM 1080 O  O   . HOH D 4 .   ? 14.718  -0.823  5.571   1.00 34.35  ? 2003 HOH A O   1 
HETATM 1081 O  O   . HOH D 4 .   ? 18.730  2.269   9.180   1.00 43.26  ? 2004 HOH A O   1 
HETATM 1082 O  O   . HOH D 4 .   ? 16.516  2.786   6.949   1.00 38.26  ? 2005 HOH A O   1 
HETATM 1083 O  O   . HOH D 4 .   ? 17.005  2.264   4.193   1.00 25.50  ? 2006 HOH A O   1 
HETATM 1084 O  O   . HOH D 4 .   ? 16.238  -0.226  3.450   1.00 26.67  ? 2007 HOH A O   1 
HETATM 1085 O  O   . HOH D 4 .   ? 19.662  2.816   4.081   1.00 41.08  ? 2008 HOH A O   1 
HETATM 1086 O  O   . HOH D 4 .   ? 14.792  6.515   5.622   1.00 67.09  ? 2009 HOH A O   1 
HETATM 1087 O  O   . HOH D 4 .   ? 13.399  4.050   9.119   1.00 44.79  ? 2010 HOH A O   1 
HETATM 1088 O  O   . HOH D 4 .   ? 10.920  1.499   11.282  1.00 40.08  ? 2011 HOH A O   1 
HETATM 1089 O  O   . HOH D 4 .   ? 15.052  6.307   2.912   1.00 29.27  ? 2012 HOH A O   1 
HETATM 1090 O  O   . HOH D 4 .   ? -2.424  13.425  -12.248 0.50 18.03  ? 2013 HOH A O   1 
HETATM 1091 O  O   . HOH D 4 .   ? 5.097   8.861   12.368  1.00 32.84  ? 2014 HOH A O   1 
HETATM 1092 O  O   . HOH D 4 .   ? 9.820   7.496   4.459   1.00 36.99  ? 2015 HOH A O   1 
HETATM 1093 O  O   . HOH D 4 .   ? 7.582   7.533   8.672   1.00 28.45  ? 2016 HOH A O   1 
HETATM 1094 O  O   . HOH D 4 .   ? 10.679  5.356   8.688   1.00 19.71  ? 2017 HOH A O   1 
HETATM 1095 O  O   . HOH D 4 .   ? -1.698  14.390  -0.704  1.00 17.76  ? 2018 HOH A O   1 
HETATM 1096 O  O   . HOH D 4 .   ? 13.146  2.452   1.657   1.00 13.01  ? 2019 HOH A O   1 
HETATM 1097 O  O   . HOH D 4 .   ? 12.840  6.932   1.652   1.00 29.64  ? 2020 HOH A O   1 
HETATM 1098 O  O   . HOH D 4 .   ? -0.720  12.847  -9.706  1.00 23.42  ? 2021 HOH A O   1 
HETATM 1099 O  O   . HOH D 4 .   ? -5.653  14.329  -8.919  1.00 31.73  ? 2022 HOH A O   1 
HETATM 1100 O  O   . HOH D 4 .   ? -2.837  17.547  -5.558  1.00 42.33  ? 2023 HOH A O   1 
HETATM 1101 O  O   . HOH D 4 .   ? -3.801  15.458  -1.928  1.00 15.65  ? 2024 HOH A O   1 
HETATM 1102 O  O   . HOH D 4 .   ? -1.178  15.504  -5.747  1.00 35.18  ? 2025 HOH A O   1 
HETATM 1103 O  O   . HOH D 4 .   ? -4.946  16.202  -6.553  1.00 40.39  ? 2026 HOH A O   1 
HETATM 1104 O  O   . HOH D 4 .   ? -6.729  14.749  -5.185  1.00 24.93  ? 2027 HOH A O   1 
HETATM 1105 O  O   . HOH D 4 .   ? 5.328   6.527   11.076  1.00 27.34  ? 2028 HOH A O   1 
HETATM 1106 O  O   . HOH D 4 .   ? -13.492 13.914  7.774   1.00 18.49  ? 2029 HOH A O   1 
HETATM 1107 O  O   . HOH D 4 .   ? 6.179   13.241  7.185   1.00 33.40  ? 2030 HOH A O   1 
HETATM 1108 O  O   . HOH D 4 .   ? 0.490   10.459  7.130   1.00 16.15  ? 2031 HOH A O   1 
HETATM 1109 O  O   . HOH D 4 .   ? 2.602   11.155  9.382   1.00 17.97  ? 2032 HOH A O   1 
HETATM 1110 O  O   . HOH D 4 .   ? 4.137   14.713  0.283   1.00 36.77  ? 2033 HOH A O   1 
HETATM 1111 O  O   . HOH D 4 .   ? 0.408   15.606  1.462   1.00 19.53  ? 2034 HOH A O   1 
HETATM 1112 O  O   . HOH D 4 .   ? -17.566 7.464   11.657  1.00 43.36  ? 2035 HOH A O   1 
HETATM 1113 O  O   . HOH D 4 .   ? -17.348 2.321   12.021  1.00 23.60  ? 2036 HOH A O   1 
HETATM 1114 O  O   . HOH D 4 .   ? -12.860 4.544   17.964  1.00 27.46  ? 2037 HOH A O   1 
HETATM 1115 O  O   . HOH D 4 .   ? -5.478  -13.545 8.774   1.00 74.64  ? 2038 HOH A O   1 
HETATM 1116 O  O   . HOH D 4 .   ? 4.644   15.898  4.154   1.00 28.72  ? 2039 HOH A O   1 
HETATM 1117 O  O   . HOH D 4 .   ? 6.067   12.941  -1.102  1.00 37.60  ? 2040 HOH A O   1 
HETATM 1118 O  O   . HOH D 4 .   ? 6.356   9.269   -1.982  1.00 16.91  ? 2041 HOH A O   1 
HETATM 1119 O  O   . HOH D 4 .   ? 6.686   9.205   4.803   1.00 22.98  ? 2042 HOH A O   1 
HETATM 1120 O  O   . HOH D 4 .   ? -0.046  1.641   16.604  1.00 45.63  ? 2043 HOH A O   1 
HETATM 1121 O  O   . HOH D 4 .   ? -0.795  12.071  0.187   1.00 11.52  ? 2044 HOH A O   1 
HETATM 1122 O  O   . HOH D 4 .   ? 0.655   14.533  -2.514  1.00 33.83  ? 2045 HOH A O   1 
HETATM 1123 O  O   . HOH D 4 .   ? -3.085  13.008  -8.205  1.00 23.36  ? 2046 HOH A O   1 
HETATM 1124 O  O   . HOH D 4 .   ? -1.400  13.715  -3.755  1.00 16.70  ? 2047 HOH A O   1 
HETATM 1125 O  O   . HOH D 4 .   ? -4.176  14.495  -4.578  1.00 18.35  ? 2048 HOH A O   1 
HETATM 1126 O  O   . HOH D 4 .   ? -10.699 7.715   -12.879 1.00 28.46  ? 2049 HOH A O   1 
HETATM 1127 O  O   . HOH D 4 .   ? -17.335 11.536  -9.912  1.00 49.07  ? 2050 HOH A O   1 
HETATM 1128 O  O   . HOH D 4 .   ? -16.030 12.216  -5.231  1.00 48.17  ? 2051 HOH A O   1 
HETATM 1129 O  O   . HOH D 4 .   ? -16.177 8.070   -11.849 1.00 67.19  ? 2052 HOH A O   1 
HETATM 1130 O  O   . HOH D 4 .   ? -16.805 5.440   -11.568 1.00 29.97  ? 2053 HOH A O   1 
HETATM 1131 O  O   . HOH D 4 .   ? -6.158  -14.807 12.967  1.00 68.44  ? 2054 HOH A O   1 
HETATM 1132 O  O   . HOH D 4 .   ? -10.930 6.710   -10.366 1.00 21.83  ? 2055 HOH A O   1 
HETATM 1133 O  O   . HOH D 4 .   ? -11.925 11.160  -11.906 1.00 34.20  ? 2056 HOH A O   1 
HETATM 1134 O  O   . HOH D 4 .   ? -7.701  13.186  -7.290  1.00 16.07  ? 2057 HOH A O   1 
HETATM 1135 O  O   . HOH D 4 .   ? -15.054 3.391   -13.923 1.00 24.13  ? 2058 HOH A O   1 
HETATM 1136 O  O   . HOH D 4 .   ? -5.230  7.374   -13.325 1.00 24.58  ? 2059 HOH A O   1 
HETATM 1137 O  O   . HOH D 4 .   ? -6.159  11.225  -14.461 1.00 37.30  ? 2060 HOH A O   1 
HETATM 1138 O  O   . HOH D 4 .   ? -7.795  14.288  -2.844  1.00 18.75  ? 2061 HOH A O   1 
HETATM 1139 O  O   . HOH D 4 .   ? 4.388   6.000   -12.976 1.00 16.63  ? 2062 HOH A O   1 
HETATM 1140 O  O   . HOH D 4 .   ? 10.230  11.641  -2.710  1.00 41.64  ? 2063 HOH A O   1 
HETATM 1141 O  O   . HOH D 4 .   ? 4.371   15.604  -4.941  1.00 42.61  ? 2064 HOH A O   1 
HETATM 1142 O  O   . HOH D 4 .   ? -10.132 14.758  5.302   1.00 13.26  ? 2065 HOH A O   1 
HETATM 1143 O  O   . HOH D 4 .   ? -13.555 12.395  5.403   1.00 19.72  ? 2066 HOH A O   1 
HETATM 1144 O  O   . HOH D 4 .   ? -14.868 9.499   5.565   1.00 26.69  ? 2067 HOH A O   1 
HETATM 1145 O  O   . HOH D 4 .   ? -9.762  9.196   14.919  1.00 20.49  ? 2068 HOH A O   1 
HETATM 1146 O  O   . HOH D 4 .   ? -10.271 12.430  14.220  1.00 12.44  ? 2069 HOH A O   1 
HETATM 1147 O  O   . HOH D 4 .   ? -10.553 13.858  8.039   1.00 10.82  ? 2070 HOH A O   1 
HETATM 1148 O  O   . HOH D 4 .   ? -13.133 11.123  14.011  1.00 21.42  ? 2071 HOH A O   1 
HETATM 1149 O  O   . HOH D 4 .   ? -14.630 5.379   13.749  1.00 19.82  ? 2072 HOH A O   1 
HETATM 1150 O  O   . HOH D 4 .   ? -16.346 4.692   10.532  1.00 22.51  ? 2073 HOH A O   1 
HETATM 1151 O  O   . HOH D 4 .   ? -7.069  -11.249 8.044   1.00 37.98  ? 2074 HOH A O   1 
HETATM 1152 O  O   . HOH D 4 .   ? -4.603  -10.859 6.939   1.00 38.14  ? 2075 HOH A O   1 
HETATM 1153 O  O   . HOH D 4 .   ? -12.789 6.066   15.542  1.00 16.96  ? 2076 HOH A O   1 
HETATM 1154 O  O   . HOH D 4 .   ? -6.179  7.070   16.711  1.00 23.82  ? 2077 HOH A O   1 
HETATM 1155 O  O   . HOH D 4 .   ? -3.646  7.989   15.889  1.00 28.49  ? 2078 HOH A O   1 
HETATM 1156 O  O   . HOH D 4 .   ? -4.012  13.202  13.142  1.00 10.35  ? 2079 HOH A O   1 
HETATM 1157 O  O   . HOH D 4 .   ? -7.586  11.790  15.406  1.00 26.94  ? 2080 HOH A O   1 
HETATM 1158 O  O   . HOH D 4 .   ? -2.225  4.153   16.539  1.00 27.51  ? 2081 HOH A O   1 
HETATM 1159 O  O   . HOH D 4 .   ? -19.890 -5.992  0.976   1.00 41.79  ? 2082 HOH A O   1 
HETATM 1160 O  O   . HOH D 4 .   ? -22.475 -6.379  4.785   1.00 49.70  ? 2083 HOH A O   1 
HETATM 1161 O  O   . HOH D 4 .   ? -21.537 -10.383 2.437   1.00 36.35  ? 2084 HOH A O   1 
HETATM 1162 O  O   . HOH D 4 .   ? -12.127 -12.437 2.300   1.00 32.33  ? 2085 HOH A O   1 
HETATM 1163 O  O   . HOH D 4 .   ? -9.014  -14.225 0.817   1.00 68.81  ? 2086 HOH A O   1 
HETATM 1164 O  O   . HOH D 4 .   ? 3.864   4.206   12.010  1.00 28.93  ? 2087 HOH A O   1 
HETATM 1165 O  O   . HOH D 4 .   ? 1.746   7.644   15.301  1.00 25.59  ? 2088 HOH A O   1 
HETATM 1166 O  O   . HOH D 4 .   ? 0.171   12.242  15.407  1.00 28.14  ? 2089 HOH A O   1 
HETATM 1167 O  O   . HOH D 4 .   ? -1.523  9.361   15.139  1.00 37.16  ? 2090 HOH A O   1 
HETATM 1168 O  O   . HOH D 4 .   ? -0.434  1.623   -13.824 1.00 32.18  ? 2091 HOH A O   1 
HETATM 1169 O  O   . HOH D 4 .   ? -2.521  -8.192  -15.441 1.00 29.54  ? 2092 HOH A O   1 
HETATM 1170 O  O   . HOH D 4 .   ? -0.733  7.111   8.618   1.00 2.98   ? 2093 HOH A O   1 
HETATM 1171 O  O   . HOH D 4 .   ? -0.096  9.487   9.047   1.00 500.00 ? 2094 HOH A O   1 
HETATM 1172 O  O   . HOH D 4 .   ? 0.215   -9.059  -15.361 1.00 33.56  ? 2095 HOH A O   1 
HETATM 1173 O  O   . HOH D 4 .   ? -15.496 8.045   2.664   1.00 34.94  ? 2096 HOH A O   1 
HETATM 1174 O  O   . HOH D 4 .   ? -5.625  -12.030 2.478   1.00 22.48  ? 2097 HOH A O   1 
HETATM 1175 O  O   . HOH D 4 .   ? -13.967 7.802   0.388   1.00 24.85  ? 2098 HOH A O   1 
HETATM 1176 O  O   . HOH D 4 .   ? -11.771 14.002  -6.199  1.00 34.71  ? 2099 HOH A O   1 
HETATM 1177 O  O   . HOH D 4 .   ? -11.445 14.714  -3.572  1.00 42.67  ? 2100 HOH A O   1 
HETATM 1178 O  O   . HOH D 4 .   ? -12.282 9.400   -0.575  1.00 12.75  ? 2101 HOH A O   1 
HETATM 1179 O  O   . HOH D 4 .   ? -13.930 -2.921  17.261  1.00 20.75  ? 2102 HOH A O   1 
HETATM 1180 O  O   . HOH D 4 .   ? -18.641 3.808   -8.126  1.00 22.65  ? 2103 HOH A O   1 
HETATM 1181 O  O   . HOH D 4 .   ? -16.409 8.303   -2.615  1.00 25.91  ? 2104 HOH A O   1 
HETATM 1182 O  O   . HOH D 4 .   ? -14.910 6.014   1.289   1.00 21.64  ? 2105 HOH A O   1 
HETATM 1183 O  O   . HOH D 4 .   ? -20.381 4.829   -5.173  1.00 25.94  ? 2106 HOH A O   1 
HETATM 1184 O  O   . HOH D 4 .   ? -5.778  -10.402 13.925  1.00 46.51  ? 2107 HOH A O   1 
HETATM 1185 O  O   . HOH D 4 .   ? -3.435  -11.040 9.438   1.00 37.63  ? 2108 HOH A O   1 
HETATM 1186 O  O   . HOH D 4 .   ? -6.195  -11.653 10.603  1.00 53.44  ? 2109 HOH A O   1 
HETATM 1187 O  O   . HOH D 4 .   ? -17.368 7.798   -9.431  1.00 33.09  ? 2110 HOH A O   1 
HETATM 1188 O  O   . HOH D 4 .   ? -16.783 8.272   -5.825  1.00 32.44  ? 2111 HOH A O   1 
HETATM 1189 O  O   . HOH D 4 .   ? -15.292 10.953  -8.209  1.00 38.90  ? 2112 HOH A O   1 
HETATM 1190 O  O   . HOH D 4 .   ? -10.801 4.288   -5.661  1.00 9.50   ? 2113 HOH A O   1 
HETATM 1191 O  O   . HOH D 4 .   ? -14.005 9.564   -11.214 1.00 33.78  ? 2114 HOH A O   1 
HETATM 1192 O  O   . HOH D 4 .   ? 5.087   -13.979 -0.348  1.00 65.75  ? 2115 HOH A O   1 
HETATM 1193 O  O   . HOH D 4 .   ? -14.071 5.384   -11.737 1.00 22.06  ? 2116 HOH A O   1 
HETATM 1194 O  O   . HOH D 4 .   ? -16.642 3.195   -10.031 1.00 14.54  ? 2117 HOH A O   1 
HETATM 1195 O  O   . HOH D 4 .   ? -6.051  4.606   -12.047 1.00 18.18  ? 2118 HOH A O   1 
HETATM 1196 O  O   . HOH D 4 .   ? -4.045  10.028  -12.723 1.00 22.70  ? 2119 HOH A O   1 
HETATM 1197 O  O   . HOH D 4 .   ? 0.893   5.944   -15.307 1.00 23.26  ? 2120 HOH A O   1 
HETATM 1198 O  O   . HOH D 4 .   ? -9.034  1.753   -13.524 1.00 27.42  ? 2121 HOH A O   1 
HETATM 1199 O  O   . HOH D 4 .   ? 6.028   9.182   -8.777  1.00 25.70  ? 2122 HOH A O   1 
HETATM 1200 O  O   . HOH D 4 .   ? 3.144   4.328   -11.208 1.00 11.90  ? 2123 HOH A O   1 
HETATM 1201 O  O   . HOH D 4 .   ? 7.107   13.075  -6.943  1.00 31.63  ? 2124 HOH A O   1 
HETATM 1202 O  O   . HOH D 4 .   ? 12.094  7.834   -1.076  1.00 25.58  ? 2125 HOH A O   1 
HETATM 1203 O  O   . HOH D 4 .   ? 7.653   11.746  -3.580  1.00 29.99  ? 2126 HOH A O   1 
HETATM 1204 O  O   . HOH D 4 .   ? 8.331   8.733   -0.511  1.00 27.51  ? 2127 HOH A O   1 
HETATM 1205 O  O   . HOH D 4 .   ? 16.026  7.107   -3.941  1.00 22.83  ? 2128 HOH A O   1 
HETATM 1206 O  O   . HOH D 4 .   ? 15.565  3.756   2.254   1.00 18.34  ? 2129 HOH A O   1 
HETATM 1207 O  O   . HOH D 4 .   ? 19.841  4.753   0.539   1.00 30.59  ? 2130 HOH A O   1 
HETATM 1208 O  O   . HOH D 4 .   ? 19.830  4.783   -3.290  1.00 29.69  ? 2131 HOH A O   1 
HETATM 1209 O  O   . HOH D 4 .   ? 14.074  -11.767 4.987   1.00 30.18  ? 2132 HOH A O   1 
HETATM 1210 O  O   . HOH D 4 .   ? 22.117  3.431   -2.878  1.00 48.04  ? 2133 HOH A O   1 
HETATM 1211 O  O   . HOH D 4 .   ? 19.243  -5.703  -1.717  1.00 25.05  ? 2134 HOH A O   1 
HETATM 1212 O  O   . HOH D 4 .   ? 23.286  -5.711  -2.305  1.00 68.83  ? 2135 HOH A O   1 
HETATM 1213 O  O   . HOH D 4 .   ? 22.408  -2.390  -6.032  1.00 25.19  ? 2136 HOH A O   1 
HETATM 1214 O  O   . HOH D 4 .   ? 22.143  -5.738  -5.119  1.00 32.19  ? 2137 HOH A O   1 
HETATM 1215 O  O   . HOH D 4 .   ? 19.841  -9.129  -4.645  1.00 49.71  ? 2138 HOH A O   1 
HETATM 1216 O  O   . HOH D 4 .   ? 19.359  -1.212  -10.131 1.00 36.63  ? 2139 HOH A O   1 
HETATM 1217 O  O   . HOH D 4 .   ? 21.948  -2.640  -9.175  1.00 50.83  ? 2140 HOH A O   1 
HETATM 1218 O  O   . HOH D 4 .   ? 19.072  -3.267  1.107   1.00 43.40  ? 2141 HOH A O   1 
HETATM 1219 O  O   . HOH D 4 .   ? -4.755  0.269   15.897  1.00 28.73  ? 2142 HOH A O   1 
HETATM 1220 O  O   . HOH D 4 .   ? -6.212  -8.776  7.346   1.00 22.69  ? 2143 HOH A O   1 
HETATM 1221 O  O   . HOH D 4 .   ? -19.070 -5.166  7.416   1.00 43.48  ? 2144 HOH A O   1 
HETATM 1222 O  O   . HOH D 4 .   ? -17.623 -1.996  10.155  1.00 20.72  ? 2145 HOH A O   1 
HETATM 1223 O  O   . HOH D 4 .   ? -15.835 -3.260  0.111   1.00 10.68  ? 2146 HOH A O   1 
HETATM 1224 O  O   . HOH D 4 .   ? -15.151 -11.188 4.835   1.00 27.58  ? 2147 HOH A O   1 
HETATM 1225 O  O   . HOH D 4 .   ? -19.471 -9.007  1.346   1.00 25.29  ? 2148 HOH A O   1 
HETATM 1226 O  O   . HOH D 4 .   ? -20.078 -4.646  4.287   1.00 29.28  ? 2149 HOH A O   1 
HETATM 1227 O  O   . HOH D 4 .   ? -14.958 -4.422  -2.261  1.00 8.67   ? 2150 HOH A O   1 
HETATM 1228 O  O   . HOH D 4 .   ? -10.625 -12.443 -0.473  1.00 34.24  ? 2151 HOH A O   1 
HETATM 1229 O  O   . HOH D 4 .   ? -10.959 -2.658  -5.003  1.00 9.50   ? 2152 HOH A O   1 
HETATM 1230 O  O   . HOH D 4 .   ? -4.235  1.120   -13.667 1.00 38.76  ? 2153 HOH A O   1 
HETATM 1231 O  O   . HOH D 4 .   ? -4.719  -4.235  -15.833 1.00 27.16  ? 2154 HOH A O   1 
HETATM 1232 O  O   . HOH D 4 .   ? -5.698  -6.153  -12.204 1.00 17.15  ? 2155 HOH A O   1 
HETATM 1233 O  O   . HOH D 4 .   ? -4.104  -6.294  -14.281 1.00 25.13  ? 2156 HOH A O   1 
HETATM 1234 O  O   . HOH D 4 .   ? -2.159  -0.042  -12.288 1.00 18.65  ? 2157 HOH A O   1 
HETATM 1235 O  O   . HOH D 4 .   ? 4.117   1.893   -10.460 1.00 9.16   ? 2158 HOH A O   1 
HETATM 1236 O  O   . HOH D 4 .   ? 9.062   -3.916  -11.452 1.00 28.04  ? 2159 HOH A O   1 
HETATM 1237 O  O   . HOH D 4 .   ? 11.091  -2.164  -12.374 1.00 41.64  ? 2160 HOH A O   1 
HETATM 1238 O  O   . HOH D 4 .   ? 0.743   -0.098  -15.570 1.00 31.02  ? 2161 HOH A O   1 
HETATM 1239 O  O   . HOH D 4 .   ? 5.687   -5.278  -17.279 1.00 29.48  ? 2162 HOH A O   1 
HETATM 1240 O  O   . HOH D 4 .   ? 5.899   -7.190  -14.090 1.00 33.39  ? 2163 HOH A O   1 
HETATM 1241 O  O   . HOH D 4 .   ? 1.583   -9.464  -13.040 1.00 34.16  ? 2164 HOH A O   1 
HETATM 1242 O  O   . HOH D 4 .   ? 3.100   -5.081  -16.423 1.00 19.91  ? 2165 HOH A O   1 
HETATM 1243 O  O   . HOH D 4 .   ? -5.083  -12.613 -5.989  1.00 36.67  ? 2166 HOH A O   1 
HETATM 1244 O  O   . HOH D 4 .   ? -3.115  -11.553 -8.774  1.00 23.51  ? 2167 HOH A O   1 
HETATM 1245 O  O   . HOH D 4 .   ? -2.932  -9.946  0.362   1.00 18.70  ? 2168 HOH A O   1 
HETATM 1246 O  O   . HOH D 4 .   ? -3.154  -11.066 -1.981  1.00 21.96  ? 2169 HOH A O   1 
HETATM 1247 O  O   . HOH D 4 .   ? -6.361  -13.490 0.378   1.00 30.78  ? 2170 HOH A O   1 
HETATM 1248 O  O   . HOH D 4 .   ? -8.085  -11.059 -5.751  1.00 13.30  ? 2171 HOH A O   1 
HETATM 1249 O  O   . HOH D 4 .   ? -5.741  -9.130  2.693   1.00 12.52  ? 2172 HOH A O   1 
HETATM 1250 O  O   . HOH D 4 .   ? -9.450  -13.534 -3.156  1.00 41.37  ? 2173 HOH A O   1 
HETATM 1251 O  O   . HOH D 4 .   ? -6.429  -14.089 -4.124  1.00 36.48  ? 2174 HOH A O   1 
HETATM 1252 O  O   . HOH D 4 .   ? -12.972 -9.750  2.914   1.00 14.75  ? 2175 HOH A O   1 
HETATM 1253 O  O   . HOH D 4 .   ? -15.761 -10.480 7.325   1.00 19.30  ? 2176 HOH A O   1 
HETATM 1254 O  O   . HOH D 4 .   ? -17.382 -8.368  8.031   1.00 21.03  ? 2177 HOH A O   1 
HETATM 1255 O  O   . HOH D 4 .   ? -11.385 -11.169 7.020   1.00 16.13  ? 2178 HOH A O   1 
HETATM 1256 O  O   . HOH D 4 .   ? -11.416 -7.847  13.488  0.50 35.73  ? 2179 HOH A O   1 
HETATM 1257 O  O   . HOH D 4 .   ? -9.211  -8.236  11.969  1.00 20.22  ? 2180 HOH A O   1 
HETATM 1258 O  O   . HOH D 4 .   ? -16.710 -5.790  8.659   1.00 37.71  ? 2181 HOH A O   1 
HETATM 1259 O  O   . HOH D 4 .   ? -12.123 -9.370  10.170  1.00 26.29  ? 2182 HOH A O   1 
HETATM 1260 O  O   . HOH D 4 .   ? -16.452 -0.257  11.859  1.00 16.17  ? 2183 HOH A O   1 
HETATM 1261 O  O   . HOH D 4 .   ? -18.847 0.908   6.379   1.00 25.06  ? 2184 HOH A O   1 
HETATM 1262 O  O   . HOH D 4 .   ? -9.920  3.156   8.799   1.00 9.42   ? 2185 HOH A O   1 
HETATM 1263 O  O   . HOH D 4 .   ? -11.538 -1.845  16.477  1.00 19.12  ? 2186 HOH A O   1 
HETATM 1264 O  O   . HOH D 4 .   ? -7.704  1.127   16.820  1.00 24.26  ? 2187 HOH A O   1 
HETATM 1265 O  O   . HOH D 4 .   ? -14.772 1.103   16.027  1.00 25.32  ? 2188 HOH A O   1 
HETATM 1266 O  O   . HOH D 4 .   ? -12.469 -5.581  14.344  1.00 20.42  ? 2189 HOH A O   1 
HETATM 1267 O  O   . HOH D 4 .   ? -2.671  -2.828  14.110  1.00 27.42  ? 2190 HOH A O   1 
HETATM 1268 O  O   . HOH D 4 .   ? -5.056  -5.492  14.265  1.00 37.66  ? 2191 HOH A O   1 
HETATM 1269 O  O   . HOH D 4 .   ? -5.781  -2.189  15.011  1.00 17.35  ? 2192 HOH A O   1 
HETATM 1270 O  O   . HOH D 4 .   ? -4.479  -9.774  11.611  1.00 72.71  ? 2193 HOH A O   1 
HETATM 1271 O  O   . HOH D 4 .   ? -6.797  -7.903  13.895  1.00 30.98  ? 2194 HOH A O   1 
HETATM 1272 O  O   . HOH D 4 .   ? -4.015  -9.279  4.808   1.00 16.84  ? 2195 HOH A O   1 
HETATM 1273 O  O   . HOH D 4 .   ? 0.333   -9.208  10.255  1.00 30.95  ? 2196 HOH A O   1 
HETATM 1274 O  O   . HOH D 4 .   ? -2.191  -8.357  10.049  1.00 23.41  ? 2197 HOH A O   1 
HETATM 1275 O  O   . HOH D 4 .   ? 2.253   -11.837 -0.684  1.00 25.12  ? 2198 HOH A O   1 
HETATM 1276 O  O   . HOH D 4 .   ? 4.709   -12.060 -2.215  1.00 19.60  ? 2199 HOH A O   1 
HETATM 1277 O  O   . HOH D 4 .   ? 6.757   -8.870  -6.806  1.00 27.23  ? 2200 HOH A O   1 
HETATM 1278 O  O   . HOH D 4 .   ? 8.961   -8.132  -8.315  1.00 20.54  ? 2201 HOH A O   1 
HETATM 1279 O  O   . HOH D 4 .   ? 17.881  -7.393  -8.127  1.00 43.19  ? 2202 HOH A O   1 
HETATM 1280 O  O   . HOH D 4 .   ? 16.274  -10.159 -6.306  1.00 61.11  ? 2203 HOH A O   1 
HETATM 1281 O  O   . HOH D 4 .   ? 9.252   -5.455  -9.007  1.00 22.79  ? 2204 HOH A O   1 
HETATM 1282 O  O   . HOH D 4 .   ? 16.070  2.864   -9.662  1.00 24.47  ? 2205 HOH A O   1 
HETATM 1283 O  O   . HOH D 4 .   ? 22.004  2.825   -9.334  1.00 54.04  ? 2206 HOH A O   1 
HETATM 1284 O  O   . HOH D 4 .   ? 13.943  2.310   -10.546 1.00 20.01  ? 2207 HOH A O   1 
HETATM 1285 O  O   . HOH D 4 .   ? 13.414  7.696   -3.584  1.00 18.57  ? 2208 HOH A O   1 
HETATM 1286 O  O   . HOH D 4 .   ? 1.656   3.794   -13.497 1.00 24.04  ? 2209 HOH A O   1 
HETATM 1287 O  O   . HOH D 4 .   ? 0.225   8.173   -14.063 1.00 18.70  ? 2210 HOH A O   1 
HETATM 1288 O  O   . HOH D 4 .   ? -2.833  6.625   -14.302 1.00 29.64  ? 2211 HOH A O   1 
HETATM 1289 O  O   . HOH D 4 .   ? -3.485  3.429   -11.840 1.00 11.13  ? 2212 HOH A O   1 
HETATM 1290 O  O   . HOH D 4 .   ? -1.203  0.182   -9.673  1.00 10.08  ? 2213 HOH A O   1 
HETATM 1291 O  O   . HOH D 4 .   ? -8.662  -0.278  -11.650 1.00 13.73  ? 2214 HOH A O   1 
HETATM 1292 O  O   . HOH D 4 .   ? -10.695 -2.151  -12.332 1.00 13.85  ? 2215 HOH A O   1 
HETATM 1293 O  O   . HOH D 4 .   ? -18.921 2.940   -5.859  1.00 13.27  ? 2216 HOH A O   1 
HETATM 1294 O  O   . HOH D 4 .   ? -17.768 1.007   -11.166 1.00 14.51  ? 2217 HOH A O   1 
HETATM 1295 O  O   . HOH D 4 .   ? -19.533 -1.032  -4.635  1.00 23.51  ? 2218 HOH A O   1 
HETATM 1296 O  O   . HOH D 4 .   ? -14.137 -2.264  -3.923  1.00 16.01  ? 2219 HOH A O   1 
HETATM 1297 O  O   . HOH D 4 .   ? -19.367 2.009   -3.699  1.00 24.01  ? 2220 HOH A O   1 
HETATM 1298 O  O   . HOH D 4 .   ? -12.808 3.013   -0.836  1.00 9.87   ? 2221 HOH A O   1 
HETATM 1299 O  O   . HOH D 4 .   ? -10.755 3.654   1.347   1.00 8.79   ? 2222 HOH A O   1 
HETATM 1300 O  O   . HOH D 4 .   ? 2.438   0.530   13.133  1.00 28.27  ? 2223 HOH A O   1 
HETATM 1301 O  O   . HOH D 4 .   ? 8.947   -0.441  11.638  1.00 35.11  ? 2224 HOH A O   1 
HETATM 1302 O  O   . HOH D 4 .   ? 13.425  0.080   3.063   1.00 15.34  ? 2225 HOH A O   1 
HETATM 1303 O  O   . HOH D 4 .   ? 17.061  -6.353  -0.415  1.00 22.24  ? 2226 HOH A O   1 
HETATM 1304 O  O   . HOH D 4 .   ? 15.781  -3.216  5.531   1.00 29.66  ? 2227 HOH A O   1 
HETATM 1305 O  O   . HOH D 4 .   ? 20.108  -5.547  2.186   1.00 39.36  ? 2228 HOH A O   1 
HETATM 1306 O  O   . HOH D 4 .   ? 17.370  -8.770  3.646   1.00 25.04  ? 2229 HOH A O   1 
HETATM 1307 O  O   . HOH D 4 .   ? 17.115  -10.423 -3.741  1.00 58.37  ? 2230 HOH A O   1 
HETATM 1308 O  O   . HOH D 4 .   ? 16.401  -16.177 -1.367  1.00 27.63  ? 2231 HOH A O   1 
HETATM 1309 O  O   . HOH D 4 .   ? 16.399  -11.406 4.163   1.00 25.73  ? 2232 HOH A O   1 
HETATM 1310 O  O   . HOH D 4 .   ? 9.529   -17.611 -4.964  1.00 37.65  ? 2233 HOH A O   1 
HETATM 1311 O  O   . HOH D 4 .   ? 9.095   -12.163 -10.299 1.00 52.80  ? 2234 HOH A O   1 
HETATM 1312 O  O   . HOH D 4 .   ? 10.260  -17.080 -10.191 1.00 45.59  ? 2235 HOH A O   1 
HETATM 1313 O  O   . HOH D 4 .   ? -19.035 4.017   1.831   1.00 30.44  ? 2236 HOH A O   1 
HETATM 1314 O  O   . HOH D 4 .   ? -18.502 1.675   3.728   1.00 22.20  ? 2237 HOH A O   1 
HETATM 1315 O  O   . HOH D 4 .   ? -16.509 8.095   7.650   1.00 23.22  ? 2238 HOH A O   1 
# 
